data_7AHH
#
_entry.id   7AHH
#
_cell.length_a   1.00
_cell.length_b   1.00
_cell.length_c   1.00
_cell.angle_alpha   90.00
_cell.angle_beta   90.00
_cell.angle_gamma   90.00
#
_symmetry.space_group_name_H-M   'P 1'
#
loop_
_entity.id
_entity.type
_entity.pdbx_description
1 polymer 'ABC transporter permease subunit'
2 polymer 'ABC-type proline/glycine betaine transport system ATPase component'
3 non-polymer 'TRIMETHYL GLYCINE'
4 non-polymer 'PHOSPHOAMINOPHOSPHONIC ACID-ADENYLATE ESTER'
5 non-polymer "(2R,3R,3aS,5R,7aR,9R,10R,10aS,12R,14aR)-2,9-bis(6-amino-9H-purin-9-yl)octahydro-2H,7H-difuro[3,2-d:3',2'-j][1,3,7,9,2,8 ]tetraoxadiphosphacyclododecine-3,5,10,12-tetrol 5,12-dioxide"
#
loop_
_entity_poly.entity_id
_entity_poly.type
_entity_poly.pdbx_seq_one_letter_code
_entity_poly.pdbx_strand_id
1 'polypeptide(L)'
;MIDLAIGQVPIANWVSSATDWITSTFSSGFDVIQKSGTVLMNGITGALTAVPFWLMIAVVTILAILVSGKKIAFPLFTFI
GLSLIANQGLWSDLMSTITLVLLSSLLSIIIGVPLGIWMAKSDLVAKIVQPILDFMQTMPGFVYLIPAVAFFGIGVVPGV
FASVIFALPPTVRMTNLGIRQVSTELVEAADSFGSTARQKLFKLEFPLAKGTIMAGVNQTIMLALSMVVIASMIGAPGLG
RGVLAAVQSADIGKGFVSGISLVILAIIIDRFTQKLNVSPLEKQGNPTVKKWKRGIALVSLLALIIGAFSGMSFGKTASD
KKVDLVYMNWDSEVASINVLTQAMKEHGFDVKTTALDNAVAWQTVANGQADGMVSAWLPNTHKTQWQKYGKSVDLLGPNL
KGAKVGFVVPSYMNVNSIEDLTNQANKTITGIEPGAGVMAASEKTLNSYDNLKDWKLVPSSSGAMTVALGEAIKQHKDIV
ITGWSPHWMFNKYDLKYLADPKGTMGTSENINTIVRKGLKKENPEAYKVLDKFNWTTKDMEAVMLDIQNGKTPEEAAKNW
IKDHQKEVDKWFKGSIEGRHHHHHH
;
A,B
2 'polypeptide(L)'
;MAVKIKIEHLTKIFGKRIKTALTMVEKGEPKNEILKKTGATVGVYDTNFEINEGEIFVIMGLSGSGKSTLLRLLNRLIEP
TSGKIFIDNQDVATLNKEDLLQVRRKTMSMVFQNFGLFPHRTILENTEYGLEVQNVPKEERRKRAEKALDNANLLDFKDQ
YPKQLSGGMQQRVGLARALANDPEILLMDEAFSALDPLIRREMQDELLELQAKFQKTIIFVSHDLNEALRIGDRIAIMKD
GKIMQIGTGEEILTNPANDYVKTFVEDVDRAKVITAENIMIPALTTNIDVDGPSVALKKMKTEEVSSLMAVDKKRQFRGV
VTSEQAIAARKNNQPLKDVMTTDVGTVSKEMLVRDILPIIYDAPTPLAVVDDNGFLKGVLIRGSVLEALADIPDEDEVEE
IEKEEENK
;
C,D
#
loop_
_chem_comp.id
_chem_comp.type
_chem_comp.name
_chem_comp.formula
2BA non-polymer '(2R,3R,3aS,5R,7aR,9R,10R,10aS,12R,14aR)-2,9-bis(6-amino-9H-purin-9-yl)octahydro-2H,7H-difuro[3,2-d:3',2'-j][1,3,7,9,2,8 ]tetraoxadiphosphacyclododecine-3,5,10,12-tetrol 5,12-dioxide' 'C20 H24 N10 O12 P2'
ANP non-polymer 'PHOSPHOAMINOPHOSPHONIC ACID-ADENYLATE ESTER' 'C10 H17 N6 O12 P3'
BET non-polymer 'TRIMETHYL GLYCINE' 'C5 H12 N O2 1'
#
# COMPACT_ATOMS: atom_id res chain seq x y z
N GLY A 7 18.97 -28.51 -33.61
CA GLY A 7 17.98 -28.34 -34.66
C GLY A 7 16.73 -27.64 -34.18
N GLN A 8 16.07 -26.92 -35.08
CA GLN A 8 14.88 -26.18 -34.71
C GLN A 8 13.77 -27.13 -34.26
N VAL A 9 12.94 -26.63 -33.35
CA VAL A 9 11.83 -27.40 -32.79
C VAL A 9 10.53 -26.90 -33.39
N PRO A 10 9.58 -27.78 -33.72
CA PRO A 10 8.34 -27.32 -34.38
C PRO A 10 7.28 -26.85 -33.38
N ILE A 11 7.60 -25.75 -32.70
CA ILE A 11 6.65 -25.15 -31.77
C ILE A 11 5.39 -24.68 -32.50
N ALA A 12 5.59 -23.98 -33.61
CA ALA A 12 4.45 -23.46 -34.37
C ALA A 12 3.55 -24.58 -34.85
N ASN A 13 4.16 -25.64 -35.38
CA ASN A 13 3.38 -26.78 -35.84
C ASN A 13 2.61 -27.42 -34.69
N TRP A 14 3.24 -27.54 -33.53
CA TRP A 14 2.57 -28.12 -32.38
C TRP A 14 1.36 -27.29 -31.97
N VAL A 15 1.54 -25.97 -31.86
CA VAL A 15 0.44 -25.12 -31.43
C VAL A 15 -0.68 -25.17 -32.44
N SER A 16 -0.36 -25.06 -33.73
CA SER A 16 -1.39 -25.09 -34.75
C SER A 16 -2.13 -26.42 -34.75
N SER A 17 -1.41 -27.53 -34.57
CA SER A 17 -2.05 -28.83 -34.53
C SER A 17 -2.99 -28.94 -33.34
N ALA A 18 -2.56 -28.48 -32.17
CA ALA A 18 -3.42 -28.54 -30.99
C ALA A 18 -4.67 -27.70 -31.19
N THR A 19 -4.50 -26.48 -31.72
CA THR A 19 -5.65 -25.61 -31.94
C THR A 19 -6.61 -26.22 -32.96
N ASP A 20 -6.07 -26.80 -34.03
CA ASP A 20 -6.90 -27.46 -35.02
C ASP A 20 -7.66 -28.63 -34.39
N TRP A 21 -6.99 -29.41 -33.57
CA TRP A 21 -7.65 -30.54 -32.93
C TRP A 21 -8.79 -30.07 -32.03
N ILE A 22 -8.54 -29.02 -31.25
CA ILE A 22 -9.60 -28.43 -30.43
C ILE A 22 -10.76 -28.03 -31.32
N THR A 23 -10.50 -27.15 -32.28
CA THR A 23 -11.56 -26.55 -33.09
C THR A 23 -12.32 -27.61 -33.87
N SER A 24 -11.70 -28.75 -34.15
CA SER A 24 -12.42 -29.88 -34.73
C SER A 24 -13.12 -30.73 -33.67
N THR A 25 -12.76 -30.58 -32.40
CA THR A 25 -13.32 -31.40 -31.35
C THR A 25 -14.47 -30.69 -30.62
N PHE A 26 -14.19 -29.52 -30.05
CA PHE A 26 -15.21 -28.74 -29.33
C PHE A 26 -15.96 -27.79 -30.24
N SER A 27 -16.06 -28.11 -31.53
CA SER A 27 -16.62 -27.16 -32.49
C SER A 27 -18.07 -26.84 -32.16
N SER A 28 -18.86 -27.86 -31.79
CA SER A 28 -20.27 -27.64 -31.51
C SER A 28 -20.47 -26.68 -30.34
N GLY A 29 -19.69 -26.86 -29.27
CA GLY A 29 -19.79 -25.96 -28.15
C GLY A 29 -19.43 -24.53 -28.54
N PHE A 30 -18.36 -24.39 -29.31
CA PHE A 30 -17.96 -23.07 -29.77
C PHE A 30 -19.06 -22.43 -30.59
N ASP A 31 -19.70 -23.19 -31.48
CA ASP A 31 -20.71 -22.64 -32.36
C ASP A 31 -21.95 -22.23 -31.57
N VAL A 32 -22.39 -23.07 -30.64
CA VAL A 32 -23.57 -22.72 -29.86
C VAL A 32 -23.28 -21.50 -29.00
N ILE A 33 -22.07 -21.41 -28.45
CA ILE A 33 -21.69 -20.23 -27.70
C ILE A 33 -21.70 -19.01 -28.60
N GLN A 34 -21.20 -19.15 -29.83
CA GLN A 34 -21.22 -18.04 -30.77
C GLN A 34 -22.64 -17.55 -30.99
N LYS A 35 -23.55 -18.46 -31.28
CA LYS A 35 -24.94 -18.07 -31.55
C LYS A 35 -25.55 -17.37 -30.34
N SER A 36 -25.46 -18.02 -29.17
CA SER A 36 -26.09 -17.45 -27.98
C SER A 36 -25.47 -16.11 -27.64
N GLY A 37 -24.14 -16.01 -27.65
CA GLY A 37 -23.49 -14.78 -27.26
C GLY A 37 -23.77 -13.64 -28.23
N THR A 38 -23.69 -13.93 -29.54
CA THR A 38 -23.93 -12.86 -30.49
C THR A 38 -25.36 -12.36 -30.40
N VAL A 39 -26.33 -13.26 -30.28
CA VAL A 39 -27.72 -12.81 -30.17
C VAL A 39 -27.91 -12.03 -28.88
N LEU A 40 -27.30 -12.48 -27.80
CA LEU A 40 -27.41 -11.79 -26.51
C LEU A 40 -26.85 -10.38 -26.60
N MET A 41 -25.63 -10.24 -27.12
CA MET A 41 -25.01 -8.93 -27.21
C MET A 41 -25.77 -8.02 -28.16
N ASN A 42 -26.26 -8.57 -29.27
CA ASN A 42 -27.03 -7.75 -30.19
C ASN A 42 -28.33 -7.27 -29.54
N GLY A 43 -28.98 -8.13 -28.77
CA GLY A 43 -30.19 -7.71 -28.07
C GLY A 43 -29.89 -6.64 -27.04
N ILE A 44 -28.82 -6.80 -26.29
CA ILE A 44 -28.45 -5.78 -25.29
C ILE A 44 -28.16 -4.45 -25.98
N THR A 45 -27.43 -4.49 -27.08
CA THR A 45 -27.08 -3.26 -27.79
C THR A 45 -28.32 -2.59 -28.35
N GLY A 46 -29.23 -3.37 -28.93
CA GLY A 46 -30.48 -2.80 -29.41
C GLY A 46 -31.28 -2.18 -28.30
N ALA A 47 -31.32 -2.85 -27.14
CA ALA A 47 -32.01 -2.30 -25.98
C ALA A 47 -31.39 -0.97 -25.56
N LEU A 48 -30.06 -0.94 -25.45
CA LEU A 48 -29.38 0.25 -24.99
C LEU A 48 -29.51 1.42 -25.95
N THR A 49 -29.39 1.18 -27.25
CA THR A 49 -29.53 2.25 -28.22
C THR A 49 -30.98 2.63 -28.46
N ALA A 50 -31.91 1.75 -28.11
CA ALA A 50 -33.31 2.13 -28.12
C ALA A 50 -33.55 3.28 -27.16
N VAL A 51 -32.86 3.28 -26.03
CA VAL A 51 -32.88 4.40 -25.11
C VAL A 51 -32.32 5.61 -25.84
N PRO A 52 -33.06 6.72 -25.94
CA PRO A 52 -32.52 7.90 -26.60
C PRO A 52 -31.34 8.47 -25.83
N PHE A 53 -30.47 9.16 -26.57
CA PHE A 53 -29.22 9.65 -26.00
C PHE A 53 -29.46 10.64 -24.88
N TRP A 54 -30.42 11.56 -25.05
CA TRP A 54 -30.67 12.54 -24.00
C TRP A 54 -31.05 11.86 -22.70
N LEU A 55 -31.91 10.85 -22.78
CA LEU A 55 -32.38 10.18 -21.57
C LEU A 55 -31.22 9.55 -20.82
N MET A 56 -30.39 8.76 -21.52
CA MET A 56 -29.33 8.04 -20.83
C MET A 56 -28.25 9.00 -20.34
N ILE A 57 -27.98 10.05 -21.11
CA ILE A 57 -27.01 11.05 -20.67
C ILE A 57 -27.48 11.70 -19.38
N ALA A 58 -28.75 12.10 -19.33
CA ALA A 58 -29.28 12.72 -18.12
C ALA A 58 -29.27 11.73 -16.97
N VAL A 59 -29.64 10.47 -17.23
CA VAL A 59 -29.61 9.46 -16.18
C VAL A 59 -28.23 9.37 -15.57
N VAL A 60 -27.20 9.31 -16.41
CA VAL A 60 -25.85 9.12 -15.92
C VAL A 60 -25.39 10.37 -15.17
N THR A 61 -25.77 11.55 -15.65
CA THR A 61 -25.40 12.76 -14.93
C THR A 61 -26.08 12.81 -13.57
N ILE A 62 -27.32 12.31 -13.50
CA ILE A 62 -28.01 12.24 -12.22
C ILE A 62 -27.29 11.30 -11.28
N LEU A 63 -26.86 10.14 -11.79
CA LEU A 63 -26.09 9.21 -10.96
C LEU A 63 -24.79 9.84 -10.50
N ALA A 64 -24.17 10.63 -11.36
CA ALA A 64 -22.97 11.36 -10.97
C ALA A 64 -23.26 12.30 -9.81
N ILE A 65 -24.38 13.01 -9.91
CA ILE A 65 -24.76 13.93 -8.84
C ILE A 65 -24.98 13.16 -7.53
N LEU A 66 -25.69 12.03 -7.62
CA LEU A 66 -25.98 11.25 -6.43
C LEU A 66 -24.69 10.76 -5.77
N VAL A 67 -23.77 10.25 -6.58
CA VAL A 67 -22.53 9.70 -6.05
C VAL A 67 -21.68 10.81 -5.42
N SER A 68 -21.71 12.00 -6.00
CA SER A 68 -20.99 13.14 -5.44
C SER A 68 -21.81 14.39 -5.70
N GLY A 69 -22.30 15.01 -4.63
CA GLY A 69 -23.17 16.17 -4.74
C GLY A 69 -22.46 17.48 -4.45
N LYS A 70 -21.31 17.41 -3.78
CA LYS A 70 -20.58 18.62 -3.45
C LYS A 70 -19.88 19.18 -4.68
N LYS A 71 -18.97 18.39 -5.26
CA LYS A 71 -18.22 18.84 -6.42
C LYS A 71 -19.05 18.68 -7.68
N ILE A 72 -18.97 19.68 -8.55
CA ILE A 72 -19.65 19.68 -9.84
C ILE A 72 -18.71 19.36 -10.98
N ALA A 73 -17.51 18.86 -10.69
CA ALA A 73 -16.56 18.57 -11.75
C ALA A 73 -16.93 17.30 -12.50
N PHE A 74 -17.08 16.19 -11.78
CA PHE A 74 -17.38 14.92 -12.43
C PHE A 74 -18.71 14.91 -13.17
N PRO A 75 -19.83 15.30 -12.58
CA PRO A 75 -21.08 15.30 -13.35
C PRO A 75 -21.01 16.21 -14.57
N LEU A 76 -20.35 17.35 -14.42
CA LEU A 76 -20.22 18.28 -15.55
C LEU A 76 -19.42 17.66 -16.66
N PHE A 77 -18.26 17.09 -16.32
CA PHE A 77 -17.44 16.40 -17.32
C PHE A 77 -18.23 15.30 -18.00
N THR A 78 -18.99 14.53 -17.22
CA THR A 78 -19.77 13.45 -17.78
C THR A 78 -20.77 13.96 -18.80
N PHE A 79 -21.58 14.95 -18.41
CA PHE A 79 -22.62 15.43 -19.30
C PHE A 79 -22.01 16.07 -20.55
N ILE A 80 -20.98 16.88 -20.36
CA ILE A 80 -20.35 17.56 -21.50
C ILE A 80 -19.78 16.53 -22.46
N GLY A 81 -19.05 15.55 -21.94
CA GLY A 81 -18.42 14.57 -22.81
C GLY A 81 -19.42 13.70 -23.54
N LEU A 82 -20.45 13.21 -22.84
CA LEU A 82 -21.43 12.37 -23.51
C LEU A 82 -22.20 13.16 -24.57
N SER A 83 -22.53 14.42 -24.26
CA SER A 83 -23.16 15.26 -25.26
C SER A 83 -22.25 15.43 -26.46
N LEU A 84 -20.95 15.60 -26.22
CA LEU A 84 -20.01 15.77 -27.31
C LEU A 84 -19.96 14.54 -28.20
N ILE A 85 -19.87 13.37 -27.56
CA ILE A 85 -19.89 12.11 -28.29
C ILE A 85 -21.12 12.03 -29.18
N ALA A 86 -22.30 12.10 -28.55
CA ALA A 86 -23.53 11.99 -29.33
C ALA A 86 -23.61 13.05 -30.41
N ASN A 87 -22.94 14.19 -30.21
CA ASN A 87 -22.85 15.19 -31.27
C ASN A 87 -22.07 14.64 -32.45
N GLN A 88 -20.95 13.98 -32.17
CA GLN A 88 -20.10 13.47 -33.24
C GLN A 88 -20.71 12.26 -33.94
N GLY A 89 -21.80 11.71 -33.41
CA GLY A 89 -22.46 10.57 -34.01
C GLY A 89 -22.03 9.24 -33.46
N LEU A 90 -21.23 9.22 -32.40
CA LEU A 90 -20.63 7.99 -31.88
C LEU A 90 -21.43 7.48 -30.68
N TRP A 91 -22.69 7.16 -30.92
CA TRP A 91 -23.51 6.58 -29.87
C TRP A 91 -23.67 5.08 -30.01
N SER A 92 -24.23 4.59 -31.12
CA SER A 92 -24.43 3.16 -31.26
C SER A 92 -23.13 2.39 -31.06
N ASP A 93 -22.04 2.93 -31.61
CA ASP A 93 -20.74 2.33 -31.40
C ASP A 93 -20.40 2.32 -29.91
N LEU A 94 -20.71 3.41 -29.22
CA LEU A 94 -20.47 3.48 -27.79
C LEU A 94 -21.25 2.40 -27.06
N MET A 95 -22.49 2.15 -27.46
CA MET A 95 -23.30 1.16 -26.76
C MET A 95 -22.77 -0.24 -27.00
N SER A 96 -22.31 -0.51 -28.22
CA SER A 96 -21.66 -1.79 -28.49
C SER A 96 -20.41 -1.95 -27.63
N THR A 97 -19.65 -0.86 -27.49
CA THR A 97 -18.47 -0.90 -26.63
C THR A 97 -18.84 -1.24 -25.21
N ILE A 98 -19.90 -0.62 -24.68
CA ILE A 98 -20.30 -0.90 -23.30
C ILE A 98 -20.73 -2.34 -23.15
N THR A 99 -21.52 -2.86 -24.09
CA THR A 99 -21.97 -4.24 -23.90
C THR A 99 -20.78 -5.20 -23.92
N LEU A 100 -19.83 -4.98 -24.82
CA LEU A 100 -18.62 -5.80 -24.82
C LEU A 100 -17.91 -5.69 -23.47
N VAL A 101 -17.78 -4.47 -22.96
CA VAL A 101 -17.03 -4.27 -21.73
C VAL A 101 -17.74 -4.92 -20.56
N LEU A 102 -19.08 -4.85 -20.52
CA LEU A 102 -19.81 -5.46 -19.43
C LEU A 102 -19.65 -6.97 -19.45
N LEU A 103 -19.87 -7.59 -20.61
CA LEU A 103 -19.69 -9.04 -20.68
C LEU A 103 -18.27 -9.42 -20.28
N SER A 104 -17.29 -8.70 -20.79
CA SER A 104 -15.90 -9.02 -20.50
C SER A 104 -15.62 -8.91 -19.01
N SER A 105 -15.97 -7.78 -18.40
CA SER A 105 -15.68 -7.55 -17.00
C SER A 105 -16.41 -8.55 -16.12
N LEU A 106 -17.69 -8.77 -16.38
CA LEU A 106 -18.45 -9.72 -15.56
C LEU A 106 -17.87 -11.11 -15.65
N LEU A 107 -17.56 -11.57 -16.87
CA LEU A 107 -17.02 -12.90 -17.02
C LEU A 107 -15.66 -13.02 -16.34
N SER A 108 -14.82 -12.00 -16.48
CA SER A 108 -13.52 -12.02 -15.84
C SER A 108 -13.64 -12.05 -14.34
N ILE A 109 -14.56 -11.27 -13.78
CA ILE A 109 -14.77 -11.27 -12.33
C ILE A 109 -15.25 -12.63 -11.87
N ILE A 110 -16.29 -13.14 -12.53
CA ILE A 110 -16.90 -14.41 -12.16
C ILE A 110 -15.91 -15.54 -12.24
N ILE A 111 -14.91 -15.41 -13.11
CA ILE A 111 -13.94 -16.50 -13.28
C ILE A 111 -12.66 -16.25 -12.52
N GLY A 112 -12.45 -15.04 -12.01
CA GLY A 112 -11.24 -14.71 -11.29
C GLY A 112 -11.40 -14.74 -9.79
N VAL A 113 -12.44 -14.09 -9.27
CA VAL A 113 -12.62 -14.05 -7.83
C VAL A 113 -12.69 -15.44 -7.23
N PRO A 114 -13.51 -16.36 -7.75
CA PRO A 114 -13.40 -17.75 -7.28
C PRO A 114 -12.01 -18.31 -7.41
N LEU A 115 -11.31 -17.92 -8.48
CA LEU A 115 -9.94 -18.37 -8.67
C LEU A 115 -9.04 -17.77 -7.61
N GLY A 116 -9.27 -16.51 -7.24
CA GLY A 116 -8.53 -15.93 -6.14
C GLY A 116 -8.78 -16.66 -4.82
N ILE A 117 -10.01 -17.13 -4.62
CA ILE A 117 -10.33 -17.91 -3.44
C ILE A 117 -9.52 -19.20 -3.43
N TRP A 118 -9.60 -19.96 -4.53
CA TRP A 118 -8.91 -21.24 -4.57
C TRP A 118 -7.41 -21.03 -4.65
N MET A 119 -6.99 -19.79 -4.88
CA MET A 119 -5.58 -19.43 -4.82
C MET A 119 -5.12 -19.21 -3.39
N ALA A 120 -5.88 -18.41 -2.64
CA ALA A 120 -5.47 -18.04 -1.30
C ALA A 120 -5.68 -19.19 -0.32
N LYS A 121 -6.70 -20.00 -0.51
CA LYS A 121 -6.99 -21.08 0.41
C LYS A 121 -6.09 -22.28 0.21
N SER A 122 -5.29 -22.28 -0.87
CA SER A 122 -4.34 -23.33 -1.15
C SER A 122 -2.98 -22.73 -1.50
N ASP A 123 -1.92 -23.35 -1.00
CA ASP A 123 -0.56 -22.90 -1.30
C ASP A 123 0.00 -23.53 -2.56
N LEU A 124 -0.57 -24.65 -3.02
CA LEU A 124 -0.16 -25.25 -4.28
C LEU A 124 -0.65 -24.44 -5.46
N VAL A 125 -1.91 -23.99 -5.40
CA VAL A 125 -2.53 -23.33 -6.53
C VAL A 125 -1.87 -22.01 -6.84
N ALA A 126 -1.42 -21.29 -5.81
CA ALA A 126 -0.66 -20.07 -6.06
C ALA A 126 0.58 -20.39 -6.89
N LYS A 127 1.31 -21.44 -6.50
CA LYS A 127 2.51 -21.81 -7.25
C LYS A 127 2.17 -22.18 -8.68
N ILE A 128 1.06 -22.90 -8.86
CA ILE A 128 0.64 -23.28 -10.20
C ILE A 128 0.30 -22.06 -11.05
N VAL A 129 -0.40 -21.08 -10.48
CA VAL A 129 -1.13 -20.09 -11.26
C VAL A 129 -0.33 -18.80 -11.43
N GLN A 130 0.34 -18.34 -10.38
CA GLN A 130 1.08 -17.09 -10.45
C GLN A 130 1.99 -17.08 -11.67
N PRO A 131 2.69 -18.17 -11.96
CA PRO A 131 3.43 -18.22 -13.23
C PRO A 131 2.54 -17.97 -14.43
N ILE A 132 1.35 -18.57 -14.43
CA ILE A 132 0.41 -18.35 -15.52
C ILE A 132 -0.03 -16.90 -15.56
N LEU A 133 -0.22 -16.29 -14.39
CA LEU A 133 -0.65 -14.90 -14.37
C LEU A 133 0.43 -13.99 -14.93
N ASP A 134 1.70 -14.30 -14.66
CA ASP A 134 2.77 -13.49 -15.21
C ASP A 134 2.96 -13.73 -16.69
N PHE A 135 2.63 -14.95 -17.15
CA PHE A 135 2.70 -15.25 -18.58
C PHE A 135 1.52 -14.68 -19.34
N MET A 136 0.41 -14.39 -18.65
CA MET A 136 -0.77 -13.77 -19.22
C MET A 136 -0.74 -12.25 -19.15
N GLN A 137 -0.05 -11.69 -18.16
CA GLN A 137 -0.15 -10.28 -17.87
C GLN A 137 0.84 -9.45 -18.68
N THR A 138 1.84 -10.09 -19.29
CA THR A 138 2.76 -9.41 -20.18
C THR A 138 2.59 -9.83 -21.63
N MET A 139 1.88 -10.92 -21.88
CA MET A 139 1.59 -11.33 -23.23
C MET A 139 0.88 -10.20 -23.97
N PRO A 140 1.25 -9.94 -25.22
CA PRO A 140 0.57 -8.91 -25.99
C PRO A 140 -0.86 -9.31 -26.31
N GLY A 141 -1.71 -8.30 -26.44
CA GLY A 141 -3.11 -8.57 -26.67
C GLY A 141 -3.35 -9.22 -28.02
N PHE A 142 -2.55 -8.86 -29.02
CA PHE A 142 -2.78 -9.36 -30.37
C PHE A 142 -2.86 -10.87 -30.41
N VAL A 143 -2.09 -11.56 -29.57
CA VAL A 143 -2.09 -13.01 -29.60
C VAL A 143 -3.45 -13.55 -29.20
N TYR A 144 -4.05 -12.99 -28.15
CA TYR A 144 -5.24 -13.57 -27.57
C TYR A 144 -6.37 -13.67 -28.57
N LEU A 145 -6.40 -12.80 -29.57
CA LEU A 145 -7.49 -12.77 -30.53
C LEU A 145 -7.21 -13.60 -31.77
N ILE A 146 -6.05 -14.23 -31.86
CA ILE A 146 -5.78 -15.18 -32.93
C ILE A 146 -6.62 -16.42 -32.70
N PRO A 147 -6.46 -17.12 -31.57
CA PRO A 147 -7.29 -18.32 -31.35
C PRO A 147 -8.76 -18.02 -31.29
N ALA A 148 -9.13 -16.81 -30.87
CA ALA A 148 -10.54 -16.45 -30.77
C ALA A 148 -11.24 -16.66 -32.10
N VAL A 149 -10.68 -16.10 -33.17
CA VAL A 149 -11.23 -16.31 -34.50
C VAL A 149 -11.20 -17.80 -34.83
N ALA A 150 -10.12 -18.47 -34.45
CA ALA A 150 -10.01 -19.91 -34.69
C ALA A 150 -11.07 -20.67 -33.91
N PHE A 151 -11.54 -20.11 -32.79
CA PHE A 151 -12.55 -20.76 -31.96
C PHE A 151 -13.96 -20.31 -32.32
N PHE A 152 -14.23 -19.02 -32.18
CA PHE A 152 -15.57 -18.49 -32.35
C PHE A 152 -15.76 -17.75 -33.66
N GLY A 153 -14.69 -17.28 -34.27
CA GLY A 153 -14.80 -16.53 -35.50
C GLY A 153 -15.20 -15.09 -35.26
N ILE A 154 -15.33 -14.35 -36.35
CA ILE A 154 -15.55 -12.92 -36.27
C ILE A 154 -16.79 -12.60 -35.45
N GLY A 155 -16.81 -11.41 -34.87
CA GLY A 155 -17.98 -10.91 -34.16
C GLY A 155 -17.61 -10.26 -32.85
N VAL A 156 -18.56 -10.27 -31.92
CA VAL A 156 -18.35 -9.73 -30.59
C VAL A 156 -17.75 -10.77 -29.65
N VAL A 157 -17.98 -12.05 -29.95
CA VAL A 157 -17.50 -13.13 -29.11
C VAL A 157 -15.98 -13.04 -28.97
N PRO A 158 -15.23 -12.86 -30.05
CA PRO A 158 -13.78 -12.70 -29.90
C PRO A 158 -13.40 -11.56 -28.98
N GLY A 159 -14.07 -10.42 -29.09
CA GLY A 159 -13.75 -9.31 -28.20
C GLY A 159 -13.97 -9.69 -26.75
N VAL A 160 -15.09 -10.34 -26.48
CA VAL A 160 -15.38 -10.80 -25.12
C VAL A 160 -14.33 -11.77 -24.63
N PHE A 161 -13.97 -12.75 -25.45
CA PHE A 161 -13.02 -13.77 -25.02
C PHE A 161 -11.64 -13.17 -24.76
N ALA A 162 -11.16 -12.35 -25.69
CA ALA A 162 -9.86 -11.72 -25.51
C ALA A 162 -9.85 -10.82 -24.29
N SER A 163 -10.90 -10.02 -24.11
CA SER A 163 -10.97 -9.16 -22.95
C SER A 163 -10.98 -9.97 -21.65
N VAL A 164 -11.72 -11.07 -21.64
CA VAL A 164 -11.72 -11.97 -20.50
C VAL A 164 -10.30 -12.40 -20.18
N ILE A 165 -9.63 -12.99 -21.16
CA ILE A 165 -8.36 -13.63 -20.90
C ILE A 165 -7.27 -12.61 -20.60
N PHE A 166 -7.45 -11.38 -21.06
CA PHE A 166 -6.47 -10.32 -20.88
C PHE A 166 -6.72 -9.49 -19.63
N ALA A 167 -7.93 -9.55 -19.08
CA ALA A 167 -8.30 -8.75 -17.93
C ALA A 167 -8.47 -9.56 -16.66
N LEU A 168 -8.48 -10.87 -16.75
CA LEU A 168 -8.56 -11.73 -15.57
C LEU A 168 -7.39 -11.57 -14.61
N PRO A 169 -6.14 -11.46 -15.07
CA PRO A 169 -4.98 -11.56 -14.19
C PRO A 169 -5.01 -10.60 -13.02
N PRO A 170 -5.20 -9.29 -13.25
CA PRO A 170 -5.11 -8.36 -12.12
C PRO A 170 -6.19 -8.58 -11.09
N THR A 171 -7.40 -8.94 -11.52
CA THR A 171 -8.45 -9.26 -10.58
C THR A 171 -8.05 -10.44 -9.72
N VAL A 172 -7.61 -11.54 -10.35
CA VAL A 172 -7.22 -12.71 -9.59
C VAL A 172 -6.09 -12.38 -8.62
N ARG A 173 -5.09 -11.66 -9.12
CA ARG A 173 -3.91 -11.36 -8.33
C ARG A 173 -4.26 -10.51 -7.11
N MET A 174 -5.04 -9.45 -7.32
CA MET A 174 -5.38 -8.57 -6.22
C MET A 174 -6.32 -9.25 -5.25
N THR A 175 -7.20 -10.13 -5.73
CA THR A 175 -8.03 -10.91 -4.82
C THR A 175 -7.18 -11.79 -3.91
N ASN A 176 -6.28 -12.57 -4.50
CA ASN A 176 -5.42 -13.43 -3.70
C ASN A 176 -4.56 -12.63 -2.75
N LEU A 177 -4.16 -11.42 -3.14
CA LEU A 177 -3.37 -10.58 -2.25
C LEU A 177 -4.21 -10.06 -1.09
N GLY A 178 -5.44 -9.63 -1.37
CA GLY A 178 -6.28 -9.05 -0.36
C GLY A 178 -6.87 -10.04 0.61
N ILE A 179 -6.96 -11.31 0.21
CA ILE A 179 -7.41 -12.34 1.14
C ILE A 179 -6.24 -12.92 1.94
N ARG A 180 -5.02 -12.83 1.42
CA ARG A 180 -3.85 -13.36 2.10
C ARG A 180 -3.18 -12.33 3.00
N GLN A 181 -3.74 -11.13 3.10
CA GLN A 181 -3.12 -10.04 3.84
C GLN A 181 -3.89 -9.60 5.07
N VAL A 182 -5.07 -10.17 5.32
CA VAL A 182 -5.79 -9.82 6.54
C VAL A 182 -5.01 -10.28 7.75
N SER A 183 -5.02 -9.46 8.80
CA SER A 183 -4.20 -9.73 9.97
C SER A 183 -4.53 -11.11 10.54
N THR A 184 -3.48 -11.84 10.92
CA THR A 184 -3.65 -13.21 11.38
C THR A 184 -4.41 -13.30 12.68
N GLU A 185 -4.44 -12.24 13.49
CA GLU A 185 -5.21 -12.31 14.72
C GLU A 185 -6.70 -12.45 14.44
N LEU A 186 -7.20 -11.74 13.43
CA LEU A 186 -8.61 -11.83 13.11
C LEU A 186 -8.98 -13.23 12.63
N VAL A 187 -8.16 -13.81 11.77
CA VAL A 187 -8.40 -15.17 11.32
C VAL A 187 -8.30 -16.15 12.49
N GLU A 188 -7.30 -15.96 13.34
CA GLU A 188 -7.13 -16.85 14.49
C GLU A 188 -8.33 -16.78 15.40
N ALA A 189 -8.89 -15.58 15.59
CA ALA A 189 -10.11 -15.40 16.37
C ALA A 189 -11.27 -16.13 15.71
N ALA A 190 -11.50 -15.86 14.43
CA ALA A 190 -12.63 -16.46 13.75
C ALA A 190 -12.54 -17.98 13.77
N ASP A 191 -11.33 -18.52 13.79
CA ASP A 191 -11.15 -19.95 14.02
C ASP A 191 -11.44 -20.35 15.46
N SER A 192 -11.01 -19.54 16.43
CA SER A 192 -11.23 -19.84 17.83
C SER A 192 -12.68 -19.83 18.22
N PHE A 193 -13.54 -19.17 17.45
CA PHE A 193 -14.97 -19.15 17.68
C PHE A 193 -15.70 -20.14 16.80
N GLY A 194 -14.97 -20.99 16.10
CA GLY A 194 -15.57 -22.03 15.30
C GLY A 194 -16.33 -21.50 14.12
N SER A 195 -15.67 -20.67 13.32
CA SER A 195 -16.24 -20.12 12.11
C SER A 195 -15.77 -20.98 10.94
N THR A 196 -16.70 -21.73 10.35
CA THR A 196 -16.38 -22.48 9.15
C THR A 196 -15.83 -21.55 8.08
N ALA A 197 -15.12 -22.14 7.11
CA ALA A 197 -14.49 -21.34 6.07
C ALA A 197 -15.50 -20.39 5.42
N ARG A 198 -16.70 -20.87 5.17
CA ARG A 198 -17.74 -20.02 4.59
C ARG A 198 -18.03 -18.82 5.49
N GLN A 199 -18.18 -19.06 6.79
CA GLN A 199 -18.57 -17.99 7.70
C GLN A 199 -17.50 -16.91 7.75
N LYS A 200 -16.25 -17.29 7.91
CA LYS A 200 -15.16 -16.31 7.96
C LYS A 200 -14.96 -15.64 6.61
N LEU A 201 -15.16 -16.38 5.52
CA LEU A 201 -15.00 -15.80 4.19
C LEU A 201 -16.03 -14.73 3.93
N PHE A 202 -17.27 -14.95 4.37
CA PHE A 202 -18.35 -13.98 4.15
C PHE A 202 -18.48 -12.97 5.27
N LYS A 203 -17.73 -13.12 6.36
CA LYS A 203 -17.83 -12.23 7.51
C LYS A 203 -16.57 -11.44 7.76
N LEU A 204 -15.41 -12.00 7.45
CA LEU A 204 -14.12 -11.36 7.71
C LEU A 204 -13.32 -11.09 6.44
N GLU A 205 -13.10 -12.11 5.62
CA GLU A 205 -12.20 -11.97 4.49
C GLU A 205 -12.68 -10.87 3.55
N PHE A 206 -13.86 -11.05 2.97
CA PHE A 206 -14.35 -10.12 1.94
C PHE A 206 -14.56 -8.71 2.49
N PRO A 207 -15.33 -8.50 3.54
CA PRO A 207 -15.62 -7.13 3.98
C PRO A 207 -14.37 -6.32 4.31
N LEU A 208 -13.21 -6.97 4.32
CA LEU A 208 -11.93 -6.29 4.50
C LEU A 208 -11.10 -6.24 3.23
N ALA A 209 -11.21 -7.26 2.37
CA ALA A 209 -10.45 -7.29 1.14
C ALA A 209 -11.12 -6.55 -0.01
N LYS A 210 -12.36 -6.08 0.21
CA LYS A 210 -13.12 -5.47 -0.87
C LYS A 210 -12.38 -4.32 -1.52
N GLY A 211 -11.57 -3.59 -0.77
CA GLY A 211 -10.82 -2.50 -1.37
C GLY A 211 -9.90 -2.97 -2.46
N THR A 212 -9.08 -3.97 -2.13
CA THR A 212 -8.15 -4.53 -3.11
C THR A 212 -8.90 -5.21 -4.24
N ILE A 213 -9.99 -5.90 -3.91
CA ILE A 213 -10.77 -6.58 -4.95
C ILE A 213 -11.32 -5.56 -5.94
N MET A 214 -11.82 -4.44 -5.44
CA MET A 214 -12.36 -3.41 -6.32
C MET A 214 -11.25 -2.75 -7.14
N ALA A 215 -10.06 -2.58 -6.57
CA ALA A 215 -8.95 -2.07 -7.36
C ALA A 215 -8.63 -3.02 -8.50
N GLY A 216 -8.60 -4.32 -8.20
CA GLY A 216 -8.36 -5.30 -9.24
C GLY A 216 -9.44 -5.31 -10.28
N VAL A 217 -10.69 -5.08 -9.87
CA VAL A 217 -11.79 -5.04 -10.82
C VAL A 217 -11.69 -3.82 -11.72
N ASN A 218 -11.29 -2.68 -11.15
CA ASN A 218 -11.03 -1.49 -11.96
C ASN A 218 -9.97 -1.76 -13.01
N GLN A 219 -8.88 -2.42 -12.60
CA GLN A 219 -7.85 -2.79 -13.57
C GLN A 219 -8.40 -3.73 -14.63
N THR A 220 -9.22 -4.69 -14.21
CA THR A 220 -9.85 -5.61 -15.15
C THR A 220 -10.66 -4.86 -16.19
N ILE A 221 -11.42 -3.87 -15.74
CA ILE A 221 -12.24 -3.08 -16.66
C ILE A 221 -11.37 -2.30 -17.62
N MET A 222 -10.32 -1.67 -17.12
CA MET A 222 -9.41 -0.94 -18.00
C MET A 222 -8.87 -1.87 -19.08
N LEU A 223 -8.42 -3.05 -18.68
CA LEU A 223 -7.80 -3.98 -19.62
C LEU A 223 -8.83 -4.47 -20.64
N ALA A 224 -10.05 -4.76 -20.20
CA ALA A 224 -11.08 -5.19 -21.13
C ALA A 224 -11.39 -4.10 -22.13
N LEU A 225 -11.40 -2.85 -21.69
CA LEU A 225 -11.67 -1.73 -22.60
C LEU A 225 -10.59 -1.63 -23.66
N SER A 226 -9.33 -1.61 -23.22
CA SER A 226 -8.23 -1.56 -24.17
C SER A 226 -8.28 -2.73 -25.14
N MET A 227 -8.63 -3.91 -24.63
CA MET A 227 -8.59 -5.10 -25.47
C MET A 227 -9.74 -5.10 -26.47
N VAL A 228 -10.87 -4.48 -26.12
CA VAL A 228 -11.92 -4.26 -27.10
C VAL A 228 -11.43 -3.35 -28.22
N VAL A 229 -10.79 -2.25 -27.82
CA VAL A 229 -10.22 -1.33 -28.81
C VAL A 229 -9.32 -2.09 -29.76
N ILE A 230 -8.51 -3.00 -29.22
CA ILE A 230 -7.62 -3.80 -30.05
C ILE A 230 -8.40 -4.77 -30.93
N ALA A 231 -9.36 -5.47 -30.35
CA ALA A 231 -10.09 -6.49 -31.08
C ALA A 231 -10.88 -5.92 -32.22
N SER A 232 -11.08 -4.60 -32.23
CA SER A 232 -11.82 -3.97 -33.33
C SER A 232 -11.42 -4.53 -34.69
N MET A 233 -10.16 -4.95 -34.84
CA MET A 233 -9.74 -5.51 -36.12
C MET A 233 -10.50 -6.77 -36.48
N ILE A 234 -11.12 -7.43 -35.50
CA ILE A 234 -11.94 -8.60 -35.75
C ILE A 234 -13.28 -8.33 -35.07
N GLY A 235 -14.36 -8.31 -35.85
CA GLY A 235 -15.66 -8.02 -35.29
C GLY A 235 -15.56 -6.84 -34.34
N ALA A 236 -15.81 -7.10 -33.05
CA ALA A 236 -15.54 -6.14 -32.00
C ALA A 236 -16.03 -4.75 -32.39
N PRO A 237 -17.30 -4.60 -32.71
CA PRO A 237 -17.81 -3.27 -33.08
C PRO A 237 -17.58 -2.25 -32.00
N GLY A 238 -17.84 -0.99 -32.32
CA GLY A 238 -17.70 0.11 -31.39
C GLY A 238 -16.68 1.11 -31.88
N LEU A 239 -16.21 1.92 -30.94
CA LEU A 239 -15.24 2.96 -31.24
C LEU A 239 -13.91 2.38 -31.67
N GLY A 240 -13.65 1.12 -31.35
CA GLY A 240 -12.43 0.49 -31.80
C GLY A 240 -12.30 0.49 -33.30
N ARG A 241 -13.40 0.21 -34.01
CA ARG A 241 -13.38 0.27 -35.46
C ARG A 241 -13.01 1.67 -35.94
N GLY A 242 -13.59 2.69 -35.30
CA GLY A 242 -13.29 4.05 -35.72
C GLY A 242 -11.82 4.39 -35.56
N VAL A 243 -11.26 4.08 -34.39
CA VAL A 243 -9.87 4.45 -34.16
C VAL A 243 -8.95 3.61 -35.03
N LEU A 244 -9.28 2.33 -35.24
CA LEU A 244 -8.48 1.48 -36.10
C LEU A 244 -8.45 2.03 -37.52
N ALA A 245 -9.61 2.41 -38.06
CA ALA A 245 -9.66 2.96 -39.40
C ALA A 245 -8.89 4.26 -39.47
N ALA A 246 -9.03 5.11 -38.44
CA ALA A 246 -8.24 6.33 -38.39
C ALA A 246 -6.75 6.02 -38.43
N VAL A 247 -6.36 4.87 -37.91
CA VAL A 247 -4.95 4.49 -37.93
C VAL A 247 -4.55 4.00 -39.32
N GLN A 248 -5.29 3.03 -39.86
CA GLN A 248 -5.00 2.46 -41.16
C GLN A 248 -5.25 3.43 -42.30
N SER A 249 -5.72 4.62 -42.00
CA SER A 249 -5.88 5.67 -42.99
C SER A 249 -5.20 6.96 -42.57
N ALA A 250 -4.54 6.98 -41.41
CA ALA A 250 -3.84 8.15 -40.89
C ALA A 250 -4.76 9.32 -40.61
N ASP A 251 -6.06 9.08 -40.52
CA ASP A 251 -7.03 10.15 -40.31
C ASP A 251 -6.92 10.62 -38.87
N ILE A 252 -6.22 11.72 -38.66
CA ILE A 252 -5.96 12.25 -37.33
C ILE A 252 -7.25 12.61 -36.61
N GLY A 253 -8.18 13.26 -37.30
CA GLY A 253 -9.37 13.77 -36.66
C GLY A 253 -10.23 12.68 -36.06
N LYS A 254 -10.57 11.68 -36.86
CA LYS A 254 -11.44 10.62 -36.39
C LYS A 254 -10.77 9.78 -35.31
N GLY A 255 -9.48 9.51 -35.47
CA GLY A 255 -8.76 8.79 -34.43
C GLY A 255 -8.77 9.55 -33.12
N PHE A 256 -8.53 10.85 -33.18
CA PHE A 256 -8.61 11.67 -31.98
C PHE A 256 -10.00 11.62 -31.37
N VAL A 257 -11.03 11.69 -32.21
CA VAL A 257 -12.40 11.71 -31.71
C VAL A 257 -12.71 10.42 -30.96
N SER A 258 -12.42 9.28 -31.58
CA SER A 258 -12.70 8.00 -30.94
C SER A 258 -11.85 7.83 -29.68
N GLY A 259 -10.60 8.28 -29.71
CA GLY A 259 -9.77 8.19 -28.52
C GLY A 259 -10.32 9.02 -27.38
N ILE A 260 -10.78 10.23 -27.67
CA ILE A 260 -11.36 11.07 -26.62
C ILE A 260 -12.65 10.46 -26.10
N SER A 261 -13.44 9.85 -26.98
CA SER A 261 -14.67 9.23 -26.49
C SER A 261 -14.36 8.05 -25.58
N LEU A 262 -13.38 7.23 -25.94
CA LEU A 262 -12.96 6.15 -25.04
C LEU A 262 -12.40 6.69 -23.75
N VAL A 263 -11.67 7.80 -23.81
CA VAL A 263 -11.17 8.44 -22.60
C VAL A 263 -12.34 8.83 -21.70
N ILE A 264 -13.37 9.42 -22.29
CA ILE A 264 -14.54 9.84 -21.53
C ILE A 264 -15.19 8.62 -20.87
N LEU A 265 -15.42 7.58 -21.66
CA LEU A 265 -16.04 6.37 -21.12
C LEU A 265 -15.22 5.79 -19.98
N ALA A 266 -13.90 5.74 -20.16
CA ALA A 266 -13.05 5.11 -19.17
C ALA A 266 -12.96 5.92 -17.90
N ILE A 267 -12.85 7.25 -18.03
CA ILE A 267 -12.83 8.10 -16.85
C ILE A 267 -14.16 7.98 -16.11
N ILE A 268 -15.26 7.95 -16.84
CA ILE A 268 -16.56 7.79 -16.19
C ILE A 268 -16.59 6.51 -15.38
N ILE A 269 -16.22 5.39 -16.00
CA ILE A 269 -16.27 4.11 -15.31
C ILE A 269 -15.32 4.11 -14.13
N ASP A 270 -14.12 4.65 -14.30
CA ASP A 270 -13.15 4.70 -13.21
C ASP A 270 -13.73 5.48 -12.04
N ARG A 271 -14.05 6.75 -12.26
CA ARG A 271 -14.54 7.62 -11.20
C ARG A 271 -15.72 6.97 -10.49
N PHE A 272 -16.60 6.31 -11.24
CA PHE A 272 -17.69 5.58 -10.61
C PHE A 272 -17.15 4.48 -9.70
N THR A 273 -16.14 3.76 -10.17
CA THR A 273 -15.63 2.62 -9.41
C THR A 273 -15.00 3.05 -8.09
N GLN A 274 -14.11 4.04 -8.13
CA GLN A 274 -13.58 4.54 -6.85
C GLN A 274 -14.65 5.18 -5.99
N LYS A 275 -15.82 5.48 -6.54
CA LYS A 275 -16.95 5.95 -5.76
C LYS A 275 -18.03 4.87 -5.63
N LEU A 276 -17.62 3.60 -5.70
CA LEU A 276 -18.44 2.48 -5.25
C LEU A 276 -17.59 1.43 -4.56
N ASN A 277 -16.49 1.84 -3.94
CA ASN A 277 -15.60 0.96 -3.20
C ASN A 277 -15.84 0.98 -1.70
N VAL A 278 -16.08 2.16 -1.12
CA VAL A 278 -16.39 2.28 0.30
C VAL A 278 -17.89 2.43 0.48
N ASP A 320 -35.45 -12.42 -44.00
CA ASP A 320 -35.55 -11.23 -44.85
C ASP A 320 -34.28 -11.09 -45.69
N LYS A 321 -34.28 -10.09 -46.57
CA LYS A 321 -33.14 -9.83 -47.45
C LYS A 321 -32.06 -9.13 -46.64
N LYS A 322 -31.06 -9.90 -46.20
CA LYS A 322 -29.93 -9.37 -45.45
C LYS A 322 -28.63 -9.75 -46.14
N VAL A 323 -27.62 -8.91 -45.96
CA VAL A 323 -26.28 -9.17 -46.48
C VAL A 323 -25.26 -8.85 -45.40
N ASP A 324 -24.31 -9.77 -45.19
CA ASP A 324 -23.23 -9.60 -44.24
C ASP A 324 -21.92 -9.55 -45.05
N LEU A 325 -21.39 -8.35 -45.18
CA LEU A 325 -20.25 -8.11 -46.07
C LEU A 325 -18.97 -7.90 -45.26
N VAL A 326 -17.84 -8.07 -45.94
CA VAL A 326 -16.52 -7.96 -45.34
C VAL A 326 -15.63 -7.11 -46.23
N TYR A 327 -14.89 -6.19 -45.63
CA TYR A 327 -13.88 -5.42 -46.35
C TYR A 327 -12.68 -5.18 -45.45
N MET A 328 -11.72 -4.36 -45.94
CA MET A 328 -10.42 -4.32 -45.29
C MET A 328 -9.79 -2.93 -45.22
N ASN A 329 -10.59 -1.87 -45.10
CA ASN A 329 -10.13 -0.52 -44.79
C ASN A 329 -9.19 0.06 -45.84
N TRP A 330 -9.07 -0.58 -47.00
CA TRP A 330 -8.26 -0.02 -48.07
C TRP A 330 -9.09 1.00 -48.85
N ASP A 331 -8.48 2.15 -49.13
CA ASP A 331 -9.20 3.26 -49.75
C ASP A 331 -9.85 2.80 -51.03
N SER A 332 -9.25 1.80 -51.69
CA SER A 332 -9.87 1.20 -52.86
C SER A 332 -11.15 0.47 -52.47
N GLU A 333 -11.10 -0.31 -51.38
CA GLU A 333 -12.19 -1.21 -51.07
C GLU A 333 -13.23 -0.56 -50.17
N VAL A 334 -12.84 0.50 -49.46
CA VAL A 334 -13.82 1.32 -48.75
C VAL A 334 -14.81 1.92 -49.74
N ALA A 335 -14.29 2.40 -50.87
CA ALA A 335 -15.15 3.00 -51.89
C ALA A 335 -16.16 1.99 -52.41
N SER A 336 -15.71 0.78 -52.70
CA SER A 336 -16.59 -0.21 -53.30
C SER A 336 -17.74 -0.55 -52.38
N ILE A 337 -17.44 -1.12 -51.22
CA ILE A 337 -18.48 -1.64 -50.34
C ILE A 337 -19.42 -0.53 -49.90
N ASN A 338 -18.86 0.59 -49.45
CA ASN A 338 -19.70 1.69 -48.99
C ASN A 338 -20.70 2.10 -50.06
N VAL A 339 -20.23 2.29 -51.29
CA VAL A 339 -21.14 2.53 -52.40
C VAL A 339 -22.08 1.35 -52.57
N LEU A 340 -21.54 0.14 -52.48
CA LEU A 340 -22.38 -1.05 -52.67
C LEU A 340 -23.50 -1.08 -51.64
N THR A 341 -23.18 -0.83 -50.38
CA THR A 341 -24.20 -0.92 -49.34
C THR A 341 -25.26 0.16 -49.52
N GLN A 342 -24.84 1.41 -49.72
CA GLN A 342 -25.79 2.50 -49.83
C GLN A 342 -26.78 2.24 -50.96
N ALA A 343 -26.29 1.81 -52.10
CA ALA A 343 -27.19 1.40 -53.19
C ALA A 343 -27.95 0.15 -52.80
N MET A 344 -27.24 -0.89 -52.36
CA MET A 344 -27.87 -2.18 -52.14
C MET A 344 -28.97 -2.07 -51.10
N LYS A 345 -28.85 -1.10 -50.19
CA LYS A 345 -29.92 -0.82 -49.25
C LYS A 345 -31.22 -0.47 -49.98
N GLU A 346 -31.11 0.31 -51.04
CA GLU A 346 -32.29 0.87 -51.70
C GLU A 346 -33.25 -0.21 -52.14
N HIS A 347 -32.73 -1.36 -52.58
CA HIS A 347 -33.59 -2.45 -52.99
C HIS A 347 -34.26 -3.16 -51.81
N GLY A 348 -33.80 -2.90 -50.60
CA GLY A 348 -34.40 -3.50 -49.43
C GLY A 348 -33.52 -4.58 -48.82
N PHE A 349 -32.22 -4.36 -48.83
CA PHE A 349 -31.25 -5.31 -48.30
C PHE A 349 -30.76 -4.82 -46.95
N ASP A 350 -30.75 -5.74 -45.97
CA ASP A 350 -30.22 -5.42 -44.66
C ASP A 350 -28.72 -5.69 -44.64
N VAL A 351 -27.96 -4.72 -44.15
CA VAL A 351 -26.53 -4.68 -44.36
C VAL A 351 -25.78 -4.93 -43.05
N LYS A 352 -24.64 -5.58 -43.17
CA LYS A 352 -23.67 -5.66 -42.09
C LYS A 352 -22.29 -5.74 -42.72
N THR A 353 -21.59 -4.60 -42.73
CA THR A 353 -20.22 -4.55 -43.19
C THR A 353 -19.29 -4.78 -42.02
N THR A 354 -18.22 -5.53 -42.27
CA THR A 354 -17.28 -5.90 -41.24
C THR A 354 -15.87 -5.65 -41.75
N ALA A 355 -15.16 -4.73 -41.09
CA ALA A 355 -13.83 -4.33 -41.52
C ALA A 355 -12.79 -5.12 -40.73
N LEU A 356 -11.86 -5.73 -41.44
CA LEU A 356 -10.84 -6.58 -40.84
C LEU A 356 -9.79 -6.87 -41.90
N ASP A 357 -8.83 -7.73 -41.56
CA ASP A 357 -7.67 -7.97 -42.39
C ASP A 357 -7.99 -8.98 -43.48
N ASN A 358 -7.13 -9.03 -44.49
CA ASN A 358 -7.45 -9.76 -45.72
C ASN A 358 -7.59 -11.25 -45.46
N ALA A 359 -6.59 -11.86 -44.83
CA ALA A 359 -6.58 -13.30 -44.69
C ALA A 359 -7.69 -13.76 -43.75
N VAL A 360 -8.01 -12.95 -42.75
CA VAL A 360 -9.13 -13.28 -41.87
C VAL A 360 -10.43 -13.29 -42.65
N ALA A 361 -10.61 -12.30 -43.52
CA ALA A 361 -11.84 -12.23 -44.31
C ALA A 361 -12.01 -13.47 -45.16
N TRP A 362 -10.93 -13.93 -45.78
CA TRP A 362 -10.99 -15.15 -46.57
C TRP A 362 -11.44 -16.32 -45.70
N GLN A 363 -10.86 -16.44 -44.51
CA GLN A 363 -11.34 -17.45 -43.58
C GLN A 363 -12.80 -17.21 -43.21
N THR A 364 -13.14 -15.95 -42.93
CA THR A 364 -14.52 -15.62 -42.58
C THR A 364 -15.48 -16.03 -43.68
N VAL A 365 -15.19 -15.60 -44.91
CA VAL A 365 -16.01 -15.99 -46.05
C VAL A 365 -15.92 -17.49 -46.29
N ALA A 366 -14.80 -18.10 -45.92
CA ALA A 366 -14.55 -19.49 -46.28
C ALA A 366 -15.37 -20.45 -45.43
N ASN A 367 -15.13 -20.43 -44.11
CA ASN A 367 -15.77 -21.41 -43.24
C ASN A 367 -17.29 -21.30 -43.29
N GLY A 368 -17.81 -20.15 -43.69
CA GLY A 368 -19.23 -19.95 -43.80
C GLY A 368 -19.80 -18.94 -42.83
N GLN A 369 -18.97 -18.04 -42.30
CA GLN A 369 -19.38 -17.10 -41.27
C GLN A 369 -19.92 -15.80 -41.85
N ALA A 370 -19.89 -15.61 -43.16
CA ALA A 370 -20.32 -14.38 -43.79
C ALA A 370 -20.82 -14.67 -45.19
N ASP A 371 -21.37 -13.65 -45.83
CA ASP A 371 -21.97 -13.82 -47.14
C ASP A 371 -20.91 -13.78 -48.23
N GLY A 372 -20.21 -12.67 -48.35
CA GLY A 372 -19.20 -12.55 -49.38
C GLY A 372 -18.39 -11.29 -49.25
N MET A 373 -17.56 -11.06 -50.27
CA MET A 373 -16.69 -9.90 -50.33
C MET A 373 -16.16 -9.66 -51.74
N VAL A 374 -15.93 -8.39 -52.06
CA VAL A 374 -15.66 -7.96 -53.43
C VAL A 374 -14.27 -7.37 -53.51
N SER A 375 -13.39 -7.78 -52.61
CA SER A 375 -12.07 -7.17 -52.46
C SER A 375 -10.95 -8.18 -52.75
N ALA A 376 -11.23 -9.16 -53.61
CA ALA A 376 -10.31 -10.27 -53.84
C ALA A 376 -9.50 -10.00 -55.11
N TRP A 377 -8.45 -9.20 -54.96
CA TRP A 377 -7.51 -9.02 -56.07
C TRP A 377 -6.94 -10.37 -56.46
N LEU A 378 -6.85 -10.61 -57.77
CA LEU A 378 -6.50 -11.93 -58.27
C LEU A 378 -6.03 -11.79 -59.70
N PRO A 379 -5.30 -12.79 -60.23
CA PRO A 379 -4.99 -14.10 -59.67
C PRO A 379 -3.65 -14.22 -58.95
N ASN A 380 -2.97 -13.10 -58.65
CA ASN A 380 -1.63 -13.18 -58.09
C ASN A 380 -1.44 -12.44 -56.78
N THR A 381 -2.03 -11.26 -56.60
CA THR A 381 -1.76 -10.50 -55.39
C THR A 381 -2.27 -11.23 -54.16
N HIS A 382 -3.46 -11.83 -54.25
CA HIS A 382 -4.06 -12.58 -53.15
C HIS A 382 -4.19 -14.06 -53.51
N LYS A 383 -3.16 -14.62 -54.16
CA LYS A 383 -3.27 -16.00 -54.63
C LYS A 383 -3.01 -17.00 -53.50
N THR A 384 -2.03 -16.73 -52.64
CA THR A 384 -1.78 -17.64 -51.54
C THR A 384 -3.00 -17.73 -50.64
N GLN A 385 -3.68 -16.61 -50.43
CA GLN A 385 -4.99 -16.65 -49.79
C GLN A 385 -5.89 -17.65 -50.49
N TRP A 386 -5.85 -17.68 -51.81
CA TRP A 386 -6.64 -18.66 -52.57
C TRP A 386 -6.10 -20.06 -52.38
N GLN A 387 -4.77 -20.21 -52.31
CA GLN A 387 -4.20 -21.52 -52.09
C GLN A 387 -4.66 -22.11 -50.76
N LYS A 388 -4.99 -21.25 -49.79
CA LYS A 388 -5.50 -21.73 -48.52
C LYS A 388 -7.01 -21.95 -48.56
N TYR A 389 -7.77 -20.89 -48.84
CA TYR A 389 -9.23 -20.93 -48.75
C TYR A 389 -9.88 -20.52 -50.07
N GLY A 390 -9.23 -20.80 -51.19
CA GLY A 390 -9.85 -20.58 -52.48
C GLY A 390 -10.77 -21.73 -52.85
N LYS A 391 -10.54 -22.88 -52.24
CA LYS A 391 -11.35 -24.06 -52.52
C LYS A 391 -12.66 -24.07 -51.76
N SER A 392 -12.78 -23.24 -50.73
CA SER A 392 -13.93 -23.22 -49.83
C SER A 392 -14.87 -22.08 -50.14
N VAL A 393 -15.02 -21.72 -51.41
CA VAL A 393 -15.86 -20.61 -51.84
C VAL A 393 -16.62 -21.04 -53.09
N ASP A 394 -17.41 -20.11 -53.63
CA ASP A 394 -18.04 -20.25 -54.94
C ASP A 394 -17.84 -18.90 -55.64
N LEU A 395 -16.71 -18.76 -56.30
CA LEU A 395 -16.37 -17.49 -56.95
C LEU A 395 -17.41 -17.12 -57.99
N LEU A 396 -17.71 -15.82 -58.07
CA LEU A 396 -18.68 -15.29 -59.01
C LEU A 396 -18.06 -14.92 -60.35
N GLY A 397 -17.11 -13.98 -60.33
CA GLY A 397 -16.55 -13.42 -61.52
C GLY A 397 -15.98 -12.05 -61.21
N PRO A 398 -15.17 -11.51 -62.10
CA PRO A 398 -14.65 -10.16 -61.87
C PRO A 398 -15.72 -9.15 -61.50
N ASN A 399 -15.28 -8.05 -60.93
CA ASN A 399 -16.13 -6.89 -60.67
C ASN A 399 -15.49 -5.62 -61.18
N LEU A 400 -14.24 -5.67 -61.61
CA LEU A 400 -13.51 -4.47 -62.00
C LEU A 400 -12.32 -4.90 -62.83
N LYS A 401 -12.29 -4.48 -64.08
CA LYS A 401 -11.19 -4.82 -64.98
C LYS A 401 -10.10 -3.76 -64.81
N GLY A 402 -8.85 -4.21 -64.75
CA GLY A 402 -7.76 -3.26 -64.87
C GLY A 402 -7.09 -2.95 -63.55
N ALA A 403 -7.02 -3.92 -62.66
CA ALA A 403 -6.35 -3.74 -61.38
C ALA A 403 -4.86 -3.79 -61.65
N LYS A 404 -4.21 -2.63 -61.65
CA LYS A 404 -2.80 -2.52 -61.97
C LYS A 404 -2.01 -2.44 -60.68
N VAL A 405 -1.18 -3.45 -60.44
CA VAL A 405 -0.31 -3.52 -59.28
C VAL A 405 1.09 -3.12 -59.72
N GLY A 406 1.91 -2.75 -58.75
CA GLY A 406 3.29 -2.42 -59.03
C GLY A 406 3.87 -1.47 -58.00
N PHE A 407 5.18 -1.24 -58.06
CA PHE A 407 5.78 -0.25 -57.21
C PHE A 407 5.31 1.14 -57.62
N VAL A 408 5.76 2.14 -56.86
CA VAL A 408 5.38 3.52 -57.12
C VAL A 408 6.51 4.43 -56.65
N VAL A 409 6.90 5.35 -57.53
CA VAL A 409 7.94 6.32 -57.19
C VAL A 409 7.55 7.67 -57.78
N PRO A 410 8.06 8.75 -57.20
CA PRO A 410 7.80 10.07 -57.77
C PRO A 410 8.28 10.17 -59.20
N SER A 411 7.51 10.85 -60.05
CA SER A 411 7.88 10.92 -61.46
C SER A 411 9.23 11.59 -61.66
N TYR A 412 9.55 12.59 -60.83
CA TYR A 412 10.79 13.34 -61.07
C TYR A 412 12.02 12.46 -60.93
N MET A 413 11.95 11.41 -60.13
CA MET A 413 13.12 10.57 -59.91
C MET A 413 13.51 9.85 -61.19
N ASN A 414 14.80 9.52 -61.38
CA ASN A 414 15.30 8.90 -62.63
C ASN A 414 14.78 7.47 -62.85
N VAL A 415 14.98 6.55 -61.89
CA VAL A 415 14.64 5.10 -62.06
C VAL A 415 13.30 4.88 -62.78
N ASN A 416 13.30 4.16 -63.92
CA ASN A 416 12.07 3.86 -64.70
C ASN A 416 11.63 2.39 -64.50
N SER A 417 12.48 1.50 -63.97
CA SER A 417 12.18 0.10 -63.70
C SER A 417 13.02 -0.36 -62.53
N ILE A 418 12.52 -1.39 -61.83
CA ILE A 418 13.17 -1.86 -60.61
C ILE A 418 14.60 -2.32 -60.88
N GLU A 419 14.88 -2.82 -62.07
CA GLU A 419 16.23 -3.23 -62.41
C GLU A 419 17.20 -2.05 -62.50
N ASP A 420 16.69 -0.84 -62.65
CA ASP A 420 17.49 0.37 -62.75
C ASP A 420 17.58 1.09 -61.41
N LEU A 421 17.56 0.31 -60.33
CA LEU A 421 17.63 0.84 -58.98
C LEU A 421 18.89 0.35 -58.30
N THR A 422 19.71 1.29 -57.83
CA THR A 422 20.96 0.95 -57.17
C THR A 422 20.85 1.00 -55.64
N ASN A 423 20.84 2.20 -55.09
CA ASN A 423 20.74 2.37 -53.65
C ASN A 423 19.95 3.62 -53.26
N GLN A 424 18.90 3.90 -54.02
CA GLN A 424 18.06 5.05 -53.76
C GLN A 424 17.14 4.80 -52.57
N ALA A 425 16.87 5.86 -51.81
CA ALA A 425 15.91 5.81 -50.71
C ALA A 425 16.33 4.82 -49.62
N ASN A 426 17.60 4.89 -49.25
CA ASN A 426 18.13 4.05 -48.17
C ASN A 426 17.82 2.57 -48.39
N LYS A 427 17.64 2.19 -49.66
CA LYS A 427 17.38 0.81 -50.03
C LYS A 427 16.12 0.27 -49.36
N THR A 428 15.12 1.12 -49.16
CA THR A 428 13.90 0.75 -48.47
C THR A 428 12.78 0.51 -49.46
N ILE A 429 11.77 -0.21 -48.99
CA ILE A 429 10.50 -0.38 -49.72
C ILE A 429 9.39 -0.04 -48.74
N THR A 430 8.99 1.23 -48.70
CA THR A 430 7.95 1.64 -47.77
C THR A 430 6.62 1.04 -48.20
N GLY A 431 6.24 -0.06 -47.56
CA GLY A 431 5.09 -0.82 -47.99
C GLY A 431 3.89 -0.67 -47.08
N ILE A 432 3.03 -1.70 -47.09
CA ILE A 432 1.80 -1.69 -46.32
C ILE A 432 1.81 -2.86 -45.34
N GLU A 433 0.69 -3.05 -44.63
CA GLU A 433 0.49 -4.12 -43.67
C GLU A 433 1.11 -5.43 -44.14
N PRO A 434 1.88 -6.12 -43.29
CA PRO A 434 2.60 -7.32 -43.74
C PRO A 434 1.69 -8.44 -44.19
N GLY A 435 0.44 -8.46 -43.75
CA GLY A 435 -0.50 -9.48 -44.17
C GLY A 435 -1.13 -9.22 -45.50
N ALA A 436 -0.78 -8.12 -46.15
CA ALA A 436 -1.33 -7.80 -47.46
C ALA A 436 -0.88 -8.85 -48.47
N GLY A 437 -1.33 -8.67 -49.71
CA GLY A 437 -1.03 -9.62 -50.76
C GLY A 437 0.23 -9.26 -51.52
N VAL A 438 0.42 -7.96 -51.77
CA VAL A 438 1.62 -7.52 -52.47
C VAL A 438 2.87 -7.91 -51.71
N MET A 439 2.77 -8.14 -50.40
CA MET A 439 3.93 -8.56 -49.64
C MET A 439 4.35 -9.96 -50.01
N ALA A 440 3.40 -10.80 -50.44
CA ALA A 440 3.78 -12.04 -51.09
C ALA A 440 4.59 -11.75 -52.35
N ALA A 441 4.17 -10.76 -53.12
CA ALA A 441 4.91 -10.36 -54.31
C ALA A 441 6.24 -9.72 -53.91
N SER A 442 6.21 -8.73 -53.02
CA SER A 442 7.42 -8.02 -52.68
C SER A 442 8.44 -8.94 -52.02
N GLU A 443 7.98 -9.81 -51.14
CA GLU A 443 8.87 -10.83 -50.59
C GLU A 443 9.53 -11.63 -51.70
N LYS A 444 8.74 -11.98 -52.72
CA LYS A 444 9.30 -12.73 -53.85
C LYS A 444 10.08 -11.83 -54.78
N THR A 445 9.69 -10.55 -54.89
CA THR A 445 10.42 -9.62 -55.74
C THR A 445 11.86 -9.46 -55.28
N LEU A 446 12.05 -9.16 -53.99
CA LEU A 446 13.42 -8.95 -53.49
C LEU A 446 14.24 -10.23 -53.60
N ASN A 447 13.58 -11.38 -53.58
CA ASN A 447 14.24 -12.68 -53.70
C ASN A 447 14.18 -13.22 -55.13
N SER A 448 13.91 -12.38 -56.11
CA SER A 448 13.94 -12.76 -57.51
C SER A 448 14.98 -11.99 -58.31
N TYR A 449 15.19 -10.72 -57.99
CA TYR A 449 16.20 -9.92 -58.66
C TYR A 449 17.46 -9.83 -57.81
N ASP A 450 18.57 -9.49 -58.46
CA ASP A 450 19.86 -9.38 -57.79
C ASP A 450 20.00 -8.06 -57.04
N ASN A 451 19.70 -6.95 -57.71
CA ASN A 451 19.96 -5.65 -57.12
C ASN A 451 19.15 -5.44 -55.85
N LEU A 452 18.03 -6.13 -55.72
CA LEU A 452 17.18 -6.04 -54.55
C LEU A 452 17.57 -7.05 -53.47
N LYS A 453 18.62 -7.84 -53.70
CA LYS A 453 19.03 -8.84 -52.73
C LYS A 453 19.47 -8.20 -51.41
N ASP A 454 19.80 -6.91 -51.43
CA ASP A 454 20.25 -6.19 -50.25
C ASP A 454 19.33 -5.02 -49.92
N TRP A 455 18.06 -5.12 -50.31
CA TRP A 455 17.07 -4.09 -50.03
C TRP A 455 16.06 -4.60 -49.03
N LYS A 456 15.52 -3.69 -48.23
CA LYS A 456 14.69 -4.04 -47.08
C LYS A 456 13.23 -3.72 -47.34
N LEU A 457 12.36 -4.59 -46.86
CA LEU A 457 10.91 -4.40 -46.91
C LEU A 457 10.43 -3.98 -45.52
N VAL A 458 9.79 -2.82 -45.44
CA VAL A 458 9.37 -2.23 -44.18
C VAL A 458 7.86 -2.02 -44.22
N PRO A 459 7.10 -2.89 -43.57
CA PRO A 459 5.64 -2.78 -43.62
C PRO A 459 5.12 -1.55 -42.91
N SER A 460 3.87 -1.21 -43.23
CA SER A 460 3.17 -0.07 -42.65
C SER A 460 1.68 -0.34 -42.83
N SER A 461 0.88 0.70 -42.70
CA SER A 461 -0.53 0.64 -43.03
C SER A 461 -0.73 1.04 -44.48
N SER A 462 -1.95 0.82 -44.97
CA SER A 462 -2.29 1.15 -46.35
C SER A 462 -2.40 2.65 -46.55
N GLY A 463 -2.33 3.42 -45.47
CA GLY A 463 -2.42 4.86 -45.56
C GLY A 463 -1.25 5.53 -44.87
N ALA A 464 -0.50 4.76 -44.08
CA ALA A 464 0.68 5.32 -43.41
C ALA A 464 1.72 5.78 -44.42
N MET A 465 1.96 5.02 -45.48
CA MET A 465 2.96 5.41 -46.46
C MET A 465 2.54 6.69 -47.17
N THR A 466 1.26 6.82 -47.50
CA THR A 466 0.79 7.96 -48.28
C THR A 466 1.21 9.27 -47.61
N VAL A 467 1.04 9.36 -46.30
CA VAL A 467 1.54 10.53 -45.60
C VAL A 467 3.06 10.55 -45.57
N ALA A 468 3.69 9.38 -45.44
CA ALA A 468 5.14 9.32 -45.56
C ALA A 468 5.58 9.77 -46.94
N LEU A 469 4.87 9.31 -47.98
CA LEU A 469 5.13 9.78 -49.33
C LEU A 469 5.03 11.30 -49.41
N GLY A 470 3.91 11.86 -48.92
CA GLY A 470 3.74 13.29 -48.99
C GLY A 470 4.88 14.03 -48.29
N GLU A 471 5.40 13.44 -47.22
CA GLU A 471 6.57 14.02 -46.58
C GLU A 471 7.77 13.98 -47.51
N ALA A 472 7.91 12.88 -48.28
CA ALA A 472 9.04 12.76 -49.19
C ALA A 472 8.97 13.80 -50.30
N ILE A 473 7.80 13.96 -50.91
CA ILE A 473 7.66 14.89 -52.03
C ILE A 473 7.83 16.32 -51.56
N LYS A 474 7.25 16.67 -50.41
CA LYS A 474 7.54 17.98 -49.83
C LYS A 474 9.02 18.12 -49.51
N GLN A 475 9.61 17.09 -48.90
CA GLN A 475 11.05 17.03 -48.74
C GLN A 475 11.76 16.81 -50.08
N HIS A 476 11.03 16.34 -51.09
CA HIS A 476 11.59 16.08 -52.42
C HIS A 476 12.80 15.16 -52.33
N LYS A 477 12.55 13.98 -51.78
CA LYS A 477 13.57 12.95 -51.64
C LYS A 477 13.10 11.67 -52.31
N ASP A 478 14.03 10.94 -52.91
CA ASP A 478 13.72 9.64 -53.46
C ASP A 478 13.11 8.75 -52.39
N ILE A 479 12.05 8.05 -52.76
CA ILE A 479 11.42 7.09 -51.86
C ILE A 479 10.61 6.12 -52.68
N VAL A 480 10.77 4.82 -52.42
CA VAL A 480 10.02 3.79 -53.09
C VAL A 480 8.94 3.31 -52.14
N ILE A 481 7.75 3.08 -52.68
CA ILE A 481 6.60 2.69 -51.89
C ILE A 481 5.87 1.59 -52.63
N THR A 482 5.44 0.56 -51.90
CA THR A 482 4.54 -0.41 -52.50
C THR A 482 3.23 0.28 -52.83
N GLY A 483 2.61 -0.15 -53.91
CA GLY A 483 1.44 0.56 -54.39
C GLY A 483 0.55 -0.31 -55.24
N TRP A 484 -0.57 0.27 -55.64
CA TRP A 484 -1.56 -0.40 -56.46
C TRP A 484 -2.42 0.67 -57.12
N SER A 485 -3.34 0.23 -57.98
CA SER A 485 -4.31 1.12 -58.58
C SER A 485 -5.61 0.36 -58.73
N PRO A 486 -6.76 1.05 -58.74
CA PRO A 486 -6.90 2.51 -58.71
C PRO A 486 -6.55 3.10 -57.36
N HIS A 487 -6.21 4.37 -57.32
CA HIS A 487 -5.92 5.03 -56.05
C HIS A 487 -5.97 6.54 -56.28
N TRP A 488 -5.95 7.28 -55.18
CA TRP A 488 -6.23 8.70 -55.16
C TRP A 488 -5.00 9.58 -55.21
N MET A 489 -3.89 9.12 -54.64
CA MET A 489 -2.66 9.92 -54.61
C MET A 489 -2.14 10.20 -56.02
N PHE A 490 -2.41 9.30 -56.96
CA PHE A 490 -2.06 9.56 -58.35
C PHE A 490 -2.68 10.85 -58.84
N ASN A 491 -3.85 11.20 -58.30
CA ASN A 491 -4.56 12.39 -58.74
C ASN A 491 -4.06 13.67 -58.08
N LYS A 492 -3.20 13.56 -57.06
CA LYS A 492 -2.65 14.74 -56.41
C LYS A 492 -1.16 14.90 -56.61
N TYR A 493 -0.42 13.81 -56.77
CA TYR A 493 1.02 13.85 -56.99
C TYR A 493 1.34 13.53 -58.45
N ASP A 494 2.62 13.60 -58.78
CA ASP A 494 3.12 13.25 -60.10
C ASP A 494 4.01 12.02 -59.91
N LEU A 495 3.40 10.84 -59.97
CA LEU A 495 4.08 9.59 -59.68
C LEU A 495 3.94 8.62 -60.85
N LYS A 496 4.73 7.55 -60.79
CA LYS A 496 4.78 6.58 -61.87
C LYS A 496 5.09 5.20 -61.29
N TYR A 497 4.72 4.16 -62.04
CA TYR A 497 5.16 2.82 -61.72
C TYR A 497 6.57 2.58 -62.24
N LEU A 498 7.05 1.36 -61.98
CA LEU A 498 8.31 0.86 -62.48
C LEU A 498 8.04 -0.41 -63.27
N ALA A 499 8.51 -0.45 -64.51
CA ALA A 499 8.32 -1.64 -65.32
C ALA A 499 8.97 -2.83 -64.65
N ASP A 500 8.29 -3.96 -64.68
CA ASP A 500 8.79 -5.20 -64.09
C ASP A 500 9.14 -6.17 -65.21
N PRO A 501 10.42 -6.33 -65.55
CA PRO A 501 10.76 -7.23 -66.65
C PRO A 501 10.33 -8.66 -66.42
N LYS A 502 10.23 -9.09 -65.15
CA LYS A 502 9.78 -10.43 -64.84
C LYS A 502 8.27 -10.52 -64.61
N GLY A 503 7.63 -9.42 -64.21
CA GLY A 503 6.19 -9.35 -64.12
C GLY A 503 5.56 -10.22 -63.05
N THR A 504 6.33 -10.72 -62.09
CA THR A 504 5.76 -11.59 -61.07
C THR A 504 4.73 -10.86 -60.20
N MET A 505 5.01 -9.61 -59.83
CA MET A 505 4.15 -8.93 -58.87
C MET A 505 2.81 -8.54 -59.46
N GLY A 506 2.56 -8.85 -60.73
CA GLY A 506 1.22 -8.79 -61.27
C GLY A 506 1.14 -8.18 -62.66
N THR A 507 0.60 -8.95 -63.60
CA THR A 507 0.35 -8.47 -64.96
C THR A 507 -1.13 -8.48 -65.30
N SER A 508 -1.79 -9.62 -65.17
CA SER A 508 -3.21 -9.78 -65.48
C SER A 508 -3.97 -9.80 -64.16
N GLU A 509 -4.10 -8.62 -63.56
CA GLU A 509 -4.72 -8.46 -62.26
C GLU A 509 -6.10 -7.85 -62.40
N ASN A 510 -7.04 -8.37 -61.62
CA ASN A 510 -8.43 -7.94 -61.72
C ASN A 510 -9.17 -8.34 -60.45
N ILE A 511 -9.86 -7.38 -59.83
CA ILE A 511 -10.64 -7.69 -58.65
C ILE A 511 -11.75 -8.67 -59.00
N ASN A 512 -12.04 -9.55 -58.05
CA ASN A 512 -13.15 -10.49 -58.16
C ASN A 512 -14.03 -10.36 -56.93
N THR A 513 -14.97 -11.29 -56.74
CA THR A 513 -15.72 -11.37 -55.50
C THR A 513 -16.10 -12.82 -55.26
N ILE A 514 -16.11 -13.19 -53.99
CA ILE A 514 -16.31 -14.58 -53.57
C ILE A 514 -17.49 -14.63 -52.61
N VAL A 515 -18.10 -15.81 -52.57
CA VAL A 515 -19.23 -16.06 -51.67
C VAL A 515 -19.16 -17.50 -51.22
N ARG A 516 -19.58 -17.75 -49.98
CA ARG A 516 -19.51 -19.09 -49.43
C ARG A 516 -20.38 -20.04 -50.23
N LYS A 517 -19.93 -21.29 -50.34
CA LYS A 517 -20.64 -22.28 -51.12
C LYS A 517 -22.06 -22.47 -50.60
N GLY A 518 -23.00 -22.60 -51.52
CA GLY A 518 -24.39 -22.79 -51.18
C GLY A 518 -25.15 -21.52 -50.84
N LEU A 519 -24.48 -20.36 -50.83
CA LEU A 519 -25.18 -19.12 -50.55
C LEU A 519 -26.28 -18.87 -51.58
N LYS A 520 -26.09 -19.37 -52.81
CA LYS A 520 -27.14 -19.29 -53.81
C LYS A 520 -28.42 -19.97 -53.33
N LYS A 521 -28.31 -20.91 -52.40
CA LYS A 521 -29.46 -21.61 -51.85
C LYS A 521 -29.94 -21.01 -50.53
N GLU A 522 -29.27 -19.97 -50.03
CA GLU A 522 -29.62 -19.38 -48.74
C GLU A 522 -29.84 -17.87 -48.80
N ASN A 523 -29.42 -17.20 -49.86
CA ASN A 523 -29.68 -15.78 -50.02
C ASN A 523 -29.54 -15.41 -51.50
N PRO A 524 -30.39 -15.98 -52.36
CA PRO A 524 -30.22 -15.77 -53.80
C PRO A 524 -30.22 -14.30 -54.21
N GLU A 525 -30.99 -13.47 -53.51
CA GLU A 525 -31.12 -12.07 -53.92
C GLU A 525 -29.76 -11.39 -53.98
N ALA A 526 -28.92 -11.61 -52.95
CA ALA A 526 -27.58 -11.06 -52.97
C ALA A 526 -26.70 -11.79 -53.97
N TYR A 527 -26.88 -13.10 -54.12
CA TYR A 527 -26.11 -13.85 -55.11
C TYR A 527 -26.35 -13.29 -56.50
N LYS A 528 -27.61 -13.00 -56.83
CA LYS A 528 -27.93 -12.35 -58.09
C LYS A 528 -27.32 -10.96 -58.15
N VAL A 529 -27.54 -10.16 -57.09
CA VAL A 529 -27.03 -8.80 -57.05
C VAL A 529 -25.51 -8.79 -57.15
N LEU A 530 -24.85 -9.61 -56.33
CA LEU A 530 -23.39 -9.60 -56.31
C LEU A 530 -22.81 -9.99 -57.65
N ASP A 531 -23.42 -10.99 -58.31
CA ASP A 531 -22.92 -11.44 -59.60
C ASP A 531 -22.83 -10.28 -60.59
N LYS A 532 -23.87 -9.45 -60.63
CA LYS A 532 -23.89 -8.31 -61.54
C LYS A 532 -22.99 -7.16 -61.09
N PHE A 533 -22.41 -7.23 -59.90
CA PHE A 533 -21.67 -6.08 -59.40
C PHE A 533 -20.36 -5.98 -60.17
N ASN A 534 -20.38 -5.25 -61.28
CA ASN A 534 -19.19 -5.01 -62.10
C ASN A 534 -19.37 -3.64 -62.71
N TRP A 535 -18.40 -2.75 -62.50
CA TRP A 535 -18.58 -1.32 -62.87
C TRP A 535 -17.29 -0.67 -63.34
N THR A 536 -17.38 0.57 -63.82
CA THR A 536 -16.25 1.32 -64.41
C THR A 536 -14.96 1.33 -63.59
N THR A 537 -13.79 1.29 -64.25
CA THR A 537 -12.51 1.53 -63.61
C THR A 537 -12.26 3.02 -63.39
N LYS A 538 -12.75 3.87 -64.30
CA LYS A 538 -12.13 5.17 -64.51
C LYS A 538 -12.40 6.14 -63.37
N ASP A 539 -13.67 6.52 -63.14
CA ASP A 539 -13.98 7.59 -62.21
C ASP A 539 -14.53 7.05 -60.90
N MET A 540 -14.33 5.76 -60.64
CA MET A 540 -14.48 5.29 -59.26
C MET A 540 -13.88 6.32 -58.32
N GLU A 541 -12.84 6.98 -58.79
CA GLU A 541 -11.96 7.78 -57.96
C GLU A 541 -12.71 8.95 -57.37
N ALA A 542 -13.71 9.47 -58.09
CA ALA A 542 -14.62 10.45 -57.51
C ALA A 542 -15.06 9.99 -56.13
N VAL A 543 -15.32 8.71 -55.98
CA VAL A 543 -15.60 8.16 -54.66
C VAL A 543 -14.41 8.41 -53.74
N MET A 544 -13.20 8.21 -54.26
CA MET A 544 -12.01 8.26 -53.40
C MET A 544 -11.34 9.63 -53.42
N LEU A 545 -11.43 10.37 -54.54
CA LEU A 545 -10.89 11.73 -54.54
C LEU A 545 -11.79 12.67 -53.73
N ASP A 546 -13.10 12.47 -53.82
CA ASP A 546 -14.01 13.32 -53.05
C ASP A 546 -13.75 13.17 -51.56
N ILE A 547 -13.56 11.93 -51.10
CA ILE A 547 -13.35 11.69 -49.67
C ILE A 547 -12.10 12.39 -49.20
N GLN A 548 -10.99 12.18 -49.92
CA GLN A 548 -9.72 12.74 -49.49
C GLN A 548 -9.77 14.27 -49.46
N ASN A 549 -10.74 14.86 -50.16
CA ASN A 549 -10.89 16.31 -50.15
C ASN A 549 -11.67 16.82 -48.95
N GLY A 550 -12.33 15.94 -48.20
CA GLY A 550 -12.96 16.34 -46.96
C GLY A 550 -14.43 16.01 -46.81
N LYS A 551 -14.93 15.03 -47.57
CA LYS A 551 -16.31 14.57 -47.42
C LYS A 551 -16.34 13.18 -46.80
N THR A 552 -17.50 12.85 -46.27
CA THR A 552 -17.79 11.60 -45.63
C THR A 552 -17.87 10.48 -46.65
N PRO A 553 -17.46 9.26 -46.29
CA PRO A 553 -17.55 8.17 -47.28
C PRO A 553 -18.94 7.95 -47.85
N GLU A 554 -19.96 7.91 -46.99
CA GLU A 554 -21.32 7.70 -47.49
C GLU A 554 -21.77 8.88 -48.34
N GLU A 555 -21.46 10.10 -47.92
CA GLU A 555 -21.87 11.28 -48.67
C GLU A 555 -21.30 11.25 -50.07
N ALA A 556 -20.02 10.89 -50.19
CA ALA A 556 -19.40 10.76 -51.51
C ALA A 556 -19.93 9.53 -52.24
N ALA A 557 -20.20 8.45 -51.50
CA ALA A 557 -20.76 7.25 -52.13
C ALA A 557 -22.17 7.52 -52.62
N LYS A 558 -22.93 8.34 -51.90
CA LYS A 558 -24.25 8.74 -52.38
C LYS A 558 -24.16 9.47 -53.71
N ASN A 559 -23.23 10.43 -53.82
CA ASN A 559 -23.22 11.33 -54.96
C ASN A 559 -22.97 10.57 -56.26
N TRP A 560 -22.01 9.65 -56.24
CA TRP A 560 -21.72 8.89 -57.46
C TRP A 560 -22.92 8.10 -57.92
N ILE A 561 -23.71 7.55 -57.00
CA ILE A 561 -24.82 6.69 -57.38
C ILE A 561 -25.88 7.48 -58.12
N LYS A 562 -26.11 8.73 -57.71
CA LYS A 562 -27.04 9.59 -58.44
C LYS A 562 -26.58 9.79 -59.88
N ASP A 563 -25.29 10.04 -60.06
CA ASP A 563 -24.76 10.24 -61.41
C ASP A 563 -24.96 8.99 -62.26
N HIS A 564 -24.80 7.82 -61.66
CA HIS A 564 -24.80 6.55 -62.37
C HIS A 564 -25.87 5.61 -61.82
N GLN A 565 -27.02 6.18 -61.45
CA GLN A 565 -28.11 5.36 -60.92
C GLN A 565 -28.54 4.29 -61.92
N LYS A 566 -28.52 4.62 -63.21
CA LYS A 566 -28.92 3.65 -64.22
C LYS A 566 -28.01 2.43 -64.18
N GLU A 567 -26.71 2.65 -64.11
CA GLU A 567 -25.77 1.53 -64.01
C GLU A 567 -25.97 0.79 -62.69
N VAL A 568 -26.22 1.51 -61.61
CA VAL A 568 -26.43 0.88 -60.31
C VAL A 568 -27.60 -0.09 -60.38
N ASP A 569 -28.72 0.37 -60.95
CA ASP A 569 -29.91 -0.48 -61.01
C ASP A 569 -29.64 -1.76 -61.77
N LYS A 570 -28.63 -1.76 -62.64
CA LYS A 570 -28.25 -2.99 -63.33
C LYS A 570 -27.80 -4.05 -62.34
N TRP A 571 -27.13 -3.62 -61.26
CA TRP A 571 -26.67 -4.57 -60.25
C TRP A 571 -27.84 -5.23 -59.56
N PHE A 572 -28.88 -4.46 -59.25
CA PHE A 572 -30.01 -4.96 -58.46
C PHE A 572 -30.67 -6.16 -59.11
N LYS A 573 -30.63 -6.23 -60.44
CA LYS A 573 -31.26 -7.35 -61.20
C LYS A 573 -30.72 -8.68 -60.66
N GLY B 7 -25.79 19.88 -36.03
CA GLY B 7 -25.21 20.74 -35.02
C GLY B 7 -23.82 20.28 -34.60
N GLN B 8 -23.16 19.53 -35.48
CA GLN B 8 -21.87 18.95 -35.14
C GLN B 8 -20.81 20.03 -35.01
N VAL B 9 -19.76 19.71 -34.25
CA VAL B 9 -18.65 20.62 -34.00
C VAL B 9 -17.42 20.05 -34.70
N PRO B 10 -16.57 20.88 -35.32
CA PRO B 10 -15.49 20.34 -36.17
C PRO B 10 -14.20 20.04 -35.40
N ILE B 11 -14.25 19.03 -34.54
CA ILE B 11 -13.05 18.57 -33.86
C ILE B 11 -12.04 18.01 -34.85
N ALA B 12 -12.53 17.22 -35.80
CA ALA B 12 -11.64 16.61 -36.78
C ALA B 12 -10.83 17.66 -37.52
N ASN B 13 -11.52 18.71 -38.01
CA ASN B 13 -10.84 19.73 -38.78
C ASN B 13 -9.85 20.50 -37.93
N TRP B 14 -10.22 20.84 -36.69
CA TRP B 14 -9.30 21.56 -35.83
C TRP B 14 -8.03 20.75 -35.58
N VAL B 15 -8.20 19.47 -35.25
CA VAL B 15 -7.04 18.65 -34.93
C VAL B 15 -6.18 18.45 -36.17
N SER B 16 -6.79 18.20 -37.33
CA SER B 16 -6.01 18.02 -38.55
C SER B 16 -5.24 19.30 -38.89
N SER B 17 -5.88 20.46 -38.76
CA SER B 17 -5.20 21.71 -39.05
C SER B 17 -4.03 21.94 -38.11
N ALA B 18 -4.24 21.67 -36.81
CA ALA B 18 -3.18 21.87 -35.84
C ALA B 18 -2.01 20.93 -36.13
N THR B 19 -2.31 19.67 -36.45
CA THR B 19 -1.27 18.71 -36.75
C THR B 19 -0.49 19.13 -37.99
N ASP B 20 -1.19 19.55 -39.03
CA ASP B 20 -0.52 19.96 -40.26
C ASP B 20 0.36 21.18 -40.02
N TRP B 21 -0.16 22.16 -39.27
CA TRP B 21 0.61 23.36 -38.99
C TRP B 21 1.87 23.05 -38.19
N ILE B 22 1.72 22.23 -37.13
CA ILE B 22 2.87 21.92 -36.29
C ILE B 22 3.90 21.12 -37.06
N THR B 23 3.46 20.14 -37.85
CA THR B 23 4.41 19.30 -38.56
C THR B 23 5.05 20.02 -39.74
N SER B 24 4.37 21.00 -40.34
CA SER B 24 4.97 21.80 -41.39
C SER B 24 5.78 22.97 -40.85
N THR B 25 5.67 23.27 -39.56
CA THR B 25 6.39 24.38 -38.96
C THR B 25 7.72 23.94 -38.36
N PHE B 26 7.72 22.84 -37.60
CA PHE B 26 8.93 22.33 -36.96
C PHE B 26 9.58 21.22 -37.78
N SER B 27 9.41 21.25 -39.10
CA SER B 27 9.77 20.10 -39.93
C SER B 27 11.26 19.80 -39.84
N SER B 28 12.11 20.83 -39.85
CA SER B 28 13.55 20.59 -39.81
C SER B 28 13.95 19.85 -38.54
N GLY B 29 13.39 20.26 -37.40
CA GLY B 29 13.71 19.58 -36.15
C GLY B 29 13.29 18.12 -36.18
N PHE B 30 12.09 17.86 -36.68
CA PHE B 30 11.62 16.48 -36.77
C PHE B 30 12.51 15.67 -37.70
N ASP B 31 12.94 16.26 -38.81
CA ASP B 31 13.78 15.53 -39.76
C ASP B 31 15.14 15.19 -39.16
N VAL B 32 15.76 16.16 -38.47
CA VAL B 32 17.05 15.89 -37.85
C VAL B 32 16.91 14.85 -36.75
N ILE B 33 15.81 14.92 -35.99
CA ILE B 33 15.57 13.92 -34.96
C ILE B 33 15.38 12.56 -35.59
N GLN B 34 14.66 12.50 -36.71
CA GLN B 34 14.48 11.23 -37.42
C GLN B 34 15.83 10.65 -37.81
N LYS B 35 16.68 11.47 -38.42
CA LYS B 35 17.99 11.00 -38.85
C LYS B 35 18.81 10.48 -37.67
N SER B 36 18.92 11.30 -36.62
CA SER B 36 19.72 10.91 -35.48
C SER B 36 19.18 9.65 -34.82
N GLY B 37 17.86 9.60 -34.60
CA GLY B 37 17.29 8.44 -33.95
C GLY B 37 17.45 7.18 -34.75
N THR B 38 17.21 7.24 -36.06
CA THR B 38 17.31 6.04 -36.87
C THR B 38 18.75 5.55 -36.93
N VAL B 39 19.72 6.44 -37.13
CA VAL B 39 21.10 5.99 -37.16
C VAL B 39 21.50 5.41 -35.81
N LEU B 40 21.11 6.07 -34.73
CA LEU B 40 21.47 5.61 -33.40
C LEU B 40 20.90 4.22 -33.14
N MET B 41 19.63 4.01 -33.51
CA MET B 41 18.98 2.73 -33.23
C MET B 41 19.55 1.63 -34.11
N ASN B 42 19.83 1.93 -35.38
CA ASN B 42 20.45 0.93 -36.23
C ASN B 42 21.84 0.56 -35.71
N GLY B 43 22.59 1.55 -35.24
CA GLY B 43 23.89 1.25 -34.68
C GLY B 43 23.80 0.41 -33.42
N ILE B 44 22.85 0.74 -32.54
CA ILE B 44 22.67 -0.04 -31.32
C ILE B 44 22.29 -1.47 -31.66
N THR B 45 21.37 -1.65 -32.61
CA THR B 45 20.94 -2.99 -32.98
C THR B 45 22.10 -3.78 -33.60
N GLY B 46 22.89 -3.13 -34.46
CA GLY B 46 24.05 -3.80 -35.01
C GLY B 46 25.04 -4.18 -33.95
N ALA B 47 25.22 -3.32 -32.95
CA ALA B 47 26.10 -3.65 -31.83
C ALA B 47 25.59 -4.88 -31.09
N LEU B 48 24.31 -4.90 -30.77
CA LEU B 48 23.76 -5.97 -29.95
C LEU B 48 23.61 -7.28 -30.71
N THR B 49 23.49 -7.24 -32.02
CA THR B 49 23.40 -8.46 -32.82
C THR B 49 24.76 -8.93 -33.31
N ALA B 50 25.75 -8.05 -33.32
CA ALA B 50 27.11 -8.47 -33.62
C ALA B 50 27.59 -9.49 -32.62
N VAL B 51 27.25 -9.29 -31.35
CA VAL B 51 27.58 -10.21 -30.28
C VAL B 51 26.98 -11.57 -30.60
N PRO B 52 27.76 -12.65 -30.60
CA PRO B 52 27.18 -13.98 -30.81
C PRO B 52 26.17 -14.30 -29.72
N PHE B 53 25.16 -15.09 -30.10
CA PHE B 53 24.03 -15.29 -29.21
C PHE B 53 24.38 -16.16 -28.01
N TRP B 54 25.24 -17.17 -28.21
CA TRP B 54 25.67 -17.98 -27.07
C TRP B 54 26.32 -17.11 -26.01
N LEU B 55 27.15 -16.16 -26.44
CA LEU B 55 27.83 -15.29 -25.49
C LEU B 55 26.84 -14.50 -24.66
N MET B 56 25.84 -13.90 -25.32
CA MET B 56 24.91 -13.02 -24.59
C MET B 56 23.99 -13.83 -23.70
N ILE B 57 23.54 -15.01 -24.17
CA ILE B 57 22.75 -15.88 -23.32
C ILE B 57 23.53 -16.24 -22.07
N ALA B 58 24.80 -16.63 -22.24
CA ALA B 58 25.62 -17.00 -21.10
C ALA B 58 25.80 -15.82 -20.15
N VAL B 59 26.06 -14.63 -20.69
CA VAL B 59 26.25 -13.46 -19.85
C VAL B 59 25.00 -13.19 -19.03
N VAL B 60 23.84 -13.25 -19.68
CA VAL B 60 22.60 -12.92 -18.98
C VAL B 60 22.28 -13.97 -17.94
N THR B 61 22.54 -15.24 -18.24
CA THR B 61 22.33 -16.29 -17.24
C THR B 61 23.26 -16.07 -16.06
N ILE B 62 24.47 -15.61 -16.33
CA ILE B 62 25.41 -15.25 -15.27
C ILE B 62 24.83 -14.13 -14.41
N LEU B 63 24.25 -13.12 -15.05
CA LEU B 63 23.63 -12.05 -14.29
C LEU B 63 22.49 -12.57 -13.43
N ALA B 64 21.71 -13.51 -13.97
CA ALA B 64 20.63 -14.09 -13.19
C ALA B 64 21.17 -14.80 -11.95
N ILE B 65 22.22 -15.60 -12.13
CA ILE B 65 22.82 -16.28 -10.99
C ILE B 65 23.39 -15.27 -10.00
N LEU B 66 24.00 -14.21 -10.51
CA LEU B 66 24.56 -13.17 -9.64
C LEU B 66 23.48 -12.52 -8.78
N VAL B 67 22.40 -12.05 -9.41
CA VAL B 67 21.35 -11.37 -8.68
C VAL B 67 20.58 -12.36 -7.81
N SER B 68 20.51 -13.62 -8.24
CA SER B 68 19.87 -14.67 -7.46
C SER B 68 20.87 -15.81 -7.35
N GLY B 69 21.47 -15.97 -6.17
CA GLY B 69 22.56 -16.91 -6.02
C GLY B 69 22.12 -18.31 -5.65
N LYS B 70 21.24 -18.41 -4.66
CA LYS B 70 20.78 -19.72 -4.21
C LYS B 70 19.77 -20.32 -5.18
N LYS B 71 18.90 -19.49 -5.73
CA LYS B 71 17.84 -19.96 -6.60
C LYS B 71 18.36 -20.26 -8.00
N ILE B 72 17.85 -21.32 -8.61
CA ILE B 72 18.29 -21.79 -9.91
C ILE B 72 17.17 -21.76 -10.93
N ALA B 73 15.91 -21.60 -10.50
CA ALA B 73 14.79 -21.66 -11.43
C ALA B 73 14.80 -20.48 -12.38
N PHE B 74 14.99 -19.27 -11.85
CA PHE B 74 14.97 -18.08 -12.71
C PHE B 74 16.10 -18.08 -13.73
N PRO B 75 17.37 -18.29 -13.37
CA PRO B 75 18.40 -18.36 -14.40
C PRO B 75 18.20 -19.50 -15.37
N LEU B 76 17.69 -20.64 -14.89
CA LEU B 76 17.41 -21.75 -15.78
C LEU B 76 16.37 -21.34 -16.82
N PHE B 77 15.31 -20.67 -16.37
CA PHE B 77 14.28 -20.19 -17.29
C PHE B 77 14.87 -19.19 -18.27
N THR B 78 15.73 -18.30 -17.79
CA THR B 78 16.37 -17.34 -18.68
C THR B 78 17.12 -18.05 -19.79
N PHE B 79 18.00 -18.97 -19.42
CA PHE B 79 18.78 -19.66 -20.44
C PHE B 79 17.88 -20.42 -21.40
N ILE B 80 16.88 -21.13 -20.87
CA ILE B 80 16.02 -21.95 -21.72
C ILE B 80 15.27 -21.08 -22.71
N GLY B 81 14.67 -19.99 -22.21
CA GLY B 81 13.88 -19.14 -23.08
C GLY B 81 14.72 -18.47 -24.15
N LEU B 82 15.89 -17.94 -23.77
CA LEU B 82 16.72 -17.28 -24.76
C LEU B 82 17.26 -18.27 -25.79
N SER B 83 17.59 -19.48 -25.35
CA SER B 83 17.99 -20.52 -26.29
C SER B 83 16.85 -20.83 -27.25
N LEU B 84 15.63 -20.90 -26.74
CA LEU B 84 14.48 -21.15 -27.59
C LEU B 84 14.33 -20.07 -28.65
N ILE B 85 14.42 -18.81 -28.21
CA ILE B 85 14.35 -17.68 -29.14
C ILE B 85 15.38 -17.85 -30.24
N ALA B 86 16.65 -17.94 -29.84
CA ALA B 86 17.73 -18.04 -30.82
C ALA B 86 17.56 -19.24 -31.73
N ASN B 87 16.93 -20.30 -31.23
CA ASN B 87 16.62 -21.44 -32.07
C ASN B 87 15.64 -21.06 -33.17
N GLN B 88 14.53 -20.41 -32.78
CA GLN B 88 13.50 -20.09 -33.76
C GLN B 88 13.94 -19.00 -34.72
N GLY B 89 15.01 -18.28 -34.41
CA GLY B 89 15.56 -17.28 -35.30
C GLY B 89 15.21 -15.85 -34.96
N LEU B 90 14.56 -15.61 -33.82
CA LEU B 90 14.08 -14.29 -33.46
C LEU B 90 15.07 -13.61 -32.51
N TRP B 91 16.28 -13.39 -33.03
CA TRP B 91 17.33 -12.72 -32.27
C TRP B 91 17.52 -11.27 -32.69
N SER B 92 17.76 -11.01 -33.98
CA SER B 92 17.90 -9.63 -34.43
C SER B 92 16.63 -8.85 -34.12
N ASP B 93 15.48 -9.46 -34.37
CA ASP B 93 14.21 -8.86 -33.97
C ASP B 93 14.23 -8.53 -32.48
N LEU B 94 14.74 -9.46 -31.68
CA LEU B 94 14.75 -9.27 -30.24
C LEU B 94 15.60 -8.07 -29.87
N MET B 95 16.76 -7.92 -30.50
CA MET B 95 17.64 -6.80 -30.18
C MET B 95 17.02 -5.47 -30.61
N SER B 96 16.33 -5.44 -31.76
CA SER B 96 15.64 -4.23 -32.15
C SER B 96 14.56 -3.87 -31.12
N THR B 97 13.82 -4.88 -30.66
CA THR B 97 12.82 -4.64 -29.64
C THR B 97 13.46 -4.08 -28.38
N ILE B 98 14.61 -4.63 -27.98
CA ILE B 98 15.28 -4.16 -26.77
C ILE B 98 15.71 -2.71 -26.93
N THR B 99 16.29 -2.37 -28.07
CA THR B 99 16.77 -0.99 -28.22
C THR B 99 15.61 -0.01 -28.21
N LEU B 100 14.49 -0.38 -28.84
CA LEU B 100 13.30 0.47 -28.75
C LEU B 100 12.87 0.62 -27.31
N VAL B 101 12.83 -0.48 -26.56
CA VAL B 101 12.42 -0.44 -25.17
C VAL B 101 13.34 0.46 -24.36
N LEU B 102 14.65 0.36 -24.62
CA LEU B 102 15.61 1.15 -23.86
C LEU B 102 15.42 2.64 -24.15
N LEU B 103 15.34 3.00 -25.41
CA LEU B 103 15.15 4.41 -25.74
C LEU B 103 13.87 4.94 -25.10
N SER B 104 12.78 4.19 -25.24
CA SER B 104 11.51 4.64 -24.70
C SER B 104 11.58 4.78 -23.18
N SER B 105 12.11 3.77 -22.50
CA SER B 105 12.14 3.77 -21.05
C SER B 105 13.01 4.90 -20.52
N LEU B 106 14.19 5.06 -21.09
CA LEU B 106 15.08 6.13 -20.61
C LEU B 106 14.50 7.50 -20.89
N LEU B 107 13.91 7.71 -22.06
CA LEU B 107 13.30 9.00 -22.32
C LEU B 107 12.17 9.27 -21.33
N SER B 108 11.32 8.26 -21.09
CA SER B 108 10.20 8.43 -20.19
C SER B 108 10.68 8.74 -18.78
N ILE B 109 11.66 7.99 -18.29
CA ILE B 109 12.21 8.24 -16.97
C ILE B 109 12.79 9.65 -16.90
N ILE B 110 13.64 9.99 -17.87
CA ILE B 110 14.35 11.26 -17.84
C ILE B 110 13.38 12.42 -17.78
N ILE B 111 12.30 12.35 -18.55
CA ILE B 111 11.39 13.47 -18.61
C ILE B 111 10.24 13.38 -17.62
N GLY B 112 10.07 12.24 -16.95
CA GLY B 112 9.00 12.09 -16.00
C GLY B 112 9.41 12.26 -14.55
N VAL B 113 10.52 11.61 -14.17
CA VAL B 113 10.95 11.69 -12.78
C VAL B 113 11.13 13.13 -12.34
N PRO B 114 11.84 13.98 -13.08
CA PRO B 114 11.86 15.41 -12.72
C PRO B 114 10.47 16.01 -12.66
N LEU B 115 9.59 15.61 -13.57
CA LEU B 115 8.22 16.09 -13.54
C LEU B 115 7.51 15.58 -12.29
N GLY B 116 7.84 14.37 -11.85
CA GLY B 116 7.31 13.89 -10.58
C GLY B 116 7.78 14.74 -9.42
N ILE B 117 9.06 15.12 -9.44
CA ILE B 117 9.57 16.01 -8.40
C ILE B 117 8.77 17.30 -8.38
N TRP B 118 8.61 17.90 -9.55
CA TRP B 118 7.90 19.17 -9.65
C TRP B 118 6.46 19.02 -9.18
N MET B 119 5.81 17.91 -9.53
CA MET B 119 4.46 17.67 -9.09
C MET B 119 4.39 17.59 -7.56
N ALA B 120 5.35 16.91 -6.96
CA ALA B 120 5.37 16.79 -5.51
C ALA B 120 5.72 18.09 -4.81
N LYS B 121 6.41 18.99 -5.51
CA LYS B 121 6.85 20.24 -4.89
C LYS B 121 5.80 21.33 -4.96
N SER B 122 4.95 21.31 -5.98
CA SER B 122 3.86 22.27 -6.12
C SER B 122 2.54 21.52 -6.26
N ASP B 123 1.55 21.92 -5.48
CA ASP B 123 0.22 21.35 -5.58
C ASP B 123 -0.51 21.80 -6.83
N LEU B 124 -0.14 22.95 -7.39
CA LEU B 124 -0.74 23.42 -8.63
C LEU B 124 -0.41 22.50 -9.79
N VAL B 125 0.85 22.09 -9.90
CA VAL B 125 1.26 21.26 -11.03
C VAL B 125 0.60 19.90 -10.96
N ALA B 126 0.39 19.38 -9.75
CA ALA B 126 -0.34 18.12 -9.62
C ALA B 126 -1.75 18.27 -10.16
N LYS B 127 -2.42 19.37 -9.80
CA LYS B 127 -3.76 19.62 -10.31
C LYS B 127 -3.75 19.73 -11.83
N ILE B 128 -2.72 20.35 -12.39
CA ILE B 128 -2.64 20.48 -13.84
C ILE B 128 -2.43 19.13 -14.50
N VAL B 129 -1.60 18.28 -13.92
CA VAL B 129 -1.04 17.12 -14.60
C VAL B 129 -1.89 15.88 -14.40
N GLN B 130 -2.31 15.60 -13.17
CA GLN B 130 -3.05 14.37 -12.90
C GLN B 130 -4.17 14.21 -13.91
N PRO B 131 -4.90 15.28 -14.24
CA PRO B 131 -5.86 15.17 -15.36
C PRO B 131 -5.19 14.74 -16.65
N ILE B 132 -4.00 15.28 -16.93
CA ILE B 132 -3.31 14.93 -18.17
C ILE B 132 -2.85 13.47 -18.12
N LEU B 133 -2.40 13.01 -16.95
CA LEU B 133 -2.00 11.61 -16.85
C LEU B 133 -3.20 10.70 -17.04
N ASP B 134 -4.35 11.09 -16.51
CA ASP B 134 -5.56 10.30 -16.72
C ASP B 134 -5.95 10.28 -18.20
N PHE B 135 -5.83 11.42 -18.87
CA PHE B 135 -6.11 11.50 -20.30
C PHE B 135 -5.06 10.78 -21.13
N MET B 136 -3.88 10.52 -20.57
CA MET B 136 -2.80 9.90 -21.31
C MET B 136 -2.74 8.39 -21.16
N GLN B 137 -2.93 7.89 -19.93
CA GLN B 137 -2.84 6.46 -19.70
C GLN B 137 -4.12 5.74 -20.07
N THR B 138 -5.15 6.48 -20.44
CA THR B 138 -6.44 5.91 -20.77
C THR B 138 -6.69 5.83 -22.27
N MET B 139 -6.03 6.66 -23.06
CA MET B 139 -6.16 6.56 -24.51
C MET B 139 -5.51 5.26 -24.97
N PRO B 140 -6.09 4.61 -25.99
CA PRO B 140 -5.45 3.44 -26.56
C PRO B 140 -4.15 3.81 -27.27
N GLY B 141 -3.24 2.86 -27.30
CA GLY B 141 -1.96 3.12 -27.93
C GLY B 141 -2.10 3.45 -29.40
N PHE B 142 -3.09 2.85 -30.07
CA PHE B 142 -3.27 3.05 -31.49
C PHE B 142 -3.17 4.52 -31.88
N VAL B 143 -3.74 5.40 -31.07
CA VAL B 143 -3.80 6.81 -31.45
C VAL B 143 -2.41 7.42 -31.47
N TYR B 144 -1.60 7.10 -30.47
CA TYR B 144 -0.44 7.91 -30.17
C TYR B 144 0.54 7.95 -31.32
N LEU B 145 0.52 6.94 -32.18
CA LEU B 145 1.45 6.81 -33.28
C LEU B 145 1.02 7.58 -34.52
N ILE B 146 -0.26 7.86 -34.69
CA ILE B 146 -0.75 8.55 -35.87
C ILE B 146 -0.03 9.89 -35.99
N PRO B 147 0.03 10.71 -34.94
CA PRO B 147 0.88 11.91 -35.03
C PRO B 147 2.34 11.58 -35.22
N ALA B 148 2.80 10.45 -34.67
CA ALA B 148 4.21 10.08 -34.82
C ALA B 148 4.59 10.03 -36.30
N VAL B 149 3.83 9.28 -37.09
CA VAL B 149 4.06 9.23 -38.53
C VAL B 149 4.00 10.64 -39.10
N ALA B 150 3.01 11.42 -38.66
CA ALA B 150 2.84 12.76 -39.18
C ALA B 150 4.05 13.63 -38.86
N PHE B 151 4.78 13.31 -37.80
CA PHE B 151 5.92 14.12 -37.38
C PHE B 151 7.24 13.49 -37.83
N PHE B 152 7.39 12.19 -37.57
CA PHE B 152 8.65 11.51 -37.76
C PHE B 152 8.65 10.53 -38.92
N GLY B 153 7.46 10.05 -39.32
CA GLY B 153 7.37 9.16 -40.45
C GLY B 153 7.64 7.72 -40.08
N ILE B 154 7.49 6.84 -41.08
CA ILE B 154 7.68 5.42 -40.87
C ILE B 154 9.03 5.16 -40.22
N GLY B 155 9.08 4.09 -39.43
CA GLY B 155 10.34 3.64 -38.86
C GLY B 155 10.27 3.29 -37.40
N VAL B 156 11.29 3.71 -36.66
CA VAL B 156 11.43 3.39 -35.26
C VAL B 156 11.21 4.61 -34.37
N VAL B 157 11.68 5.77 -34.82
CA VAL B 157 11.53 7.02 -34.09
C VAL B 157 10.07 7.18 -33.65
N PRO B 158 9.09 7.03 -34.55
CA PRO B 158 7.70 7.11 -34.09
C PRO B 158 7.37 6.08 -33.04
N GLY B 159 7.95 4.88 -33.17
CA GLY B 159 7.68 3.85 -32.18
C GLY B 159 8.13 4.26 -30.80
N VAL B 160 9.34 4.78 -30.68
CA VAL B 160 9.83 5.18 -29.37
C VAL B 160 9.10 6.42 -28.88
N PHE B 161 8.73 7.34 -29.76
CA PHE B 161 7.96 8.50 -29.33
C PHE B 161 6.64 8.07 -28.73
N ALA B 162 5.92 7.19 -29.42
CA ALA B 162 4.64 6.71 -28.91
C ALA B 162 4.82 5.94 -27.62
N SER B 163 5.87 5.12 -27.54
CA SER B 163 6.13 4.38 -26.32
C SER B 163 6.43 5.32 -25.16
N VAL B 164 7.19 6.38 -25.42
CA VAL B 164 7.45 7.39 -24.40
C VAL B 164 6.14 7.96 -23.89
N ILE B 165 5.29 8.40 -24.81
CA ILE B 165 4.06 9.06 -24.40
C ILE B 165 3.12 8.11 -23.70
N PHE B 166 3.17 6.82 -24.03
CA PHE B 166 2.28 5.84 -23.42
C PHE B 166 2.82 5.29 -22.10
N ALA B 167 4.12 5.46 -21.82
CA ALA B 167 4.74 4.86 -20.66
C ALA B 167 5.17 5.88 -19.61
N LEU B 168 5.19 7.16 -19.95
CA LEU B 168 5.54 8.19 -18.98
C LEU B 168 4.61 8.41 -17.79
N PRO B 169 3.32 8.08 -17.87
CA PRO B 169 2.43 8.39 -16.77
C PRO B 169 2.81 7.66 -15.50
N PRO B 170 2.79 6.32 -15.48
CA PRO B 170 2.99 5.63 -14.20
C PRO B 170 4.31 6.00 -13.55
N THR B 171 5.35 6.26 -14.35
CA THR B 171 6.58 6.78 -13.79
C THR B 171 6.34 8.07 -13.04
N VAL B 172 5.71 9.04 -13.68
CA VAL B 172 5.51 10.33 -13.03
C VAL B 172 4.64 10.17 -11.79
N ARG B 173 3.56 9.39 -11.92
CA ARG B 173 2.61 9.23 -10.84
C ARG B 173 3.27 8.58 -9.62
N MET B 174 4.01 7.49 -9.84
CA MET B 174 4.69 6.85 -8.72
C MET B 174 5.76 7.75 -8.13
N THR B 175 6.46 8.52 -8.94
CA THR B 175 7.45 9.43 -8.39
C THR B 175 6.79 10.42 -7.44
N ASN B 176 5.74 11.10 -7.92
CA ASN B 176 5.07 12.08 -7.08
C ASN B 176 4.49 11.44 -5.83
N LEU B 177 3.87 10.28 -5.97
CA LEU B 177 3.25 9.61 -4.84
C LEU B 177 4.29 9.16 -3.82
N GLY B 178 5.44 8.71 -4.29
CA GLY B 178 6.47 8.21 -3.39
C GLY B 178 7.32 9.30 -2.78
N ILE B 179 7.25 10.52 -3.31
CA ILE B 179 7.87 11.64 -2.64
C ILE B 179 6.90 12.38 -1.74
N ARG B 180 5.59 12.25 -1.99
CA ARG B 180 4.59 12.92 -1.19
C ARG B 180 4.19 12.13 0.05
N GLN B 181 4.56 10.85 0.12
CA GLN B 181 4.12 10.01 1.23
C GLN B 181 5.18 9.82 2.31
N VAL B 182 6.36 10.42 2.16
CA VAL B 182 7.36 10.31 3.21
C VAL B 182 6.84 10.99 4.47
N SER B 183 7.10 10.38 5.62
CA SER B 183 6.61 10.92 6.87
C SER B 183 7.04 12.36 7.04
N THR B 184 6.07 13.23 7.37
CA THR B 184 6.37 14.63 7.56
C THR B 184 7.28 14.87 8.75
N GLU B 185 7.44 13.88 9.63
CA GLU B 185 8.37 14.04 10.73
C GLU B 185 9.80 14.09 10.24
N LEU B 186 10.18 13.18 9.34
CA LEU B 186 11.52 13.22 8.76
C LEU B 186 11.72 14.48 7.94
N VAL B 187 10.69 14.91 7.21
CA VAL B 187 10.78 16.14 6.45
C VAL B 187 11.01 17.33 7.37
N GLU B 188 10.30 17.38 8.49
CA GLU B 188 10.48 18.46 9.44
C GLU B 188 11.84 18.40 10.09
N ALA B 189 12.36 17.20 10.33
CA ALA B 189 13.71 17.05 10.83
C ALA B 189 14.71 17.63 9.84
N ALA B 190 14.54 17.29 8.57
CA ALA B 190 15.44 17.77 7.54
C ALA B 190 15.38 19.28 7.42
N ASP B 191 14.18 19.86 7.41
CA ASP B 191 14.03 21.30 7.30
C ASP B 191 14.42 22.02 8.58
N SER B 192 14.49 21.31 9.70
CA SER B 192 14.84 21.92 10.98
C SER B 192 16.32 21.96 11.23
N PHE B 193 17.10 21.07 10.61
CA PHE B 193 18.54 21.11 10.66
C PHE B 193 19.13 21.91 9.52
N GLY B 194 18.29 22.62 8.76
CA GLY B 194 18.76 23.45 7.70
C GLY B 194 19.24 22.68 6.49
N SER B 195 18.31 22.02 5.82
CA SER B 195 18.60 21.24 4.62
C SER B 195 17.74 21.77 3.49
N THR B 196 18.39 22.39 2.50
CA THR B 196 17.69 22.90 1.34
C THR B 196 17.04 21.76 0.58
N ALA B 197 16.25 22.13 -0.44
CA ALA B 197 15.51 21.13 -1.19
C ALA B 197 16.45 20.07 -1.76
N ARG B 198 17.62 20.48 -2.23
CA ARG B 198 18.56 19.51 -2.78
C ARG B 198 19.03 18.53 -1.72
N GLN B 199 19.34 19.02 -0.53
CA GLN B 199 19.89 18.17 0.50
C GLN B 199 18.92 17.05 0.87
N LYS B 200 17.68 17.42 1.20
CA LYS B 200 16.68 16.44 1.58
C LYS B 200 16.21 15.61 0.40
N LEU B 201 16.25 16.17 -0.80
CA LEU B 201 15.87 15.42 -1.99
C LEU B 201 16.88 14.31 -2.29
N PHE B 202 18.16 14.57 -2.10
CA PHE B 202 19.20 13.59 -2.39
C PHE B 202 19.66 12.82 -1.17
N LYS B 203 19.10 13.11 0.01
CA LYS B 203 19.46 12.40 1.23
C LYS B 203 18.27 11.74 1.90
N LEU B 204 17.07 12.27 1.72
CA LEU B 204 15.88 11.79 2.40
C LEU B 204 14.79 11.32 1.45
N GLU B 205 14.43 12.14 0.46
CA GLU B 205 13.28 11.83 -0.37
C GLU B 205 13.55 10.63 -1.27
N PHE B 206 14.58 10.71 -2.10
CA PHE B 206 14.89 9.60 -3.01
C PHE B 206 15.05 8.27 -2.28
N PRO B 207 16.07 8.07 -1.46
CA PRO B 207 16.34 6.74 -0.92
C PRO B 207 15.14 6.07 -0.27
N LEU B 208 14.12 6.86 0.06
CA LEU B 208 12.89 6.33 0.63
C LEU B 208 11.78 6.15 -0.41
N ALA B 209 11.82 6.92 -1.50
CA ALA B 209 10.86 6.76 -2.57
C ALA B 209 11.32 5.73 -3.61
N LYS B 210 12.57 5.28 -3.52
CA LYS B 210 13.15 4.47 -4.57
C LYS B 210 12.29 3.25 -4.89
N GLY B 211 11.66 2.64 -3.89
CA GLY B 211 10.84 1.48 -4.15
C GLY B 211 9.68 1.81 -5.07
N THR B 212 8.94 2.86 -4.72
CA THR B 212 7.82 3.28 -5.55
C THR B 212 8.30 3.69 -6.94
N ILE B 213 9.41 4.43 -6.99
CA ILE B 213 9.90 4.92 -8.27
C ILE B 213 10.25 3.77 -9.19
N MET B 214 10.99 2.78 -8.67
CA MET B 214 11.39 1.66 -9.51
C MET B 214 10.20 0.78 -9.86
N ALA B 215 9.20 0.69 -8.98
CA ALA B 215 7.98 -0.03 -9.35
C ALA B 215 7.29 0.66 -10.52
N GLY B 216 7.14 1.97 -10.43
CA GLY B 216 6.56 2.72 -11.53
C GLY B 216 7.37 2.60 -12.80
N VAL B 217 8.70 2.50 -12.66
CA VAL B 217 9.55 2.32 -13.83
C VAL B 217 9.53 0.92 -14.42
N ASN B 218 9.14 -0.07 -13.64
CA ASN B 218 8.76 -1.37 -14.16
C ASN B 218 7.46 -1.26 -14.96
N GLN B 219 6.48 -0.53 -14.42
CA GLN B 219 5.25 -0.31 -15.16
C GLN B 219 5.55 0.39 -16.47
N THR B 220 6.39 1.42 -16.43
CA THR B 220 6.77 2.16 -17.62
C THR B 220 7.35 1.22 -18.67
N ILE B 221 8.18 0.29 -18.25
CA ILE B 221 8.81 -0.62 -19.20
C ILE B 221 7.79 -1.55 -19.82
N MET B 222 6.88 -2.10 -19.00
CA MET B 222 5.82 -2.92 -19.57
C MET B 222 5.03 -2.14 -20.62
N LEU B 223 4.65 -0.89 -20.30
CA LEU B 223 3.89 -0.10 -21.25
C LEU B 223 4.68 0.18 -22.52
N ALA B 224 5.96 0.50 -22.40
CA ALA B 224 6.76 0.77 -23.58
C ALA B 224 6.87 -0.48 -24.45
N LEU B 225 7.02 -1.64 -23.82
CA LEU B 225 7.12 -2.89 -24.55
C LEU B 225 5.83 -3.18 -25.32
N SER B 226 4.69 -3.01 -24.66
CA SER B 226 3.42 -3.23 -25.34
C SER B 226 3.24 -2.24 -26.47
N MET B 227 3.64 -0.99 -26.26
CA MET B 227 3.48 0.01 -27.31
C MET B 227 4.40 -0.27 -28.48
N VAL B 228 5.57 -0.85 -28.24
CA VAL B 228 6.43 -1.28 -29.33
C VAL B 228 5.75 -2.38 -30.13
N VAL B 229 5.19 -3.36 -29.44
CA VAL B 229 4.49 -4.43 -30.13
C VAL B 229 3.38 -3.86 -31.00
N ILE B 230 2.68 -2.86 -30.48
CA ILE B 230 1.64 -2.20 -31.25
C ILE B 230 2.24 -1.49 -32.46
N ALA B 231 3.27 -0.68 -32.23
CA ALA B 231 3.87 0.13 -33.27
C ALA B 231 4.44 -0.72 -34.39
N SER B 232 4.68 -2.00 -34.13
CA SER B 232 5.18 -2.89 -35.18
C SER B 232 4.39 -2.71 -36.47
N MET B 233 3.14 -2.26 -36.38
CA MET B 233 2.36 -1.96 -37.56
C MET B 233 2.93 -0.82 -38.38
N ILE B 234 3.75 0.04 -37.78
CA ILE B 234 4.50 1.05 -38.51
C ILE B 234 5.96 0.85 -38.17
N GLY B 235 6.79 0.57 -39.18
CA GLY B 235 8.19 0.32 -38.94
C GLY B 235 8.36 -0.55 -37.71
N ALA B 236 8.94 0.03 -36.66
CA ALA B 236 8.98 -0.60 -35.34
C ALA B 236 9.33 -2.06 -35.46
N PRO B 237 10.55 -2.40 -35.85
CA PRO B 237 10.88 -3.80 -36.07
C PRO B 237 10.85 -4.59 -34.79
N GLY B 238 11.14 -5.88 -34.89
CA GLY B 238 11.17 -6.75 -33.74
C GLY B 238 10.18 -7.89 -33.89
N LEU B 239 9.84 -8.47 -32.74
CA LEU B 239 8.86 -9.54 -32.73
C LEU B 239 7.45 -9.02 -32.89
N GLY B 240 7.25 -7.72 -32.69
CA GLY B 240 5.95 -7.14 -32.96
C GLY B 240 5.50 -7.39 -34.38
N ARG B 241 6.44 -7.29 -35.33
CA ARG B 241 6.12 -7.57 -36.72
C ARG B 241 5.67 -9.01 -36.89
N GLY B 242 6.35 -9.94 -36.23
CA GLY B 242 5.96 -11.35 -36.34
C GLY B 242 4.57 -11.59 -35.80
N VAL B 243 4.27 -11.05 -34.63
CA VAL B 243 2.96 -11.26 -34.04
C VAL B 243 1.88 -10.59 -34.87
N LEU B 244 2.17 -9.41 -35.42
CA LEU B 244 1.21 -8.72 -36.26
C LEU B 244 0.93 -9.51 -37.53
N ALA B 245 1.98 -10.06 -38.14
CA ALA B 245 1.77 -10.89 -39.32
C ALA B 245 0.94 -12.11 -38.98
N ALA B 246 1.19 -12.73 -37.83
CA ALA B 246 0.38 -13.85 -37.40
C ALA B 246 -1.07 -13.45 -37.26
N VAL B 247 -1.33 -12.26 -36.71
CA VAL B 247 -2.70 -11.79 -36.55
C VAL B 247 -3.35 -11.60 -37.91
N GLN B 248 -2.68 -10.88 -38.80
CA GLN B 248 -3.23 -10.59 -40.11
C GLN B 248 -3.32 -11.80 -41.01
N SER B 249 -2.84 -12.96 -40.55
CA SER B 249 -2.90 -14.19 -41.30
C SER B 249 -3.55 -15.32 -40.52
N ALA B 250 -3.85 -15.12 -39.25
CA ALA B 250 -4.37 -16.15 -38.36
C ALA B 250 -3.40 -17.29 -38.15
N ASP B 251 -2.14 -17.12 -38.52
CA ASP B 251 -1.13 -18.16 -38.32
C ASP B 251 -0.74 -18.16 -36.85
N ILE B 252 -1.47 -18.94 -36.07
CA ILE B 252 -1.28 -18.94 -34.61
C ILE B 252 0.13 -19.35 -34.25
N GLY B 253 0.81 -20.10 -35.12
CA GLY B 253 2.16 -20.54 -34.83
C GLY B 253 3.13 -19.41 -34.55
N LYS B 254 3.40 -18.60 -35.56
CA LYS B 254 4.34 -17.49 -35.39
C LYS B 254 3.85 -16.51 -34.33
N GLY B 255 2.54 -16.29 -34.26
CA GLY B 255 2.01 -15.38 -33.26
C GLY B 255 2.32 -15.85 -31.86
N PHE B 256 2.10 -17.13 -31.59
CA PHE B 256 2.38 -17.66 -30.26
C PHE B 256 3.87 -17.67 -29.99
N VAL B 257 4.68 -17.96 -30.99
CA VAL B 257 6.13 -17.96 -30.80
C VAL B 257 6.61 -16.57 -30.41
N SER B 258 6.18 -15.55 -31.16
CA SER B 258 6.60 -14.19 -30.85
C SER B 258 6.04 -13.71 -29.52
N GLY B 259 4.81 -14.10 -29.19
CA GLY B 259 4.27 -13.74 -27.89
C GLY B 259 5.03 -14.40 -26.76
N ILE B 260 5.42 -15.66 -26.95
CA ILE B 260 6.26 -16.36 -25.98
C ILE B 260 7.56 -15.61 -25.79
N SER B 261 8.19 -15.20 -26.89
CA SER B 261 9.45 -14.49 -26.79
C SER B 261 9.29 -13.16 -26.05
N LEU B 262 8.23 -12.42 -26.37
CA LEU B 262 7.99 -11.14 -25.72
C LEU B 262 7.72 -11.33 -24.23
N VAL B 263 6.93 -12.34 -23.86
CA VAL B 263 6.66 -12.56 -22.45
C VAL B 263 7.92 -13.01 -21.74
N ILE B 264 8.78 -13.77 -22.43
CA ILE B 264 10.07 -14.14 -21.86
C ILE B 264 10.88 -12.90 -21.55
N LEU B 265 10.97 -11.98 -22.53
CA LEU B 265 11.71 -10.74 -22.32
C LEU B 265 11.12 -9.94 -21.17
N ALA B 266 9.79 -9.83 -21.13
CA ALA B 266 9.14 -9.03 -20.11
C ALA B 266 9.35 -9.65 -18.73
N ILE B 267 9.30 -10.97 -18.65
CA ILE B 267 9.56 -11.65 -17.39
C ILE B 267 10.98 -11.38 -16.93
N ILE B 268 11.94 -11.48 -17.85
CA ILE B 268 13.33 -11.22 -17.49
C ILE B 268 13.46 -9.80 -16.93
N ILE B 269 12.87 -8.84 -17.63
CA ILE B 269 13.01 -7.44 -17.21
C ILE B 269 12.31 -7.21 -15.88
N ASP B 270 11.14 -7.81 -15.70
CA ASP B 270 10.42 -7.64 -14.44
C ASP B 270 11.21 -8.21 -13.28
N ARG B 271 11.79 -9.40 -13.47
CA ARG B 271 12.58 -10.00 -12.41
C ARG B 271 13.82 -9.17 -12.09
N PHE B 272 14.51 -8.69 -13.12
CA PHE B 272 15.68 -7.85 -12.90
C PHE B 272 15.32 -6.57 -12.16
N THR B 273 14.28 -5.88 -12.63
CA THR B 273 13.87 -4.64 -11.98
C THR B 273 13.40 -4.90 -10.55
N GLN B 274 12.76 -6.05 -10.32
CA GLN B 274 12.32 -6.41 -8.99
C GLN B 274 13.49 -6.55 -8.03
N LYS B 275 14.70 -6.74 -8.57
CA LYS B 275 15.89 -6.99 -7.77
C LYS B 275 16.90 -5.85 -7.92
N LEU B 276 16.42 -4.64 -8.14
CA LEU B 276 17.24 -3.43 -8.04
C LEU B 276 16.67 -2.45 -7.02
N ASN B 277 15.58 -2.84 -6.35
CA ASN B 277 14.91 -1.98 -5.38
C ASN B 277 14.94 -2.54 -3.97
N VAL B 278 14.99 -3.86 -3.82
CA VAL B 278 14.96 -4.48 -2.50
C VAL B 278 16.28 -4.25 -1.80
N VAL C 3 -9.21 -32.10 38.11
CA VAL C 3 -8.42 -32.04 36.88
C VAL C 3 -9.33 -31.84 35.69
N LYS C 4 -8.84 -31.07 34.72
CA LYS C 4 -9.57 -30.81 33.48
C LYS C 4 -8.80 -31.27 32.25
N ILE C 5 -7.57 -30.82 32.09
CA ILE C 5 -6.77 -31.13 30.92
C ILE C 5 -5.69 -32.13 31.31
N LYS C 6 -5.21 -32.87 30.33
CA LYS C 6 -4.07 -33.75 30.53
C LYS C 6 -3.40 -33.96 29.19
N ILE C 7 -2.09 -33.73 29.15
CA ILE C 7 -1.32 -33.71 27.92
C ILE C 7 -0.26 -34.79 27.98
N GLU C 8 0.11 -35.29 26.80
CA GLU C 8 1.04 -36.42 26.71
C GLU C 8 1.91 -36.23 25.48
N HIS C 9 3.19 -35.97 25.71
CA HIS C 9 4.22 -35.93 24.67
C HIS C 9 3.82 -35.00 23.52
N LEU C 10 2.94 -34.04 23.80
CA LEU C 10 2.58 -33.07 22.79
C LEU C 10 3.80 -32.31 22.32
N THR C 11 3.88 -32.10 21.01
CA THR C 11 5.01 -31.39 20.42
C THR C 11 4.62 -30.98 19.01
N LYS C 12 5.33 -29.97 18.51
CA LYS C 12 5.04 -29.40 17.21
C LYS C 12 6.36 -29.12 16.51
N ILE C 13 6.47 -29.58 15.26
CA ILE C 13 7.68 -29.39 14.46
C ILE C 13 7.31 -28.64 13.21
N PHE C 14 8.02 -27.55 12.95
CA PHE C 14 7.83 -26.77 11.74
C PHE C 14 8.80 -27.26 10.67
N GLY C 15 8.93 -26.52 9.57
CA GLY C 15 9.84 -26.90 8.53
C GLY C 15 9.33 -28.11 7.76
N LYS C 16 10.27 -28.84 7.17
CA LYS C 16 9.96 -29.97 6.33
C LYS C 16 10.82 -31.17 6.74
N ARG C 17 10.49 -32.32 6.15
CA ARG C 17 11.19 -33.57 6.46
C ARG C 17 11.24 -33.78 7.97
N ILE C 18 10.05 -33.89 8.54
CA ILE C 18 9.88 -33.75 9.99
C ILE C 18 9.76 -35.09 10.71
N LYS C 19 9.33 -36.15 10.03
CA LYS C 19 9.27 -37.45 10.70
C LYS C 19 10.61 -37.82 11.28
N THR C 20 11.70 -37.41 10.62
CA THR C 20 13.02 -37.59 11.23
C THR C 20 13.11 -36.82 12.54
N ALA C 21 12.61 -35.57 12.56
CA ALA C 21 12.63 -34.80 13.79
C ALA C 21 11.75 -35.43 14.86
N LEU C 22 10.57 -35.94 14.47
CA LEU C 22 9.70 -36.60 15.42
C LEU C 22 10.39 -37.81 16.03
N THR C 23 11.05 -38.61 15.19
CA THR C 23 11.81 -39.72 15.71
C THR C 23 12.91 -39.23 16.66
N MET C 24 13.60 -38.15 16.30
CA MET C 24 14.68 -37.66 17.12
C MET C 24 14.19 -37.27 18.51
N VAL C 25 13.12 -36.48 18.58
CA VAL C 25 12.59 -36.09 19.88
C VAL C 25 12.08 -37.31 20.62
N GLU C 26 11.73 -38.37 19.89
CA GLU C 26 11.34 -39.62 20.53
C GLU C 26 12.50 -40.29 21.25
N LYS C 27 13.75 -39.88 20.97
CA LYS C 27 14.97 -40.39 21.66
C LYS C 27 15.44 -39.34 22.68
N GLY C 28 15.42 -38.04 22.35
CA GLY C 28 15.86 -36.96 23.20
C GLY C 28 16.92 -36.03 22.63
N GLU C 29 17.07 -35.94 21.32
CA GLU C 29 18.07 -35.04 20.77
C GLU C 29 17.68 -33.59 21.02
N PRO C 30 18.62 -32.72 21.37
CA PRO C 30 18.29 -31.30 21.54
C PRO C 30 17.69 -30.66 20.29
N LYS C 31 17.09 -29.50 20.48
CA LYS C 31 16.45 -28.80 19.37
C LYS C 31 17.49 -28.27 18.38
N ASN C 32 18.61 -27.76 18.89
CA ASN C 32 19.59 -27.12 18.02
C ASN C 32 20.20 -28.12 17.05
N GLU C 33 20.49 -29.34 17.52
CA GLU C 33 20.97 -30.39 16.63
C GLU C 33 19.94 -30.68 15.54
N ILE C 34 18.67 -30.76 15.93
CA ILE C 34 17.61 -31.03 14.96
C ILE C 34 17.60 -29.94 13.89
N LEU C 35 17.72 -28.68 14.33
CA LEU C 35 17.73 -27.58 13.37
C LEU C 35 18.91 -27.68 12.42
N LYS C 36 20.12 -27.84 12.96
CA LYS C 36 21.31 -27.85 12.12
C LYS C 36 21.30 -29.04 11.18
N LYS C 37 20.68 -30.15 11.57
CA LYS C 37 20.68 -31.35 10.74
C LYS C 37 19.59 -31.33 9.69
N THR C 38 18.38 -30.88 10.05
CA THR C 38 17.23 -30.93 9.15
C THR C 38 16.73 -29.57 8.70
N GLY C 39 17.05 -28.49 9.41
CA GLY C 39 16.43 -27.22 9.11
C GLY C 39 14.96 -27.18 9.47
N ALA C 40 14.52 -28.03 10.39
CA ALA C 40 13.13 -28.12 10.83
C ALA C 40 13.05 -27.55 12.25
N THR C 41 12.82 -26.25 12.34
CA THR C 41 12.74 -25.59 13.64
C THR C 41 11.58 -26.16 14.44
N VAL C 42 11.79 -26.32 15.74
CA VAL C 42 10.82 -26.88 16.65
C VAL C 42 10.46 -25.83 17.69
N GLY C 43 9.16 -25.74 18.01
CA GLY C 43 8.68 -24.75 18.96
C GLY C 43 8.23 -25.37 20.26
N VAL C 44 7.84 -26.64 20.22
CA VAL C 44 7.47 -27.40 21.40
C VAL C 44 8.18 -28.74 21.34
N TYR C 45 8.45 -29.30 22.51
CA TYR C 45 9.31 -30.48 22.58
C TYR C 45 8.93 -31.30 23.81
N ASP C 46 8.26 -32.44 23.57
CA ASP C 46 7.93 -33.40 24.61
C ASP C 46 7.33 -32.71 25.83
N THR C 47 6.18 -32.09 25.63
CA THR C 47 5.49 -31.39 26.69
C THR C 47 4.51 -32.33 27.37
N ASN C 48 4.61 -32.43 28.69
CA ASN C 48 3.71 -33.26 29.48
C ASN C 48 3.33 -32.51 30.74
N PHE C 49 2.03 -32.31 30.94
CA PHE C 49 1.56 -31.72 32.19
C PHE C 49 0.05 -31.90 32.25
N GLU C 50 -0.57 -31.22 33.22
CA GLU C 50 -1.98 -31.35 33.51
C GLU C 50 -2.47 -30.04 34.09
N ILE C 51 -3.79 -29.84 34.05
CA ILE C 51 -4.39 -28.61 34.52
C ILE C 51 -5.69 -28.93 35.22
N ASN C 52 -6.01 -28.16 36.24
CA ASN C 52 -7.20 -28.34 37.05
C ASN C 52 -8.19 -27.21 36.80
N GLU C 53 -9.32 -27.31 37.48
CA GLU C 53 -10.42 -26.38 37.27
C GLU C 53 -10.23 -25.14 38.14
N GLY C 54 -10.41 -23.97 37.52
CA GLY C 54 -10.14 -22.71 38.19
C GLY C 54 -8.68 -22.40 38.34
N GLU C 55 -7.80 -23.23 37.81
CA GLU C 55 -6.36 -23.10 38.02
C GLU C 55 -5.78 -22.27 36.90
N ILE C 56 -5.72 -20.95 37.13
CA ILE C 56 -4.99 -20.08 36.23
C ILE C 56 -3.59 -20.65 36.10
N PHE C 57 -3.23 -21.07 34.89
CA PHE C 57 -2.00 -21.80 34.65
C PHE C 57 -1.15 -20.97 33.71
N VAL C 58 -0.37 -20.05 34.28
CA VAL C 58 0.45 -19.18 33.46
C VAL C 58 1.49 -20.01 32.73
N ILE C 59 1.99 -19.44 31.64
CA ILE C 59 3.00 -20.08 30.82
C ILE C 59 4.03 -19.03 30.43
N MET C 60 5.14 -18.98 31.15
CA MET C 60 6.12 -17.93 30.97
C MET C 60 7.15 -18.36 29.94
N GLY C 61 8.10 -17.47 29.67
CA GLY C 61 9.12 -17.73 28.69
C GLY C 61 9.56 -16.48 27.95
N LEU C 62 10.40 -16.66 26.96
CA LEU C 62 10.92 -15.57 26.16
C LEU C 62 10.48 -15.72 24.71
N SER C 63 10.54 -14.61 23.98
CA SER C 63 10.21 -14.66 22.56
C SER C 63 11.10 -15.69 21.89
N GLY C 64 10.50 -16.79 21.45
CA GLY C 64 11.24 -17.91 20.90
C GLY C 64 11.03 -19.20 21.66
N SER C 65 10.37 -19.17 22.82
CA SER C 65 10.14 -20.37 23.61
C SER C 65 9.04 -21.25 23.04
N GLY C 66 8.27 -20.76 22.08
CA GLY C 66 7.18 -21.55 21.54
C GLY C 66 6.12 -21.81 22.59
N LYS C 67 5.62 -20.73 23.19
CA LYS C 67 4.61 -20.83 24.24
C LYS C 67 3.21 -20.51 23.73
N SER C 68 3.08 -19.46 22.91
CA SER C 68 1.81 -19.22 22.25
C SER C 68 1.44 -20.37 21.34
N THR C 69 2.45 -21.01 20.73
CA THR C 69 2.20 -22.19 19.93
C THR C 69 1.52 -23.28 20.76
N LEU C 70 1.92 -23.40 22.03
CA LEU C 70 1.29 -24.39 22.89
C LEU C 70 -0.20 -24.08 23.07
N LEU C 71 -0.52 -22.81 23.29
CA LEU C 71 -1.93 -22.42 23.36
C LEU C 71 -2.65 -22.86 22.09
N ARG C 72 -2.19 -22.35 20.96
CA ARG C 72 -2.87 -22.63 19.70
C ARG C 72 -2.97 -24.12 19.42
N LEU C 73 -2.07 -24.91 20.03
CA LEU C 73 -2.19 -26.36 19.95
C LEU C 73 -3.32 -26.88 20.83
N LEU C 74 -3.48 -26.30 22.01
CA LEU C 74 -4.58 -26.70 22.87
C LEU C 74 -5.92 -26.51 22.16
N ASN C 75 -6.07 -25.37 21.48
CA ASN C 75 -7.27 -25.09 20.71
C ASN C 75 -7.20 -25.71 19.32
N ARG C 76 -6.05 -26.22 18.92
CA ARG C 76 -5.82 -26.91 17.67
C ARG C 76 -5.88 -25.99 16.46
N LEU C 77 -5.73 -24.68 16.67
CA LEU C 77 -5.51 -23.79 15.54
C LEU C 77 -4.24 -24.17 14.78
N ILE C 78 -3.31 -24.82 15.47
CA ILE C 78 -2.11 -25.39 14.86
C ILE C 78 -2.15 -26.88 15.13
N GLU C 79 -2.26 -27.66 14.07
CA GLU C 79 -2.48 -29.09 14.25
C GLU C 79 -1.26 -29.71 14.91
N PRO C 80 -1.43 -30.45 16.00
CA PRO C 80 -0.26 -31.01 16.71
C PRO C 80 0.44 -32.04 15.86
N THR C 81 1.78 -31.98 15.87
CA THR C 81 2.57 -33.01 15.22
C THR C 81 2.39 -34.36 15.88
N SER C 82 2.15 -34.37 17.19
CA SER C 82 1.95 -35.61 17.94
C SER C 82 1.39 -35.25 19.30
N GLY C 83 1.00 -36.26 20.05
CA GLY C 83 0.52 -36.09 21.41
C GLY C 83 -0.99 -36.21 21.50
N LYS C 84 -1.49 -35.95 22.71
CA LYS C 84 -2.91 -36.03 22.98
C LYS C 84 -3.29 -34.99 24.02
N ILE C 85 -4.58 -34.67 24.03
CA ILE C 85 -5.13 -33.63 24.88
C ILE C 85 -6.49 -34.09 25.37
N PHE C 86 -6.56 -34.60 26.59
CA PHE C 86 -7.78 -35.22 27.13
C PHE C 86 -8.57 -34.16 27.88
N ILE C 87 -9.54 -33.58 27.18
CA ILE C 87 -10.51 -32.66 27.76
C ILE C 87 -11.86 -33.34 27.79
N ASP C 88 -12.54 -33.26 28.94
CA ASP C 88 -13.86 -33.85 29.08
C ASP C 88 -13.82 -35.34 28.74
N ASN C 89 -12.72 -35.99 29.11
CA ASN C 89 -12.50 -37.39 28.78
C ASN C 89 -12.55 -37.62 27.27
N GLN C 90 -12.25 -36.57 26.51
CA GLN C 90 -12.31 -36.60 25.05
C GLN C 90 -11.02 -36.01 24.51
N ASP C 91 -10.27 -36.81 23.75
CA ASP C 91 -9.09 -36.29 23.10
C ASP C 91 -9.46 -35.18 22.12
N VAL C 92 -8.45 -34.44 21.67
CA VAL C 92 -8.66 -33.30 20.80
C VAL C 92 -7.83 -33.36 19.53
N ALA C 93 -6.73 -34.10 19.50
CA ALA C 93 -5.91 -34.20 18.30
C ALA C 93 -6.36 -35.31 17.36
N THR C 94 -7.40 -36.06 17.73
CA THR C 94 -7.92 -37.15 16.91
C THR C 94 -9.39 -36.90 16.57
N LEU C 95 -9.81 -35.65 16.57
CA LEU C 95 -11.20 -35.30 16.35
C LEU C 95 -11.46 -34.91 14.90
N ASN C 96 -12.63 -35.30 14.42
CA ASN C 96 -13.09 -34.86 13.10
C ASN C 96 -13.31 -33.36 13.16
N LYS C 97 -13.78 -32.78 12.07
CA LYS C 97 -13.83 -31.32 12.04
C LYS C 97 -15.00 -30.80 12.87
N GLU C 98 -16.16 -31.44 12.79
CA GLU C 98 -17.35 -30.85 13.36
C GLU C 98 -17.24 -30.87 14.89
N ASP C 99 -16.75 -31.98 15.44
CA ASP C 99 -16.62 -32.09 16.90
C ASP C 99 -15.63 -31.08 17.44
N LEU C 100 -14.47 -30.96 16.80
CA LEU C 100 -13.51 -29.91 17.16
C LEU C 100 -14.17 -28.54 17.08
N LEU C 101 -15.00 -28.34 16.07
CA LEU C 101 -15.65 -27.05 15.87
C LEU C 101 -16.58 -26.74 17.04
N GLN C 102 -17.34 -27.74 17.48
CA GLN C 102 -18.24 -27.54 18.61
C GLN C 102 -17.46 -27.32 19.89
N VAL C 103 -16.35 -28.05 20.06
CA VAL C 103 -15.50 -27.84 21.23
C VAL C 103 -15.00 -26.40 21.27
N ARG C 104 -14.58 -25.88 20.12
CA ARG C 104 -14.18 -24.48 20.03
C ARG C 104 -15.32 -23.55 20.38
N ARG C 105 -16.52 -23.85 19.90
CA ARG C 105 -17.64 -22.95 20.12
C ARG C 105 -18.09 -22.94 21.58
N LYS C 106 -17.98 -24.09 22.26
CA LYS C 106 -18.57 -24.25 23.58
C LYS C 106 -17.55 -24.12 24.71
N THR C 107 -16.54 -24.99 24.73
CA THR C 107 -15.61 -25.04 25.86
C THR C 107 -14.58 -23.93 25.76
N MET C 108 -13.79 -23.94 24.70
CA MET C 108 -12.66 -23.06 24.57
C MET C 108 -13.07 -21.67 24.13
N SER C 109 -12.13 -20.75 24.28
CA SER C 109 -12.27 -19.37 23.85
C SER C 109 -10.92 -18.71 24.03
N MET C 110 -10.68 -17.66 23.27
CA MET C 110 -9.33 -17.20 23.00
C MET C 110 -9.26 -15.71 23.26
N VAL C 111 -8.07 -15.23 23.62
CA VAL C 111 -7.81 -13.80 23.73
C VAL C 111 -6.41 -13.53 23.20
N PHE C 112 -6.24 -12.40 22.54
CA PHE C 112 -5.04 -12.12 21.77
C PHE C 112 -4.35 -10.87 22.29
N GLN C 113 -3.08 -10.73 21.87
CA GLN C 113 -2.27 -9.61 22.29
C GLN C 113 -2.84 -8.28 21.80
N ASN C 114 -3.12 -8.20 20.50
CA ASN C 114 -3.65 -6.99 19.89
C ASN C 114 -5.17 -7.02 19.75
N PHE C 115 -5.84 -7.73 20.64
CA PHE C 115 -7.27 -7.68 20.93
C PHE C 115 -8.09 -8.42 19.89
N GLY C 116 -7.51 -8.86 18.78
CA GLY C 116 -8.22 -9.63 17.77
C GLY C 116 -9.63 -9.15 17.50
N LEU C 117 -9.78 -7.89 17.10
CA LEU C 117 -11.09 -7.29 16.89
C LEU C 117 -11.30 -6.95 15.41
N PHE C 118 -12.53 -7.13 14.96
CA PHE C 118 -12.90 -6.80 13.58
C PHE C 118 -13.21 -5.31 13.50
N PRO C 119 -12.43 -4.53 12.76
CA PRO C 119 -12.73 -3.09 12.66
C PRO C 119 -13.95 -2.79 11.82
N HIS C 120 -14.36 -3.71 10.94
CA HIS C 120 -15.50 -3.51 10.08
C HIS C 120 -16.81 -3.86 10.77
N ARG C 121 -16.84 -3.85 12.10
CA ARG C 121 -18.03 -4.14 12.86
C ARG C 121 -18.08 -3.21 14.06
N THR C 122 -19.26 -3.11 14.67
CA THR C 122 -19.42 -2.37 15.90
C THR C 122 -19.34 -3.34 17.07
N ILE C 123 -18.86 -2.83 18.20
CA ILE C 123 -18.45 -3.65 19.34
C ILE C 123 -19.42 -4.78 19.61
N LEU C 124 -20.72 -4.51 19.53
CA LEU C 124 -21.69 -5.55 19.88
C LEU C 124 -21.61 -6.72 18.91
N GLU C 125 -21.40 -6.43 17.62
CA GLU C 125 -21.30 -7.51 16.64
C GLU C 125 -20.07 -8.37 16.91
N ASN C 126 -18.93 -7.72 17.23
CA ASN C 126 -17.75 -8.48 17.62
C ASN C 126 -18.04 -9.34 18.84
N THR C 127 -18.74 -8.77 19.82
CA THR C 127 -19.02 -9.49 21.05
C THR C 127 -19.89 -10.71 20.79
N GLU C 128 -20.89 -10.58 19.94
CA GLU C 128 -21.81 -11.66 19.67
C GLU C 128 -21.33 -12.61 18.58
N TYR C 129 -20.20 -12.32 17.94
CA TYR C 129 -19.71 -13.16 16.85
C TYR C 129 -19.67 -14.63 17.27
N GLY C 130 -19.23 -14.90 18.49
CA GLY C 130 -19.09 -16.29 18.92
C GLY C 130 -20.38 -17.06 18.86
N LEU C 131 -21.50 -16.36 18.98
CA LEU C 131 -22.83 -16.95 18.88
C LEU C 131 -23.40 -16.86 17.48
N GLU C 132 -23.25 -15.69 16.87
CA GLU C 132 -23.56 -15.48 15.46
C GLU C 132 -23.10 -16.66 14.62
N VAL C 133 -21.88 -17.15 14.88
CA VAL C 133 -21.37 -18.31 14.16
C VAL C 133 -21.99 -19.63 14.62
N GLN C 134 -22.72 -19.62 15.74
CA GLN C 134 -23.38 -20.82 16.22
C GLN C 134 -24.82 -20.94 15.73
N ASN C 135 -25.27 -20.00 14.89
CA ASN C 135 -26.60 -20.04 14.32
C ASN C 135 -27.67 -20.03 15.42
N VAL C 136 -27.70 -18.93 16.16
CA VAL C 136 -28.70 -18.73 17.22
C VAL C 136 -29.50 -17.47 16.93
N PRO C 137 -30.74 -17.37 17.41
CA PRO C 137 -31.55 -16.18 17.15
C PRO C 137 -30.90 -14.93 17.73
N LYS C 138 -31.23 -13.79 17.13
CA LYS C 138 -30.45 -12.59 17.35
C LYS C 138 -30.78 -11.88 18.66
N GLU C 139 -32.01 -11.97 19.16
CA GLU C 139 -32.31 -11.21 20.38
C GLU C 139 -31.55 -11.80 21.57
N GLU C 140 -31.45 -13.12 21.66
CA GLU C 140 -30.65 -13.66 22.75
C GLU C 140 -29.19 -13.33 22.57
N ARG C 141 -28.71 -13.30 21.31
CA ARG C 141 -27.35 -12.88 21.03
C ARG C 141 -27.10 -11.48 21.58
N ARG C 142 -27.96 -10.53 21.22
CA ARG C 142 -27.81 -9.15 21.63
C ARG C 142 -27.97 -9.00 23.13
N LYS C 143 -28.90 -9.75 23.72
CA LYS C 143 -29.06 -9.80 25.17
C LYS C 143 -27.79 -10.21 25.87
N ARG C 144 -27.18 -11.32 25.45
CA ARG C 144 -25.97 -11.77 26.11
C ARG C 144 -24.82 -10.81 25.85
N ALA C 145 -24.78 -10.21 24.67
CA ALA C 145 -23.74 -9.23 24.36
C ALA C 145 -23.83 -8.01 25.27
N GLU C 146 -25.03 -7.41 25.34
CA GLU C 146 -25.23 -6.25 26.19
C GLU C 146 -24.99 -6.61 27.66
N LYS C 147 -25.40 -7.83 28.03
CA LYS C 147 -25.19 -8.29 29.43
C LYS C 147 -23.69 -8.30 29.72
N ALA C 148 -22.90 -8.95 28.86
CA ALA C 148 -21.46 -9.00 29.08
C ALA C 148 -20.84 -7.62 29.09
N LEU C 149 -21.25 -6.74 28.17
CA LEU C 149 -20.71 -5.40 28.14
C LEU C 149 -21.04 -4.65 29.42
N ASP C 150 -22.27 -4.80 29.91
CA ASP C 150 -22.65 -4.19 31.18
C ASP C 150 -21.79 -4.74 32.30
N ASN C 151 -21.43 -6.01 32.23
CA ASN C 151 -20.47 -6.55 33.19
C ASN C 151 -19.11 -5.90 33.09
N ALA C 152 -18.83 -5.17 32.00
CA ALA C 152 -17.57 -4.46 31.84
C ALA C 152 -17.73 -2.95 31.80
N ASN C 153 -18.92 -2.43 32.10
CA ASN C 153 -19.12 -1.00 32.31
C ASN C 153 -18.77 -0.18 31.07
N LEU C 154 -19.13 -0.69 29.90
CA LEU C 154 -18.95 0.06 28.66
C LEU C 154 -20.09 -0.12 27.67
N LEU C 155 -21.26 -0.58 28.10
CA LEU C 155 -22.37 -0.79 27.18
C LEU C 155 -22.71 0.49 26.41
N ASP C 156 -22.61 1.64 27.08
CA ASP C 156 -22.87 2.90 26.39
C ASP C 156 -21.93 3.12 25.22
N PHE C 157 -20.81 2.42 25.22
CA PHE C 157 -19.79 2.52 24.18
C PHE C 157 -20.02 1.51 23.06
N LYS C 158 -21.14 0.80 23.07
CA LYS C 158 -21.51 -0.05 21.95
C LYS C 158 -21.93 0.84 20.80
N ASP C 159 -22.44 0.23 19.73
CA ASP C 159 -22.81 0.94 18.49
C ASP C 159 -21.70 1.89 18.05
N GLN C 160 -20.47 1.60 18.46
CA GLN C 160 -19.28 2.34 18.07
C GLN C 160 -18.25 1.35 17.54
N TYR C 161 -17.12 1.89 17.10
CA TYR C 161 -16.10 1.11 16.45
C TYR C 161 -14.84 1.03 17.30
N PRO C 162 -14.12 -0.10 17.25
CA PRO C 162 -12.95 -0.25 18.13
C PRO C 162 -11.93 0.85 17.94
N LYS C 163 -11.58 1.15 16.69
CA LYS C 163 -10.62 2.19 16.38
C LYS C 163 -10.79 3.47 17.18
N GLN C 164 -12.02 3.83 17.55
CA GLN C 164 -12.24 5.04 18.32
C GLN C 164 -12.21 4.79 19.83
N LEU C 165 -11.62 3.68 20.25
CA LEU C 165 -11.49 3.32 21.65
C LEU C 165 -10.02 3.23 22.01
N SER C 166 -9.77 2.99 23.30
CA SER C 166 -8.43 2.80 23.82
C SER C 166 -8.21 1.33 24.17
N GLY C 167 -6.94 0.96 24.31
CA GLY C 167 -6.56 -0.42 24.48
C GLY C 167 -7.36 -1.16 25.53
N GLY C 168 -7.60 -0.51 26.67
CA GLY C 168 -8.30 -1.18 27.75
C GLY C 168 -9.69 -1.62 27.36
N MET C 169 -10.46 -0.74 26.73
CA MET C 169 -11.82 -1.10 26.37
C MET C 169 -11.84 -2.15 25.27
N GLN C 170 -10.89 -2.09 24.33
CA GLN C 170 -10.80 -3.14 23.33
C GLN C 170 -10.53 -4.49 23.98
N GLN C 171 -9.64 -4.50 24.97
CA GLN C 171 -9.35 -5.76 25.66
C GLN C 171 -10.57 -6.26 26.41
N ARG C 172 -11.29 -5.36 27.07
CA ARG C 172 -12.50 -5.77 27.77
C ARG C 172 -13.50 -6.35 26.79
N VAL C 173 -13.59 -5.76 25.59
CA VAL C 173 -14.50 -6.26 24.57
C VAL C 173 -14.08 -7.66 24.13
N GLY C 174 -12.79 -7.87 23.91
CA GLY C 174 -12.33 -9.18 23.51
C GLY C 174 -12.61 -10.22 24.58
N LEU C 175 -12.36 -9.87 25.84
CA LEU C 175 -12.64 -10.78 26.94
C LEU C 175 -14.12 -11.09 27.04
N ALA C 176 -14.96 -10.09 26.81
CA ALA C 176 -16.40 -10.32 26.83
C ALA C 176 -16.84 -11.22 25.68
N ARG C 177 -16.33 -10.95 24.47
CA ARG C 177 -16.58 -11.83 23.34
C ARG C 177 -16.23 -13.27 23.69
N ALA C 178 -15.12 -13.45 24.39
CA ALA C 178 -14.76 -14.78 24.86
C ALA C 178 -15.78 -15.31 25.85
N LEU C 179 -16.27 -14.45 26.74
CA LEU C 179 -17.13 -14.90 27.82
C LEU C 179 -18.56 -15.16 27.37
N ALA C 180 -19.05 -14.40 26.39
CA ALA C 180 -20.41 -14.55 25.89
C ALA C 180 -20.76 -16.01 25.69
N ASN C 181 -19.79 -16.81 25.25
CA ASN C 181 -19.99 -18.22 24.99
C ASN C 181 -20.24 -19.05 26.24
N ASP C 182 -19.98 -18.49 27.42
CA ASP C 182 -19.94 -19.29 28.64
C ASP C 182 -18.91 -20.41 28.48
N PRO C 183 -17.70 -20.10 28.05
CA PRO C 183 -16.67 -21.14 27.93
C PRO C 183 -16.22 -21.64 29.29
N GLU C 184 -15.74 -22.87 29.28
CA GLU C 184 -15.12 -23.46 30.45
C GLU C 184 -13.62 -23.21 30.50
N ILE C 185 -13.09 -22.46 29.53
CA ILE C 185 -11.66 -22.22 29.40
C ILE C 185 -11.46 -20.85 28.76
N LEU C 186 -10.31 -20.25 29.02
CA LEU C 186 -9.96 -18.96 28.42
C LEU C 186 -8.46 -18.94 28.15
N LEU C 187 -8.10 -19.05 26.89
CA LEU C 187 -6.71 -18.96 26.47
C LEU C 187 -6.35 -17.52 26.16
N MET C 188 -5.18 -17.09 26.61
CA MET C 188 -4.70 -15.73 26.38
C MET C 188 -3.28 -15.77 25.86
N ASP C 189 -2.98 -14.91 24.90
CA ASP C 189 -1.63 -14.76 24.34
C ASP C 189 -1.16 -13.35 24.64
N GLU C 190 -0.58 -13.17 25.83
CA GLU C 190 -0.05 -11.88 26.24
C GLU C 190 -1.11 -10.79 26.10
N ALA C 191 -2.33 -11.12 26.55
CA ALA C 191 -3.46 -10.21 26.38
C ALA C 191 -3.11 -8.80 26.82
N PHE C 192 -2.74 -8.63 28.07
CA PHE C 192 -2.55 -7.31 28.66
C PHE C 192 -1.21 -6.69 28.31
N SER C 193 -0.41 -7.32 27.46
CA SER C 193 0.91 -6.82 27.16
C SER C 193 0.90 -5.56 26.30
N ALA C 194 -0.22 -5.24 25.66
CA ALA C 194 -0.33 -4.06 24.82
C ALA C 194 -0.90 -2.86 25.55
N LEU C 195 -1.40 -3.04 26.77
CA LEU C 195 -2.00 -1.95 27.51
C LEU C 195 -0.93 -1.23 28.32
N ASP C 196 -1.33 -0.12 28.92
CA ASP C 196 -0.46 0.57 29.85
C ASP C 196 -0.36 -0.23 31.15
N PRO C 197 0.77 -0.14 31.85
CA PRO C 197 0.94 -0.98 33.05
C PRO C 197 -0.12 -0.69 34.10
N LEU C 198 -0.59 0.55 34.18
CA LEU C 198 -1.68 0.88 35.08
C LEU C 198 -2.94 0.14 34.70
N ILE C 199 -3.33 0.25 33.43
CA ILE C 199 -4.48 -0.48 32.92
C ILE C 199 -4.22 -1.97 33.01
N ARG C 200 -2.95 -2.36 32.91
CA ARG C 200 -2.59 -3.77 33.04
C ARG C 200 -2.94 -4.29 34.44
N ARG C 201 -2.56 -3.53 35.46
CA ARG C 201 -2.89 -3.92 36.83
C ARG C 201 -4.39 -3.92 37.06
N GLU C 202 -5.07 -2.91 36.52
CA GLU C 202 -6.51 -2.84 36.66
C GLU C 202 -7.18 -4.06 36.04
N MET C 203 -6.72 -4.45 34.85
CA MET C 203 -7.26 -5.62 34.17
C MET C 203 -6.94 -6.90 34.93
N GLN C 204 -5.74 -7.00 35.51
CA GLN C 204 -5.42 -8.17 36.31
C GLN C 204 -6.35 -8.29 37.49
N ASP C 205 -6.59 -7.18 38.19
CA ASP C 205 -7.49 -7.21 39.33
C ASP C 205 -8.90 -7.59 38.92
N GLU C 206 -9.38 -7.02 37.81
CA GLU C 206 -10.70 -7.34 37.33
C GLU C 206 -10.82 -8.80 36.94
N LEU C 207 -9.77 -9.34 36.31
CA LEU C 207 -9.76 -10.74 35.93
C LEU C 207 -9.80 -11.65 37.15
N LEU C 208 -9.06 -11.28 38.21
CA LEU C 208 -9.09 -12.08 39.43
C LEU C 208 -10.48 -12.02 40.06
N GLU C 209 -11.08 -10.84 40.07
CA GLU C 209 -12.46 -10.70 40.54
C GLU C 209 -13.38 -11.66 39.80
N LEU C 210 -13.28 -11.63 38.47
CA LEU C 210 -14.09 -12.50 37.63
C LEU C 210 -13.87 -13.96 37.98
N GLN C 211 -12.60 -14.38 38.05
CA GLN C 211 -12.30 -15.78 38.28
C GLN C 211 -12.80 -16.23 39.65
N ALA C 212 -12.78 -15.33 40.62
CA ALA C 212 -13.41 -15.63 41.90
C ALA C 212 -14.90 -15.87 41.71
N LYS C 213 -15.55 -15.01 40.93
CA LYS C 213 -16.98 -15.17 40.68
C LYS C 213 -17.25 -16.37 39.76
N PHE C 214 -16.44 -16.49 38.71
CA PHE C 214 -16.50 -17.54 37.67
C PHE C 214 -15.32 -18.49 37.83
N GLN C 215 -15.62 -19.75 38.16
CA GLN C 215 -14.57 -20.76 38.35
C GLN C 215 -14.38 -21.48 37.02
N LYS C 216 -13.53 -20.91 36.16
CA LYS C 216 -13.20 -21.50 34.88
C LYS C 216 -11.71 -21.43 34.66
N THR C 217 -11.17 -22.46 34.00
CA THR C 217 -9.74 -22.54 33.77
C THR C 217 -9.27 -21.40 32.88
N ILE C 218 -8.00 -21.03 33.03
CA ILE C 218 -7.41 -19.96 32.24
C ILE C 218 -5.96 -20.31 31.92
N ILE C 219 -5.65 -20.49 30.64
CA ILE C 219 -4.28 -20.73 30.21
C ILE C 219 -3.71 -19.38 29.81
N PHE C 220 -3.20 -18.68 30.81
CA PHE C 220 -2.61 -17.37 30.55
C PHE C 220 -1.20 -17.54 29.98
N VAL C 221 -0.74 -16.48 29.32
CA VAL C 221 0.62 -16.40 28.81
C VAL C 221 1.16 -15.00 29.08
N SER C 222 2.41 -14.93 29.49
CA SER C 222 3.03 -13.65 29.76
C SER C 222 4.54 -13.83 29.83
N HIS C 223 5.25 -12.77 29.48
CA HIS C 223 6.69 -12.70 29.66
C HIS C 223 7.08 -11.88 30.88
N ASP C 224 6.10 -11.38 31.63
CA ASP C 224 6.34 -10.62 32.85
C ASP C 224 6.12 -11.54 34.04
N LEU C 225 7.18 -11.74 34.83
CA LEU C 225 7.06 -12.60 36.00
C LEU C 225 6.10 -12.01 37.01
N ASN C 226 6.10 -10.68 37.14
CA ASN C 226 5.09 -10.00 37.95
C ASN C 226 3.68 -10.37 37.53
N GLU C 227 3.41 -10.31 36.23
CA GLU C 227 2.07 -10.58 35.71
C GLU C 227 1.64 -12.01 35.99
N ALA C 228 2.57 -12.88 36.37
CA ALA C 228 2.28 -14.27 36.68
C ALA C 228 2.13 -14.50 38.18
N LEU C 229 3.04 -13.96 38.98
CA LEU C 229 2.93 -14.13 40.43
C LEU C 229 1.68 -13.45 40.97
N ARG C 230 1.32 -12.31 40.40
CA ARG C 230 0.13 -11.59 40.86
C ARG C 230 -1.10 -12.48 40.79
N ILE C 231 -1.31 -13.14 39.67
CA ILE C 231 -2.53 -13.87 39.38
C ILE C 231 -2.30 -15.37 39.35
N GLY C 232 -1.15 -15.80 38.84
CA GLY C 232 -0.90 -17.21 38.61
C GLY C 232 -1.01 -18.08 39.83
N ASP C 233 -1.82 -19.14 39.72
CA ASP C 233 -1.90 -20.16 40.75
C ASP C 233 -0.94 -21.31 40.50
N ARG C 234 -0.52 -21.53 39.26
CA ARG C 234 0.51 -22.50 38.93
C ARG C 234 1.21 -22.03 37.66
N ILE C 235 2.52 -21.82 37.76
CA ILE C 235 3.29 -21.32 36.64
C ILE C 235 4.01 -22.46 35.94
N ALA C 236 4.37 -22.23 34.69
CA ALA C 236 5.15 -23.18 33.90
C ALA C 236 6.07 -22.37 32.99
N ILE C 237 7.36 -22.51 33.19
CA ILE C 237 8.34 -21.78 32.40
C ILE C 237 8.77 -22.62 31.22
N MET C 238 9.06 -21.96 30.12
CA MET C 238 9.25 -22.64 28.83
C MET C 238 10.47 -22.07 28.13
N LYS C 239 11.42 -22.94 27.79
CA LYS C 239 12.50 -22.63 26.84
C LYS C 239 12.54 -23.79 25.86
N ASP C 240 11.69 -23.73 24.84
CA ASP C 240 11.56 -24.80 23.85
C ASP C 240 11.04 -26.08 24.50
N GLY C 241 10.79 -26.05 25.80
CA GLY C 241 10.36 -27.20 26.55
C GLY C 241 10.09 -26.78 27.98
N LYS C 242 9.54 -27.72 28.75
CA LYS C 242 9.11 -27.40 30.11
C LYS C 242 10.29 -27.57 31.06
N ILE C 243 10.91 -26.43 31.39
CA ILE C 243 11.97 -26.44 32.39
C ILE C 243 11.40 -26.90 33.73
N MET C 244 10.31 -26.30 34.16
CA MET C 244 9.66 -26.68 35.41
C MET C 244 8.35 -25.94 35.54
N GLN C 245 7.31 -26.63 36.01
CA GLN C 245 6.01 -26.03 36.24
C GLN C 245 5.42 -26.37 37.61
N ILE C 246 6.25 -26.74 38.58
CA ILE C 246 5.75 -27.05 39.92
C ILE C 246 4.79 -25.98 40.38
N GLY C 247 4.99 -24.75 39.93
CA GLY C 247 4.05 -23.68 40.23
C GLY C 247 3.96 -23.42 41.71
N THR C 248 2.77 -23.03 42.15
CA THR C 248 2.52 -22.66 43.54
C THR C 248 3.35 -21.44 43.92
N GLY C 249 3.97 -20.79 42.94
CA GLY C 249 4.52 -19.47 43.11
C GLY C 249 5.95 -19.40 43.64
N GLU C 250 6.26 -20.15 44.69
CA GLU C 250 7.59 -20.08 45.28
C GLU C 250 8.49 -21.15 44.69
N GLU C 251 7.95 -22.32 44.38
CA GLU C 251 8.79 -23.46 44.01
C GLU C 251 9.57 -23.07 42.77
N ILE C 252 9.12 -22.02 42.08
CA ILE C 252 9.94 -21.45 40.97
C ILE C 252 11.04 -20.66 41.69
N LEU C 253 10.67 -19.94 42.76
CA LEU C 253 11.62 -19.25 43.62
C LEU C 253 12.39 -20.00 44.69
N THR C 254 11.82 -21.08 45.21
CA THR C 254 12.38 -21.77 46.36
C THR C 254 13.30 -22.91 45.95
N ASN C 255 12.81 -23.80 45.08
CA ASN C 255 13.55 -24.96 44.62
C ASN C 255 13.56 -24.99 43.09
N PRO C 256 14.12 -23.97 42.47
CA PRO C 256 14.26 -24.00 41.01
C PRO C 256 15.15 -25.13 40.55
N ALA C 257 14.57 -26.10 39.83
CA ALA C 257 15.34 -27.26 39.39
C ALA C 257 16.54 -26.84 38.56
N ASN C 258 16.33 -25.93 37.62
CA ASN C 258 17.40 -25.53 36.72
C ASN C 258 18.18 -24.36 37.27
N ASP C 259 19.17 -23.94 36.50
CA ASP C 259 19.92 -22.71 36.73
C ASP C 259 19.47 -21.58 35.83
N TYR C 260 18.85 -21.88 34.70
CA TYR C 260 18.24 -20.90 33.82
C TYR C 260 17.08 -20.16 34.49
N VAL C 261 16.23 -20.88 35.20
CA VAL C 261 15.10 -20.22 35.87
C VAL C 261 15.61 -19.20 36.86
N LYS C 262 16.68 -19.56 37.59
CA LYS C 262 17.20 -18.68 38.62
C LYS C 262 17.75 -17.38 38.05
N THR C 263 18.04 -17.33 36.75
CA THR C 263 18.36 -16.06 36.11
C THR C 263 17.14 -15.44 35.46
N PHE C 264 16.18 -16.28 35.05
CA PHE C 264 14.95 -15.75 34.46
C PHE C 264 14.16 -14.96 35.48
N VAL C 265 13.98 -15.52 36.68
CA VAL C 265 13.32 -14.78 37.76
C VAL C 265 14.28 -13.81 38.44
N GLU C 266 15.58 -13.97 38.24
CA GLU C 266 16.60 -13.07 38.74
C GLU C 266 16.61 -13.01 40.28
N ASP C 267 16.80 -14.17 40.91
CA ASP C 267 16.81 -14.28 42.39
C ASP C 267 18.02 -13.49 42.94
N THR C 275 24.58 -7.83 46.65
CA THR C 275 25.60 -7.27 47.53
C THR C 275 25.55 -5.77 47.79
N ALA C 276 26.22 -5.00 46.94
CA ALA C 276 26.32 -3.56 47.13
C ALA C 276 24.96 -2.86 46.97
N GLU C 277 24.98 -1.54 47.15
CA GLU C 277 23.77 -0.73 47.04
C GLU C 277 23.46 -0.43 45.58
N ASN C 278 23.40 -1.50 44.80
CA ASN C 278 22.79 -1.47 43.48
C ASN C 278 21.29 -1.66 43.55
N ILE C 279 20.77 -1.91 44.76
CA ILE C 279 19.33 -2.02 44.98
C ILE C 279 18.66 -0.66 45.09
N MET C 280 19.43 0.42 45.05
CA MET C 280 18.84 1.75 45.07
C MET C 280 17.80 1.85 43.95
N ILE C 281 16.79 2.68 44.18
CA ILE C 281 15.67 2.78 43.26
C ILE C 281 15.57 4.23 42.78
N PRO C 282 14.95 4.48 41.62
CA PRO C 282 14.74 5.86 41.20
C PRO C 282 14.03 6.65 42.27
N ALA C 283 14.49 7.88 42.49
CA ALA C 283 14.00 8.70 43.58
C ALA C 283 12.90 9.63 43.10
N LEU C 284 12.18 10.16 44.08
CA LEU C 284 11.14 11.16 43.85
C LEU C 284 11.67 12.49 44.36
N THR C 285 11.82 13.44 43.46
CA THR C 285 12.60 14.64 43.73
C THR C 285 11.71 15.88 43.73
N THR C 286 12.20 16.93 44.41
CA THR C 286 11.47 18.19 44.52
C THR C 286 12.50 19.31 44.47
N ASN C 287 12.62 19.95 43.30
CA ASN C 287 13.59 21.02 43.12
C ASN C 287 13.11 22.30 43.80
N ILE C 288 13.52 22.49 45.05
CA ILE C 288 12.92 23.48 45.92
C ILE C 288 13.03 24.89 45.35
N ASP C 289 14.18 25.22 44.74
CA ASP C 289 14.44 26.60 44.39
C ASP C 289 13.41 27.16 43.41
N VAL C 290 12.71 26.31 42.67
CA VAL C 290 11.73 26.77 41.70
C VAL C 290 10.34 26.27 42.08
N ASP C 291 10.24 25.03 42.55
CA ASP C 291 8.94 24.53 42.96
C ASP C 291 8.72 24.80 44.45
N GLY C 292 7.49 24.60 44.90
CA GLY C 292 7.13 24.89 46.25
C GLY C 292 6.14 23.90 46.85
N PRO C 293 5.42 24.32 47.88
CA PRO C 293 4.61 23.38 48.66
C PRO C 293 3.50 22.73 47.85
N SER C 294 2.72 23.54 47.13
CA SER C 294 1.60 22.99 46.38
C SER C 294 2.10 22.03 45.31
N VAL C 295 3.18 22.38 44.62
CA VAL C 295 3.75 21.49 43.62
C VAL C 295 4.20 20.19 44.26
N ALA C 296 4.84 20.29 45.43
CA ALA C 296 5.30 19.09 46.13
C ALA C 296 4.14 18.19 46.49
N LEU C 297 3.04 18.78 46.96
CA LEU C 297 1.88 17.99 47.32
C LEU C 297 1.24 17.34 46.10
N LYS C 298 1.22 18.07 44.99
CA LYS C 298 0.75 17.49 43.74
C LYS C 298 1.61 16.31 43.34
N LYS C 299 2.92 16.44 43.49
CA LYS C 299 3.82 15.34 43.18
C LYS C 299 3.56 14.15 44.08
N MET C 300 3.34 14.39 45.37
CA MET C 300 3.01 13.30 46.28
C MET C 300 1.73 12.60 45.84
N LYS C 301 0.72 13.38 45.46
CA LYS C 301 -0.55 12.79 45.05
C LYS C 301 -0.38 11.93 43.80
N THR C 302 0.32 12.45 42.79
CA THR C 302 0.51 11.70 41.56
C THR C 302 1.35 10.46 41.80
N GLU C 303 2.37 10.59 42.63
CA GLU C 303 3.37 9.58 42.86
C GLU C 303 2.94 8.58 43.91
N GLU C 304 1.80 8.84 44.56
CA GLU C 304 1.21 7.96 45.56
C GLU C 304 2.22 7.66 46.68
N VAL C 305 2.67 8.73 47.31
CA VAL C 305 3.56 8.65 48.47
C VAL C 305 3.18 9.76 49.44
N SER C 306 3.94 9.85 50.52
CA SER C 306 3.70 10.83 51.57
C SER C 306 4.87 11.76 51.82
N SER C 307 6.06 11.44 51.30
CA SER C 307 7.24 12.26 51.49
C SER C 307 7.97 12.38 50.16
N LEU C 308 9.06 13.13 50.16
CA LEU C 308 9.84 13.36 48.94
C LEU C 308 11.26 13.74 49.31
N MET C 309 12.13 13.63 48.32
CA MET C 309 13.51 14.06 48.46
C MET C 309 13.66 15.41 47.77
N ALA C 310 14.45 16.29 48.40
CA ALA C 310 14.56 17.67 47.97
C ALA C 310 16.00 17.98 47.61
N VAL C 311 16.20 18.60 46.46
CA VAL C 311 17.52 18.86 45.91
C VAL C 311 17.68 20.35 45.66
N ASP C 312 18.88 20.75 45.25
CA ASP C 312 19.19 22.11 44.82
C ASP C 312 18.96 22.20 43.31
N LYS C 313 18.85 23.42 42.76
CA LYS C 313 18.41 23.52 41.38
C LYS C 313 19.37 22.70 40.54
N LYS C 314 20.64 22.73 40.92
CA LYS C 314 21.78 22.12 40.23
C LYS C 314 21.91 20.64 40.56
N ARG C 315 20.84 20.02 41.04
CA ARG C 315 20.77 18.59 41.29
C ARG C 315 21.64 18.14 42.45
N GLN C 316 22.15 19.07 43.27
CA GLN C 316 22.66 18.69 44.57
C GLN C 316 21.54 18.31 45.50
N PHE C 317 21.73 17.18 46.17
CA PHE C 317 20.86 16.79 47.25
C PHE C 317 20.90 17.83 48.37
N ARG C 318 19.75 18.03 48.99
CA ARG C 318 19.61 18.99 50.07
C ARG C 318 18.93 18.40 51.30
N GLY C 319 17.99 17.49 51.12
CA GLY C 319 17.31 16.89 52.25
C GLY C 319 16.00 16.21 51.91
N VAL C 320 15.05 16.27 52.84
CA VAL C 320 13.79 15.57 52.71
C VAL C 320 12.64 16.53 53.02
N VAL C 321 11.47 16.19 52.47
CA VAL C 321 10.24 16.94 52.69
C VAL C 321 9.13 15.96 53.00
N THR C 322 8.17 16.41 53.79
CA THR C 322 7.06 15.59 54.22
C THR C 322 5.75 16.30 53.95
N SER C 323 4.67 15.53 53.89
CA SER C 323 3.37 16.09 53.55
C SER C 323 2.94 17.15 54.56
N GLU C 324 3.13 16.86 55.85
CA GLU C 324 2.76 17.83 56.87
C GLU C 324 3.61 19.10 56.76
N GLN C 325 4.91 18.93 56.48
CA GLN C 325 5.76 20.10 56.29
C GLN C 325 5.26 20.97 55.16
N ALA C 326 4.90 20.35 54.04
CA ALA C 326 4.40 21.11 52.90
C ALA C 326 3.09 21.79 53.23
N ILE C 327 2.21 21.11 53.98
CA ILE C 327 0.94 21.71 54.35
C ILE C 327 1.16 22.93 55.23
N ALA C 328 2.06 22.80 56.21
CA ALA C 328 2.39 23.94 57.06
C ALA C 328 2.96 25.09 56.23
N ALA C 329 3.84 24.76 55.29
CA ALA C 329 4.39 25.77 54.40
C ALA C 329 3.29 26.48 53.62
N ARG C 330 2.31 25.72 53.14
CA ARG C 330 1.23 26.30 52.34
C ARG C 330 0.37 27.22 53.20
N LYS C 331 -0.07 26.74 54.36
CA LYS C 331 -0.92 27.56 55.21
C LYS C 331 -0.17 28.79 55.70
N ASN C 332 1.07 28.61 56.13
CA ASN C 332 1.89 29.72 56.60
C ASN C 332 2.40 30.60 55.48
N ASN C 333 2.31 30.14 54.23
CA ASN C 333 2.90 30.78 53.06
C ASN C 333 4.43 30.69 53.07
N GLN C 334 5.03 30.16 54.13
CA GLN C 334 6.47 30.01 54.24
C GLN C 334 6.95 28.97 53.23
N PRO C 335 8.08 29.20 52.56
CA PRO C 335 8.50 28.30 51.50
C PRO C 335 9.41 27.18 51.99
N LEU C 336 9.75 26.29 51.06
CA LEU C 336 10.64 25.19 51.37
C LEU C 336 12.04 25.74 51.63
N LYS C 337 12.97 24.84 51.95
CA LYS C 337 14.34 25.19 52.28
C LYS C 337 14.41 25.83 53.66
N ASP C 338 13.26 26.05 54.28
CA ASP C 338 13.14 26.47 55.67
C ASP C 338 12.42 25.44 56.51
N VAL C 339 11.22 25.04 56.12
CA VAL C 339 10.51 23.93 56.75
C VAL C 339 10.91 22.68 55.97
N MET C 340 12.04 22.11 56.36
CA MET C 340 12.63 21.02 55.58
C MET C 340 13.57 20.25 56.50
N THR C 341 13.94 19.06 56.05
CA THR C 341 14.66 18.08 56.87
C THR C 341 16.02 17.82 56.21
N THR C 342 16.99 18.69 56.52
CA THR C 342 18.32 18.51 55.97
C THR C 342 19.01 17.32 56.59
N ASP C 343 18.91 17.18 57.91
CA ASP C 343 19.42 16.01 58.61
C ASP C 343 18.79 14.75 58.03
N VAL C 344 19.64 13.82 57.59
CA VAL C 344 19.20 12.60 56.92
C VAL C 344 20.37 11.63 56.96
N GLY C 345 20.06 10.34 56.92
CA GLY C 345 21.11 9.34 56.92
C GLY C 345 21.70 9.13 55.55
N THR C 346 22.32 10.16 54.99
CA THR C 346 22.85 10.10 53.64
C THR C 346 23.84 8.95 53.49
N VAL C 347 23.98 8.44 52.27
CA VAL C 347 24.71 7.22 52.00
C VAL C 347 25.39 7.33 50.65
N SER C 348 26.41 6.50 50.44
CA SER C 348 27.18 6.48 49.21
C SER C 348 26.80 5.27 48.36
N LYS C 349 27.35 5.22 47.14
CA LYS C 349 26.76 4.36 46.11
C LYS C 349 26.95 2.87 46.40
N GLU C 350 28.16 2.40 46.67
CA GLU C 350 28.31 0.96 47.01
C GLU C 350 29.29 0.89 48.17
N MET C 351 29.05 1.66 49.23
CA MET C 351 30.07 1.81 50.24
C MET C 351 29.55 1.63 51.65
N LEU C 352 28.22 1.58 51.81
CA LEU C 352 27.57 1.33 53.09
C LEU C 352 26.57 0.20 52.98
N VAL C 353 26.97 -0.91 52.34
CA VAL C 353 26.10 -2.05 52.06
C VAL C 353 25.24 -2.46 53.24
N ARG C 354 25.90 -2.73 54.37
CA ARG C 354 25.16 -3.31 55.52
C ARG C 354 25.47 -2.59 56.85
N ASP C 355 26.60 -1.90 56.97
CA ASP C 355 26.79 -1.15 58.20
C ASP C 355 25.59 -0.27 58.51
N ILE C 356 24.73 -0.03 57.53
CA ILE C 356 23.58 0.86 57.70
C ILE C 356 22.41 0.19 58.41
N LEU C 357 22.50 -1.10 58.71
CA LEU C 357 21.37 -1.83 59.29
C LEU C 357 20.73 -1.08 60.45
N PRO C 358 21.52 -0.48 61.37
CA PRO C 358 20.91 0.15 62.54
C PRO C 358 20.07 1.35 62.20
N ILE C 359 20.65 2.29 61.46
CA ILE C 359 20.15 3.62 61.12
C ILE C 359 18.88 3.50 60.29
N ILE C 360 18.75 2.43 59.51
CA ILE C 360 17.61 2.34 58.60
C ILE C 360 16.36 2.13 59.44
N TYR C 361 16.50 1.49 60.59
CA TYR C 361 15.42 1.22 61.53
C TYR C 361 14.86 2.48 62.20
N ASP C 362 15.72 3.39 62.67
CA ASP C 362 15.18 4.55 63.38
C ASP C 362 14.36 5.41 62.42
N ALA C 363 14.90 5.64 61.24
CA ALA C 363 14.34 6.63 60.33
C ALA C 363 13.25 6.00 59.47
N PRO C 364 11.98 6.42 59.59
CA PRO C 364 10.95 5.88 58.70
C PRO C 364 11.24 6.15 57.23
N THR C 365 11.80 7.32 56.93
CA THR C 365 12.14 7.64 55.56
C THR C 365 13.37 6.86 55.11
N PRO C 366 13.55 6.72 53.81
CA PRO C 366 14.73 6.00 53.31
C PRO C 366 16.01 6.80 53.44
N LEU C 367 17.08 6.25 52.89
CA LEU C 367 18.42 6.80 53.04
C LEU C 367 18.97 7.02 51.64
N ALA C 368 18.92 8.26 51.18
CA ALA C 368 19.34 8.56 49.82
C ALA C 368 20.79 8.17 49.61
N VAL C 369 21.06 7.49 48.49
CA VAL C 369 22.43 7.13 48.13
C VAL C 369 22.98 8.32 47.36
N VAL C 370 23.43 9.33 48.10
CA VAL C 370 23.94 10.55 47.51
C VAL C 370 25.37 10.30 47.04
N ASP C 371 25.66 10.70 45.80
CA ASP C 371 27.02 10.65 45.29
C ASP C 371 27.92 11.47 46.20
N ASP C 372 29.19 11.12 46.29
CA ASP C 372 30.09 11.80 47.21
C ASP C 372 30.20 13.29 46.89
N ASN C 373 29.86 13.67 45.67
CA ASN C 373 29.92 15.06 45.23
C ASN C 373 28.61 15.81 45.42
N GLY C 374 27.64 15.21 46.12
CA GLY C 374 26.37 15.83 46.41
C GLY C 374 25.24 15.35 45.52
N PHE C 375 25.55 14.71 44.40
CA PHE C 375 24.52 14.23 43.51
C PHE C 375 23.78 13.04 44.12
N LEU C 376 22.58 12.80 43.61
CA LEU C 376 21.70 11.74 44.09
C LEU C 376 21.40 10.77 42.98
N LYS C 377 21.37 9.48 43.32
CA LYS C 377 21.07 8.41 42.36
C LYS C 377 19.80 7.66 42.72
N GLY C 378 19.58 7.40 44.00
CA GLY C 378 18.42 6.64 44.40
C GLY C 378 18.21 6.68 45.89
N VAL C 379 17.35 5.79 46.37
CA VAL C 379 17.06 5.68 47.79
C VAL C 379 16.98 4.21 48.19
N LEU C 380 16.71 3.94 49.47
CA LEU C 380 16.67 2.58 49.99
C LEU C 380 15.54 2.50 51.00
N ILE C 381 14.57 1.63 50.74
CA ILE C 381 13.35 1.51 51.54
C ILE C 381 13.18 0.06 51.93
N ARG C 382 13.77 -0.34 53.05
CA ARG C 382 13.62 -1.69 53.59
C ARG C 382 13.86 -2.78 52.55
N GLY C 383 14.53 -2.44 51.44
CA GLY C 383 15.12 -3.47 50.61
C GLY C 383 16.43 -3.97 51.15
N SER C 384 16.98 -3.25 52.12
CA SER C 384 18.21 -3.66 52.78
C SER C 384 17.94 -4.82 53.74
N VAL C 385 16.75 -4.85 54.34
CA VAL C 385 16.43 -5.94 55.26
C VAL C 385 16.33 -7.25 54.51
N LEU C 386 16.01 -7.19 53.20
CA LEU C 386 15.88 -8.40 52.40
C LEU C 386 17.20 -9.15 52.31
N GLU C 387 18.25 -8.50 51.81
CA GLU C 387 19.52 -9.18 51.63
C GLU C 387 20.47 -9.06 52.80
N ALA C 388 20.15 -8.25 53.81
CA ALA C 388 20.89 -8.33 55.05
C ALA C 388 20.69 -9.68 55.72
N LEU C 389 19.49 -10.25 55.58
CA LEU C 389 19.17 -11.54 56.15
C LEU C 389 19.31 -12.68 55.15
N ALA C 390 19.64 -12.39 53.89
CA ALA C 390 19.89 -13.48 52.95
C ALA C 390 21.05 -14.34 53.41
N ASP C 391 21.98 -13.76 54.18
CA ASP C 391 23.05 -14.51 54.80
C ASP C 391 22.48 -15.65 55.63
N VAL D 3 17.27 37.39 29.18
CA VAL D 3 16.24 37.13 28.17
C VAL D 3 16.87 36.70 26.85
N LYS D 4 16.20 35.79 26.16
CA LYS D 4 16.65 35.31 24.85
C LYS D 4 15.63 35.57 23.77
N ILE D 5 14.40 35.12 23.94
CA ILE D 5 13.37 35.25 22.94
C ILE D 5 12.38 36.32 23.38
N LYS D 6 11.68 36.89 22.41
CA LYS D 6 10.59 37.82 22.70
C LYS D 6 9.64 37.80 21.52
N ILE D 7 8.36 37.60 21.81
CA ILE D 7 7.34 37.37 20.78
C ILE D 7 6.31 38.47 20.88
N GLU D 8 5.68 38.77 19.74
CA GLU D 8 4.73 39.88 19.67
C GLU D 8 3.62 39.51 18.70
N HIS D 9 2.42 39.33 19.24
CA HIS D 9 1.21 39.12 18.47
C HIS D 9 1.36 38.00 17.44
N LEU D 10 2.29 37.09 17.69
CA LEU D 10 2.46 35.96 16.80
C LEU D 10 1.17 35.14 16.74
N THR D 11 0.81 34.72 15.53
CA THR D 11 -0.39 33.94 15.33
C THR D 11 -0.32 33.29 13.96
N LYS D 12 -1.10 32.22 13.81
CA LYS D 12 -1.09 31.43 12.59
C LYS D 12 -2.52 31.06 12.24
N ILE D 13 -2.91 31.30 10.99
CA ILE D 13 -4.25 31.01 10.52
C ILE D 13 -4.15 30.04 9.36
N PHE D 14 -4.88 28.94 9.45
CA PHE D 14 -4.95 27.96 8.37
C PHE D 14 -6.13 28.28 7.47
N GLY D 15 -6.47 27.36 6.58
CA GLY D 15 -7.59 27.58 5.70
C GLY D 15 -7.28 28.64 4.65
N LYS D 16 -8.34 29.26 4.16
CA LYS D 16 -8.25 30.23 3.08
C LYS D 16 -9.02 31.49 3.46
N ARG D 17 -8.84 32.53 2.63
CA ARG D 17 -9.48 33.82 2.86
C ARG D 17 -9.20 34.28 4.29
N ILE D 18 -7.92 34.47 4.56
CA ILE D 18 -7.45 34.58 5.95
C ILE D 18 -7.19 36.01 6.39
N LYS D 19 -6.95 36.94 5.46
CA LYS D 19 -6.76 38.32 5.86
C LYS D 19 -7.96 38.82 6.65
N THR D 20 -9.15 38.33 6.32
CA THR D 20 -10.31 38.63 7.16
C THR D 20 -10.10 38.10 8.56
N ALA D 21 -9.60 36.87 8.69
CA ALA D 21 -9.33 36.31 10.02
C ALA D 21 -8.25 37.09 10.75
N LEU D 22 -7.19 37.50 10.03
CA LEU D 22 -6.15 38.30 10.64
C LEU D 22 -6.71 39.61 11.17
N THR D 23 -7.55 40.26 10.37
CA THR D 23 -8.22 41.47 10.84
C THR D 23 -9.06 41.17 12.07
N MET D 24 -9.79 40.06 12.05
CA MET D 24 -10.67 39.73 13.17
C MET D 24 -9.89 39.58 14.46
N VAL D 25 -8.82 38.78 14.43
CA VAL D 25 -8.02 38.62 15.64
C VAL D 25 -7.37 39.94 16.04
N GLU D 26 -7.20 40.85 15.07
CA GLU D 26 -6.71 42.18 15.39
C GLU D 26 -7.71 42.99 16.22
N LYS D 27 -8.98 42.58 16.29
CA LYS D 27 -10.03 43.20 17.14
C LYS D 27 -10.22 42.35 18.40
N GLY D 28 -10.27 41.02 18.29
CA GLY D 28 -10.50 40.11 19.38
C GLY D 28 -11.64 39.11 19.22
N GLU D 29 -12.07 38.79 18.01
CA GLU D 29 -13.15 37.84 17.84
C GLU D 29 -12.69 36.45 18.24
N PRO D 30 -13.52 35.67 18.94
CA PRO D 30 -13.12 34.30 19.28
C PRO D 30 -12.80 33.44 18.06
N LYS D 31 -12.15 32.32 18.31
CA LYS D 31 -11.75 31.42 17.22
C LYS D 31 -12.97 30.75 16.58
N ASN D 32 -13.95 30.35 17.40
CA ASN D 32 -15.08 29.60 16.89
C ASN D 32 -15.90 30.44 15.90
N GLU D 33 -16.09 31.72 16.22
CA GLU D 33 -16.78 32.60 15.28
C GLU D 33 -16.02 32.70 13.97
N ILE D 34 -14.69 32.82 14.05
CA ILE D 34 -13.88 32.89 12.85
C ILE D 34 -14.08 31.63 12.01
N LEU D 35 -14.08 30.48 12.66
CA LEU D 35 -14.27 29.23 11.93
C LEU D 35 -15.63 29.20 11.26
N LYS D 36 -16.69 29.46 12.01
CA LYS D 36 -18.03 29.36 11.45
C LYS D 36 -18.25 30.36 10.34
N LYS D 37 -17.59 31.51 10.40
CA LYS D 37 -17.79 32.54 9.40
C LYS D 37 -16.95 32.33 8.15
N THR D 38 -15.68 31.93 8.31
CA THR D 38 -14.76 31.79 7.19
C THR D 38 -14.34 30.37 6.89
N GLY D 39 -14.47 29.43 7.82
CA GLY D 39 -13.90 28.12 7.62
C GLY D 39 -12.39 28.11 7.66
N ALA D 40 -11.78 29.10 8.31
CA ALA D 40 -10.33 29.22 8.41
C ALA D 40 -9.95 28.91 9.85
N THR D 41 -9.68 27.64 10.12
CA THR D 41 -9.31 27.22 11.46
C THR D 41 -8.01 27.89 11.88
N VAL D 42 -7.94 28.27 13.15
CA VAL D 42 -6.80 28.96 13.72
C VAL D 42 -6.21 28.09 14.83
N GLY D 43 -4.88 28.03 14.87
CA GLY D 43 -4.19 27.22 15.85
C GLY D 43 -3.48 28.04 16.90
N VAL D 44 -3.13 29.27 16.55
CA VAL D 44 -2.52 30.21 17.48
C VAL D 44 -3.24 31.55 17.35
N TYR D 45 -3.28 32.31 18.43
CA TYR D 45 -4.12 33.50 18.49
C TYR D 45 -3.51 34.51 19.45
N ASP D 46 -2.93 35.56 18.88
CA ASP D 46 -2.40 36.69 19.64
C ASP D 46 -1.54 36.21 20.81
N THR D 47 -0.45 35.53 20.47
CA THR D 47 0.48 35.01 21.46
C THR D 47 1.56 36.04 21.74
N ASN D 48 1.75 36.37 23.02
CA ASN D 48 2.78 37.30 23.44
C ASN D 48 3.44 36.78 24.70
N PHE D 49 4.75 36.58 24.65
CA PHE D 49 5.49 36.20 25.85
C PHE D 49 6.97 36.36 25.56
N GLU D 50 7.80 35.85 26.47
CA GLU D 50 9.24 36.00 26.43
C GLU D 50 9.86 34.79 27.10
N ILE D 51 11.14 34.56 26.81
CA ILE D 51 11.86 33.42 27.35
C ILE D 51 13.27 33.83 27.68
N ASN D 52 13.81 33.24 28.73
CA ASN D 52 15.15 33.53 29.22
C ASN D 52 16.08 32.36 28.96
N GLU D 53 17.34 32.55 29.35
CA GLU D 53 18.37 31.57 29.07
C GLU D 53 18.39 30.50 30.16
N GLY D 54 18.47 29.25 29.74
CA GLY D 54 18.37 28.13 30.64
C GLY D 54 16.97 27.88 31.16
N GLU D 55 15.98 28.62 30.68
CA GLU D 55 14.63 28.57 31.23
C GLU D 55 13.83 27.56 30.42
N ILE D 56 13.85 26.31 30.88
CA ILE D 56 12.96 25.30 30.32
C ILE D 56 11.55 25.85 30.39
N PHE D 57 10.94 26.09 29.24
CA PHE D 57 9.67 26.79 29.15
C PHE D 57 8.66 25.82 28.56
N VAL D 58 8.04 25.03 29.44
CA VAL D 58 7.08 24.05 28.99
C VAL D 58 5.89 24.76 28.35
N ILE D 59 5.18 24.02 27.50
CA ILE D 59 3.99 24.53 26.83
C ILE D 59 2.93 23.45 26.86
N MET D 60 2.00 23.55 27.80
CA MET D 60 1.03 22.50 28.01
C MET D 60 -0.21 22.76 27.16
N GLY D 61 -1.18 21.86 27.27
CA GLY D 61 -2.39 21.97 26.50
C GLY D 61 -2.94 20.63 26.10
N LEU D 62 -4.00 20.65 25.29
CA LEU D 62 -4.66 19.44 24.82
C LEU D 62 -4.54 19.34 23.31
N SER D 63 -4.74 18.13 22.80
CA SER D 63 -4.72 17.92 21.36
C SER D 63 -5.75 18.83 20.73
N GLY D 64 -5.28 19.83 19.99
CA GLY D 64 -6.13 20.87 19.44
C GLY D 64 -5.80 22.26 19.91
N SER D 65 -4.90 22.41 20.88
CA SER D 65 -4.53 23.72 21.38
C SER D 65 -3.59 24.47 20.45
N GLY D 66 -3.04 23.82 19.44
CA GLY D 66 -2.10 24.46 18.56
C GLY D 66 -0.85 24.88 19.29
N LYS D 67 -0.21 23.92 19.95
CA LYS D 67 0.99 24.17 20.73
C LYS D 67 2.25 23.75 19.98
N SER D 68 2.23 22.58 19.35
CA SER D 68 3.33 22.20 18.49
C SER D 68 3.47 23.17 17.33
N THR D 69 2.36 23.71 16.86
CA THR D 69 2.40 24.74 15.83
C THR D 69 3.21 25.93 16.30
N LEU D 70 3.10 26.28 17.58
CA LEU D 70 3.89 27.38 18.11
C LEU D 70 5.38 27.08 18.02
N LEU D 71 5.78 25.87 18.38
CA LEU D 71 7.17 25.47 18.19
C LEU D 71 7.59 25.67 16.75
N ARG D 72 6.91 24.99 15.84
CA ARG D 72 7.31 25.03 14.45
C ARG D 72 7.30 26.45 13.91
N LEU D 73 6.55 27.35 14.54
CA LEU D 73 6.61 28.76 14.19
C LEU D 73 7.89 29.40 14.70
N LEU D 74 8.32 29.03 15.91
CA LEU D 74 9.57 29.55 16.43
C LEU D 74 10.72 29.21 15.50
N ASN D 75 10.75 27.97 15.01
CA ASN D 75 11.76 27.55 14.05
C ASN D 75 11.39 27.92 12.62
N ARG D 76 10.17 28.38 12.40
CA ARG D 76 9.66 28.85 11.12
C ARG D 76 9.48 27.73 10.11
N LEU D 77 9.40 26.48 10.56
CA LEU D 77 8.95 25.41 9.68
C LEU D 77 7.55 25.69 9.16
N ILE D 78 6.77 26.46 9.90
CA ILE D 78 5.47 26.93 9.47
C ILE D 78 5.53 28.45 9.47
N GLU D 79 5.40 29.05 8.30
CA GLU D 79 5.63 30.48 8.18
C GLU D 79 4.56 31.22 8.98
N PRO D 80 4.95 32.14 9.86
CA PRO D 80 3.95 32.82 10.69
C PRO D 80 3.06 33.72 9.85
N THR D 81 1.77 33.67 10.16
CA THR D 81 0.82 34.60 9.53
C THR D 81 1.14 36.04 9.90
N SER D 82 1.64 36.27 11.10
CA SER D 82 1.97 37.61 11.57
C SER D 82 2.83 37.47 12.82
N GLY D 83 3.34 38.60 13.28
CA GLY D 83 4.12 38.65 14.51
C GLY D 83 5.60 38.75 14.26
N LYS D 84 6.35 38.70 15.35
CA LYS D 84 7.80 38.80 15.31
C LYS D 84 8.41 37.94 16.40
N ILE D 85 9.67 37.60 16.18
CA ILE D 85 10.43 36.71 17.06
C ILE D 85 11.84 37.22 17.16
N PHE D 86 12.17 37.93 18.23
CA PHE D 86 13.45 38.60 18.38
C PHE D 86 14.42 37.67 19.12
N ILE D 87 15.22 36.97 18.33
CA ILE D 87 16.30 36.14 18.84
C ILE D 87 17.62 36.80 18.46
N ASP D 88 18.52 36.90 19.43
CA ASP D 88 19.84 37.48 19.19
C ASP D 88 19.71 38.88 18.61
N ASN D 89 18.70 39.61 19.09
CA ASN D 89 18.39 40.94 18.57
C ASN D 89 18.11 40.90 17.08
N GLN D 90 17.66 39.75 16.60
CA GLN D 90 17.41 39.54 15.17
C GLN D 90 16.05 38.87 15.03
N ASP D 91 15.14 39.55 14.32
CA ASP D 91 13.85 38.95 14.04
C ASP D 91 14.02 37.68 13.22
N VAL D 92 12.95 36.90 13.12
CA VAL D 92 12.99 35.62 12.43
C VAL D 92 11.90 35.48 11.38
N ALA D 93 10.81 36.22 11.46
CA ALA D 93 9.76 36.13 10.47
C ALA D 93 9.97 37.06 9.28
N THR D 94 11.05 37.84 9.28
CA THR D 94 11.37 38.76 8.20
C THR D 94 12.73 38.43 7.58
N LEU D 95 13.16 37.18 7.71
CA LEU D 95 14.48 36.78 7.27
C LEU D 95 14.42 36.16 5.88
N ASN D 96 15.46 36.43 5.10
CA ASN D 96 15.64 35.76 3.82
C ASN D 96 15.89 34.28 4.08
N LYS D 97 16.11 33.52 3.02
CA LYS D 97 16.19 32.08 3.23
C LYS D 97 17.51 31.68 3.87
N GLU D 98 18.62 32.28 3.43
CA GLU D 98 19.93 31.76 3.83
C GLU D 98 20.15 32.05 5.33
N ASP D 99 19.76 33.24 5.77
CA ASP D 99 19.95 33.60 7.17
C ASP D 99 19.10 32.72 8.10
N LEU D 100 17.84 32.51 7.75
CA LEU D 100 17.01 31.56 8.47
C LEU D 100 17.66 30.19 8.48
N LEU D 101 18.25 29.80 7.37
CA LEU D 101 18.86 28.49 7.26
C LEU D 101 20.04 28.36 8.24
N GLN D 102 20.86 29.41 8.32
CA GLN D 102 21.98 29.39 9.25
C GLN D 102 21.50 29.41 10.69
N VAL D 103 20.43 30.16 10.97
CA VAL D 103 19.86 30.18 12.31
C VAL D 103 19.41 28.77 12.70
N ARG D 104 18.76 28.09 11.77
CA ARG D 104 18.37 26.70 12.02
C ARG D 104 19.58 25.82 12.26
N ARG D 105 20.64 26.01 11.50
CA ARG D 105 21.81 25.13 11.61
C ARG D 105 22.55 25.37 12.93
N LYS D 106 22.57 26.61 13.41
CA LYS D 106 23.43 26.99 14.53
C LYS D 106 22.67 27.08 15.85
N THR D 107 21.68 27.95 15.94
CA THR D 107 21.02 28.21 17.22
C THR D 107 20.01 27.11 17.53
N MET D 108 19.02 26.97 16.68
CA MET D 108 17.89 26.10 16.95
C MET D 108 18.23 24.64 16.68
N SER D 109 17.35 23.78 17.19
CA SER D 109 17.42 22.35 16.96
C SER D 109 16.16 21.75 17.54
N MET D 110 15.77 20.59 17.05
CA MET D 110 14.41 20.12 17.16
C MET D 110 14.42 18.69 17.67
N VAL D 111 13.35 18.31 18.35
CA VAL D 111 13.14 16.93 18.76
C VAL D 111 11.67 16.60 18.60
N PHE D 112 11.38 15.37 18.19
CA PHE D 112 10.05 14.99 17.77
C PHE D 112 9.50 13.86 18.63
N GLN D 113 8.19 13.68 18.51
CA GLN D 113 7.50 12.66 19.29
C GLN D 113 7.98 11.26 18.92
N ASN D 114 7.97 10.95 17.62
CA ASN D 114 8.39 9.64 17.13
C ASN D 114 9.83 9.62 16.66
N PHE D 115 10.67 10.46 17.26
CA PHE D 115 12.12 10.43 17.23
C PHE D 115 12.70 10.97 15.93
N GLY D 116 11.88 11.22 14.91
CA GLY D 116 12.34 11.78 13.66
C GLY D 116 13.67 11.24 13.18
N LEU D 117 13.75 9.93 12.97
CA LEU D 117 14.99 9.27 12.59
C LEU D 117 14.89 8.70 11.19
N PHE D 118 15.99 8.77 10.45
CA PHE D 118 16.07 8.20 9.12
C PHE D 118 16.38 6.71 9.21
N PRO D 119 15.47 5.83 8.81
CA PRO D 119 15.76 4.39 8.89
C PRO D 119 16.78 3.93 7.87
N HIS D 120 16.97 4.68 6.79
CA HIS D 120 17.91 4.31 5.74
C HIS D 120 19.33 4.74 6.06
N ARG D 121 19.64 4.96 7.34
CA ARG D 121 20.97 5.36 7.77
C ARG D 121 21.29 4.64 9.07
N THR D 122 22.57 4.63 9.41
CA THR D 122 23.00 4.11 10.70
C THR D 122 23.16 5.27 11.67
N ILE D 123 22.95 4.97 12.95
CA ILE D 123 22.78 5.97 13.99
C ILE D 123 23.76 7.12 13.84
N LEU D 124 25.02 6.81 13.54
CA LEU D 124 26.02 7.87 13.49
C LEU D 124 25.70 8.86 12.37
N GLU D 125 25.24 8.36 11.22
CA GLU D 125 24.90 9.26 10.13
C GLU D 125 23.74 10.17 10.51
N ASN D 126 22.72 9.61 11.16
CA ASN D 126 21.64 10.45 11.66
C ASN D 126 22.16 11.50 12.62
N THR D 127 23.06 11.10 13.52
CA THR D 127 23.59 12.02 14.52
C THR D 127 24.36 13.16 13.88
N GLU D 128 25.15 12.85 12.85
CA GLU D 128 25.98 13.86 12.21
C GLU D 128 25.26 14.61 11.12
N TYR D 129 24.02 14.23 10.78
CA TYR D 129 23.30 14.90 9.70
C TYR D 129 23.32 16.41 9.86
N GLY D 130 23.15 16.90 11.08
CA GLY D 130 23.08 18.33 11.29
C GLY D 130 24.32 19.07 10.82
N LEU D 131 25.45 18.38 10.82
CA LEU D 131 26.71 18.91 10.33
C LEU D 131 26.97 18.57 8.88
N GLU D 132 26.72 17.32 8.52
CA GLU D 132 26.71 16.87 7.14
C GLU D 132 26.06 17.90 6.23
N VAL D 133 24.92 18.45 6.66
CA VAL D 133 24.24 19.48 5.89
C VAL D 133 24.93 20.83 5.96
N GLN D 134 25.88 21.01 6.89
CA GLN D 134 26.61 22.26 7.00
C GLN D 134 27.89 22.26 6.20
N ASN D 135 28.17 21.19 5.46
CA ASN D 135 29.36 21.10 4.62
C ASN D 135 30.64 21.26 5.44
N VAL D 136 30.85 20.30 6.33
CA VAL D 136 32.05 20.27 7.17
C VAL D 136 32.79 18.96 6.94
N PRO D 137 34.11 18.93 7.15
CA PRO D 137 34.86 17.69 6.93
C PRO D 137 34.38 16.57 7.84
N LYS D 138 34.60 15.34 7.38
CA LYS D 138 33.90 14.21 7.98
C LYS D 138 34.52 13.73 9.28
N GLU D 139 35.83 13.87 9.49
CA GLU D 139 36.39 13.33 10.72
C GLU D 139 35.90 14.13 11.93
N GLU D 140 35.80 15.45 11.80
CA GLU D 140 35.24 16.19 12.94
C GLU D 140 33.77 15.85 13.13
N ARG D 141 33.05 15.62 12.04
CA ARG D 141 31.66 15.17 12.13
C ARG D 141 31.56 13.90 12.95
N ARG D 142 32.35 12.89 12.57
CA ARG D 142 32.31 11.60 13.24
C ARG D 142 32.79 11.72 14.68
N LYS D 143 33.82 12.52 14.92
CA LYS D 143 34.29 12.82 16.26
C LYS D 143 33.17 13.37 17.14
N ARG D 144 32.48 14.40 16.68
CA ARG D 144 31.43 14.99 17.50
C ARG D 144 30.26 14.02 17.66
N ALA D 145 29.98 13.22 16.63
CA ALA D 145 28.92 12.23 16.73
C ALA D 145 29.23 11.18 17.78
N GLU D 146 30.42 10.58 17.71
CA GLU D 146 30.82 9.58 18.69
C GLU D 146 30.90 10.18 20.08
N LYS D 147 31.35 11.44 20.15
CA LYS D 147 31.45 12.15 21.45
C LYS D 147 30.05 12.22 22.06
N ALA D 148 29.08 12.72 21.28
CA ALA D 148 27.72 12.86 21.79
C ALA D 148 27.13 11.50 22.17
N LEU D 149 27.35 10.48 21.34
CA LEU D 149 26.83 9.16 21.67
C LEU D 149 27.45 8.63 22.96
N ASP D 150 28.75 8.83 23.14
CA ASP D 150 29.40 8.45 24.38
C ASP D 150 28.81 9.20 25.55
N ASN D 151 28.41 10.45 25.34
CA ASN D 151 27.67 11.16 26.38
C ASN D 151 26.33 10.52 26.68
N ALA D 152 25.84 9.63 25.82
CA ALA D 152 24.59 8.93 26.06
C ALA D 152 24.76 7.42 26.24
N ASN D 153 26.00 6.94 26.37
CA ASN D 153 26.27 5.56 26.77
C ASN D 153 25.68 4.55 25.79
N LEU D 154 25.77 4.84 24.50
CA LEU D 154 25.34 3.90 23.48
C LEU D 154 26.23 3.88 22.24
N LEU D 155 27.46 4.39 22.33
CA LEU D 155 28.33 4.41 21.18
C LEU D 155 28.53 3.02 20.59
N ASP D 156 28.59 2.00 21.44
CA ASP D 156 28.74 0.63 20.94
C ASP D 156 27.56 0.24 20.06
N PHE D 157 26.44 0.95 20.17
CA PHE D 157 25.24 0.70 19.42
C PHE D 157 25.20 1.49 18.11
N LYS D 158 26.28 2.17 17.76
CA LYS D 158 26.39 2.82 16.46
C LYS D 158 26.57 1.73 15.41
N ASP D 159 26.82 2.14 14.17
CA ASP D 159 26.93 1.23 13.03
C ASP D 159 25.77 0.23 13.01
N GLN D 160 24.65 0.61 13.61
CA GLN D 160 23.42 -0.16 13.61
C GLN D 160 22.28 0.74 13.16
N TYR D 161 21.10 0.16 13.06
CA TYR D 161 19.94 0.84 12.52
C TYR D 161 18.89 1.08 13.60
N PRO D 162 18.16 2.20 13.52
CA PRO D 162 17.20 2.52 14.59
C PRO D 162 16.18 1.42 14.83
N LYS D 163 15.60 0.92 13.74
CA LYS D 163 14.59 -0.14 13.82
C LYS D 163 14.96 -1.26 14.78
N GLN D 164 16.25 -1.58 14.92
CA GLN D 164 16.65 -2.65 15.83
C GLN D 164 16.94 -2.14 17.24
N LEU D 165 16.43 -0.96 17.58
CA LEU D 165 16.60 -0.37 18.90
C LEU D 165 15.24 -0.18 19.55
N SER D 166 15.27 0.28 20.80
CA SER D 166 14.07 0.58 21.56
C SER D 166 13.90 2.09 21.67
N GLY D 167 12.69 2.49 22.03
CA GLY D 167 12.33 3.90 22.04
C GLY D 167 13.32 4.78 22.75
N GLY D 168 13.82 4.33 23.90
CA GLY D 168 14.71 5.16 24.69
C GLY D 168 15.98 5.52 23.94
N MET D 169 16.61 4.52 23.31
CA MET D 169 17.86 4.78 22.60
C MET D 169 17.62 5.64 21.37
N GLN D 170 16.50 5.43 20.68
CA GLN D 170 16.18 6.29 19.55
C GLN D 170 16.02 7.74 20.01
N GLN D 171 15.36 7.95 21.15
CA GLN D 171 15.21 9.30 21.67
C GLN D 171 16.55 9.91 22.04
N ARG D 172 17.41 9.11 22.67
CA ARG D 172 18.74 9.62 23.01
C ARG D 172 19.49 10.00 21.75
N VAL D 173 19.33 9.21 20.69
CA VAL D 173 19.99 9.52 19.43
C VAL D 173 19.46 10.82 18.85
N GLY D 174 18.16 11.02 18.88
CA GLY D 174 17.60 12.26 18.37
C GLY D 174 18.08 13.45 19.17
N LEU D 175 18.11 13.33 20.48
CA LEU D 175 18.59 14.41 21.33
C LEU D 175 20.06 14.70 21.05
N ALA D 176 20.86 13.66 20.82
CA ALA D 176 22.27 13.87 20.50
C ALA D 176 22.43 14.55 19.14
N ARG D 177 21.68 14.08 18.14
CA ARG D 177 21.66 14.75 16.84
C ARG D 177 21.36 16.23 17.01
N ALA D 178 20.42 16.55 17.89
CA ALA D 178 20.15 17.95 18.19
C ALA D 178 21.35 18.63 18.84
N LEU D 179 22.04 17.92 19.73
CA LEU D 179 23.11 18.53 20.51
C LEU D 179 24.40 18.69 19.72
N ALA D 180 24.68 17.76 18.81
CA ALA D 180 25.90 17.79 18.01
C ALA D 180 26.17 19.19 17.48
N ASN D 181 25.12 19.92 17.14
CA ASN D 181 25.23 21.26 16.60
C ASN D 181 25.73 22.28 17.61
N ASP D 182 25.74 21.94 18.90
CA ASP D 182 25.94 22.94 19.94
C ASP D 182 24.88 24.04 19.82
N PRO D 183 23.62 23.67 19.72
CA PRO D 183 22.56 24.70 19.65
C PRO D 183 22.40 25.43 20.96
N GLU D 184 21.91 26.66 20.85
CA GLU D 184 21.55 27.46 22.00
C GLU D 184 20.10 27.23 22.41
N ILE D 185 19.39 26.34 21.72
CA ILE D 185 17.97 26.11 21.96
C ILE D 185 17.66 24.66 21.61
N LEU D 186 16.60 24.13 22.21
CA LEU D 186 16.16 22.77 21.93
C LEU D 186 14.63 22.74 22.00
N LEU D 187 14.01 22.63 20.83
CA LEU D 187 12.56 22.50 20.75
C LEU D 187 12.18 21.03 20.79
N MET D 188 11.14 20.71 21.55
CA MET D 188 10.64 19.35 21.65
C MET D 188 9.14 19.32 21.45
N ASP D 189 8.65 18.31 20.74
CA ASP D 189 7.23 18.10 20.51
C ASP D 189 6.85 16.77 21.15
N GLU D 190 6.55 16.81 22.44
CA GLU D 190 6.15 15.61 23.18
C GLU D 190 7.17 14.50 23.01
N ALA D 191 8.44 14.87 23.11
CA ALA D 191 9.53 13.93 22.86
C ALA D 191 9.31 12.62 23.59
N PHE D 192 9.22 12.68 24.91
CA PHE D 192 9.18 11.48 25.75
C PHE D 192 7.81 10.82 25.80
N SER D 193 6.84 11.33 25.05
CA SER D 193 5.48 10.80 25.12
C SER D 193 5.34 9.41 24.51
N ALA D 194 6.31 8.97 23.71
CA ALA D 194 6.24 7.67 23.09
C ALA D 194 6.99 6.59 23.86
N LEU D 195 7.73 6.97 24.90
CA LEU D 195 8.50 6.01 25.68
C LEU D 195 7.65 5.45 26.80
N ASP D 196 8.18 4.46 27.49
CA ASP D 196 7.54 3.95 28.68
C ASP D 196 7.72 4.96 29.82
N PRO D 197 6.76 5.02 30.75
CA PRO D 197 6.84 6.06 31.79
C PRO D 197 8.09 5.93 32.63
N LEU D 198 8.59 4.71 32.81
CA LEU D 198 9.86 4.52 33.51
C LEU D 198 11.00 5.16 32.74
N ILE D 199 11.12 4.83 31.45
CA ILE D 199 12.11 5.44 30.60
C ILE D 199 11.84 6.92 30.49
N ARG D 200 10.57 7.32 30.59
CA ARG D 200 10.24 8.73 30.56
C ARG D 200 10.85 9.48 31.73
N ARG D 201 10.72 8.92 32.93
CA ARG D 201 11.33 9.52 34.10
C ARG D 201 12.84 9.53 34.01
N GLU D 202 13.41 8.42 33.51
CA GLU D 202 14.86 8.36 33.35
C GLU D 202 15.35 9.45 32.40
N MET D 203 14.64 9.63 31.29
CA MET D 203 15.00 10.66 30.32
C MET D 203 14.83 12.05 30.91
N GLN D 204 13.78 12.27 31.69
CA GLN D 204 13.61 13.57 32.33
C GLN D 204 14.78 13.87 33.26
N ASP D 205 15.18 12.90 34.06
CA ASP D 205 16.30 13.11 34.97
C ASP D 205 17.58 13.37 34.19
N GLU D 206 17.82 12.62 33.12
CA GLU D 206 19.02 12.82 32.31
C GLU D 206 19.01 14.21 31.68
N LEU D 207 17.85 14.65 31.21
CA LEU D 207 17.73 15.96 30.60
C LEU D 207 18.02 17.06 31.61
N LEU D 208 17.52 16.90 32.84
CA LEU D 208 17.80 17.89 33.88
C LEU D 208 19.29 17.91 34.21
N GLU D 209 19.91 16.74 34.27
CA GLU D 209 21.35 16.65 34.47
C GLU D 209 22.07 17.45 33.39
N LEU D 210 21.70 17.21 32.14
CA LEU D 210 22.28 17.89 31.00
C LEU D 210 22.12 19.40 31.14
N GLN D 211 20.89 19.85 31.40
CA GLN D 211 20.62 21.27 31.45
C GLN D 211 21.39 21.94 32.59
N ALA D 212 21.60 21.21 33.68
CA ALA D 212 22.49 21.72 34.72
C ALA D 212 23.90 21.90 34.18
N LYS D 213 24.37 20.91 33.43
CA LYS D 213 25.72 21.00 32.86
C LYS D 213 25.76 22.02 31.71
N PHE D 214 24.75 21.97 30.84
CA PHE D 214 24.56 22.82 29.66
C PHE D 214 23.42 23.81 29.92
N GLN D 215 23.76 25.10 29.95
CA GLN D 215 22.76 26.15 30.17
C GLN D 215 22.28 26.64 28.82
N LYS D 216 21.28 25.94 28.28
CA LYS D 216 20.67 26.32 27.02
C LYS D 216 19.16 26.23 27.13
N THR D 217 18.48 27.14 26.45
CA THR D 217 17.03 27.22 26.52
C THR D 217 16.40 25.94 25.95
N ILE D 218 15.20 25.63 26.43
CA ILE D 218 14.47 24.46 25.99
C ILE D 218 12.98 24.77 25.93
N ILE D 219 12.41 24.75 24.74
CA ILE D 219 10.96 24.93 24.56
C ILE D 219 10.35 23.54 24.55
N PHE D 220 10.08 23.02 25.73
CA PHE D 220 9.46 21.71 25.83
C PHE D 220 7.97 21.80 25.56
N VAL D 221 7.39 20.65 25.21
CA VAL D 221 5.95 20.51 25.01
C VAL D 221 5.52 19.19 25.63
N SER D 222 4.38 19.22 26.30
CA SER D 222 3.86 18.01 26.92
C SER D 222 2.40 18.24 27.29
N HIS D 223 1.65 17.14 27.28
CA HIS D 223 0.27 17.13 27.76
C HIS D 223 0.17 16.55 29.17
N ASP D 224 1.30 16.16 29.76
CA ASP D 224 1.35 15.63 31.11
C ASP D 224 1.80 16.73 32.06
N LEU D 225 0.94 17.09 33.01
CA LEU D 225 1.29 18.13 33.96
C LEU D 225 2.45 17.69 34.84
N ASN D 226 2.50 16.41 35.17
CA ASN D 226 3.68 15.86 35.86
C ASN D 226 4.95 16.13 35.08
N GLU D 227 4.94 15.84 33.79
CA GLU D 227 6.13 15.99 32.96
C GLU D 227 6.58 17.43 32.89
N ALA D 228 5.74 18.38 33.30
CA ALA D 228 6.06 19.79 33.31
C ALA D 228 6.53 20.28 34.68
N LEU D 229 5.83 19.89 35.74
CA LEU D 229 6.24 20.30 37.08
C LEU D 229 7.59 19.71 37.44
N ARG D 230 7.84 18.47 37.01
CA ARG D 230 9.11 17.83 37.32
C ARG D 230 10.28 18.66 36.84
N ILE D 231 10.23 19.12 35.60
CA ILE D 231 11.35 19.77 34.94
C ILE D 231 11.09 21.24 34.69
N GLY D 232 9.85 21.60 34.38
CA GLY D 232 9.53 22.95 33.97
C GLY D 232 9.89 24.02 34.98
N ASP D 233 10.63 25.03 34.52
CA ASP D 233 10.92 26.21 35.31
C ASP D 233 9.90 27.32 35.09
N ARG D 234 9.22 27.32 33.94
CA ARG D 234 8.13 28.26 33.67
C ARG D 234 7.18 27.59 32.68
N ILE D 235 5.93 27.42 33.11
CA ILE D 235 4.95 26.75 32.28
C ILE D 235 4.07 27.78 31.58
N ALA D 236 3.44 27.34 30.49
CA ALA D 236 2.51 28.15 29.72
C ALA D 236 1.43 27.22 29.19
N ILE D 237 0.20 27.42 29.63
CA ILE D 237 -0.90 26.57 29.21
C ILE D 237 -1.60 27.22 28.02
N MET D 238 -2.11 26.38 27.13
CA MET D 238 -2.58 26.83 25.83
C MET D 238 -3.91 26.17 25.51
N LYS D 239 -4.92 26.99 25.24
CA LYS D 239 -6.17 26.54 24.61
C LYS D 239 -6.46 27.52 23.48
N ASP D 240 -5.84 27.27 22.33
CA ASP D 240 -5.94 28.15 21.16
C ASP D 240 -5.33 29.52 21.46
N GLY D 241 -4.80 29.69 22.66
CA GLY D 241 -4.24 30.96 23.09
C GLY D 241 -3.66 30.79 24.48
N LYS D 242 -2.98 31.82 24.94
CA LYS D 242 -2.26 31.73 26.21
C LYS D 242 -3.20 32.08 27.35
N ILE D 243 -3.72 31.04 27.99
CA ILE D 243 -4.53 31.23 29.18
C ILE D 243 -3.71 31.91 30.26
N MET D 244 -2.53 31.37 30.55
CA MET D 244 -1.63 31.95 31.54
C MET D 244 -0.31 31.20 31.52
N GLN D 245 0.79 31.95 31.63
CA GLN D 245 2.11 31.37 31.68
C GLN D 245 2.98 31.93 32.81
N ILE D 246 2.37 32.48 33.86
CA ILE D 246 3.14 33.01 34.98
C ILE D 246 4.20 32.01 35.40
N GLY D 247 3.93 30.73 35.21
CA GLY D 247 4.93 29.71 35.50
C GLY D 247 5.34 29.71 36.95
N THR D 248 6.61 29.36 37.17
CA THR D 248 7.15 29.24 38.52
C THR D 248 6.44 28.11 39.28
N GLY D 249 5.65 27.33 38.57
CA GLY D 249 5.16 26.05 39.09
C GLY D 249 3.89 26.10 39.91
N GLU D 250 3.79 27.04 40.86
CA GLU D 250 2.62 27.09 41.73
C GLU D 250 1.61 28.10 41.22
N GLU D 251 2.06 29.21 40.63
CA GLU D 251 1.11 30.22 40.18
C GLU D 251 0.09 29.64 39.23
N ILE D 252 0.40 28.48 38.65
CA ILE D 252 -0.62 27.75 37.85
C ILE D 252 -1.51 27.11 38.91
N LEU D 253 -0.92 26.60 40.00
CA LEU D 253 -1.66 26.06 41.13
C LEU D 253 -2.18 27.00 42.20
N THR D 254 -1.53 28.15 42.40
CA THR D 254 -1.85 29.03 43.51
C THR D 254 -2.87 30.10 43.11
N ASN D 255 -2.58 30.81 42.02
CA ASN D 255 -3.43 31.89 41.54
C ASN D 255 -3.77 31.66 40.06
N PRO D 256 -4.43 30.57 39.75
CA PRO D 256 -4.88 30.35 38.38
C PRO D 256 -5.87 31.40 37.94
N ALA D 257 -5.47 32.22 36.95
CA ALA D 257 -6.33 33.30 36.50
C ALA D 257 -7.68 32.77 36.03
N ASN D 258 -7.66 31.71 35.24
CA ASN D 258 -8.89 31.18 34.66
C ASN D 258 -9.52 30.14 35.57
N ASP D 259 -10.64 29.61 35.11
CA ASP D 259 -11.30 28.46 35.70
C ASP D 259 -11.04 27.18 34.93
N TYR D 260 -10.68 27.28 33.65
CA TYR D 260 -10.25 26.14 32.85
C TYR D 260 -8.97 25.51 33.37
N VAL D 261 -7.99 26.32 33.75
CA VAL D 261 -6.74 25.77 34.26
C VAL D 261 -7.00 24.94 35.51
N LYS D 262 -7.90 25.44 36.36
CA LYS D 262 -8.18 24.75 37.63
C LYS D 262 -8.80 23.39 37.41
N THR D 263 -9.35 23.13 36.23
CA THR D 263 -9.80 21.78 35.91
C THR D 263 -8.73 21.03 35.12
N PHE D 264 -7.89 21.76 34.39
CA PHE D 264 -6.82 21.12 33.64
C PHE D 264 -5.80 20.50 34.59
N VAL D 265 -5.39 21.24 35.61
CA VAL D 265 -4.50 20.69 36.63
C VAL D 265 -5.25 19.87 37.66
N GLU D 266 -6.57 20.03 37.71
CA GLU D 266 -7.46 19.24 38.57
C GLU D 266 -7.13 19.44 40.06
N ASP D 267 -7.18 20.71 40.51
CA ASP D 267 -6.84 21.05 41.93
C ASP D 267 -7.87 20.40 42.86
N THR D 275 -13.45 15.58 48.78
CA THR D 275 -14.25 15.20 49.94
C THR D 275 -14.10 13.76 50.44
N ALA D 276 -14.93 12.87 49.90
CA ALA D 276 -14.96 11.49 50.35
C ALA D 276 -13.67 10.75 50.02
N GLU D 277 -13.63 9.48 50.42
CA GLU D 277 -12.45 8.64 50.20
C GLU D 277 -12.46 8.08 48.77
N ASN D 278 -12.58 9.01 47.83
CA ASN D 278 -12.27 8.75 46.43
C ASN D 278 -10.79 8.91 46.15
N ILE D 279 -10.03 9.35 47.16
CA ILE D 279 -8.58 9.47 47.05
C ILE D 279 -7.88 8.14 47.24
N MET D 280 -8.61 7.08 47.55
CA MET D 280 -8.01 5.77 47.66
C MET D 280 -7.23 5.45 46.38
N ILE D 281 -6.18 4.65 46.53
CA ILE D 281 -5.28 4.38 45.42
C ILE D 281 -5.26 2.87 45.18
N PRO D 282 -4.90 2.42 43.98
CA PRO D 282 -4.77 0.98 43.76
C PRO D 282 -3.82 0.36 44.78
N ALA D 283 -4.20 -0.79 45.30
CA ALA D 283 -3.48 -1.44 46.38
C ALA D 283 -2.49 -2.44 45.85
N LEU D 284 -1.57 -2.83 46.72
CA LEU D 284 -0.58 -3.86 46.45
C LEU D 284 -0.96 -5.07 47.29
N THR D 285 -1.28 -6.17 46.62
CA THR D 285 -1.97 -7.29 47.24
C THR D 285 -1.08 -8.53 47.26
N THR D 286 -1.39 -9.42 48.19
CA THR D 286 -0.63 -10.67 48.36
C THR D 286 -1.63 -11.76 48.73
N ASN D 287 -1.99 -12.58 47.73
CA ASN D 287 -2.95 -13.65 47.96
C ASN D 287 -2.31 -14.80 48.72
N ILE D 288 -2.44 -14.76 50.04
CA ILE D 288 -1.64 -15.61 50.92
C ILE D 288 -1.86 -17.10 50.65
N ASP D 289 -3.10 -17.51 50.36
CA ASP D 289 -3.41 -18.93 50.31
C ASP D 289 -2.59 -19.66 49.25
N VAL D 290 -2.09 -18.96 48.24
CA VAL D 290 -1.34 -19.60 47.17
C VAL D 290 0.09 -19.07 47.14
N ASP D 291 0.27 -17.77 47.36
CA ASP D 291 1.61 -17.22 47.41
C ASP D 291 2.15 -17.26 48.84
N GLY D 292 3.45 -16.98 48.96
CA GLY D 292 4.10 -17.05 50.25
C GLY D 292 5.16 -16.00 50.44
N PRO D 293 6.10 -16.25 51.35
CA PRO D 293 7.06 -15.21 51.76
C PRO D 293 7.95 -14.73 50.63
N SER D 294 8.56 -15.66 49.91
CA SER D 294 9.48 -15.27 48.85
C SER D 294 8.76 -14.49 47.76
N VAL D 295 7.56 -14.94 47.40
CA VAL D 295 6.77 -14.22 46.40
C VAL D 295 6.44 -12.82 46.90
N ALA D 296 6.08 -12.71 48.18
CA ALA D 296 5.74 -11.40 48.74
C ALA D 296 6.95 -10.47 48.69
N LEU D 297 8.14 -11.00 49.00
CA LEU D 297 9.33 -10.17 48.97
C LEU D 297 9.69 -9.76 47.54
N LYS D 298 9.47 -10.67 46.58
CA LYS D 298 9.65 -10.32 45.18
C LYS D 298 8.71 -9.20 44.78
N LYS D 299 7.46 -9.29 45.24
CA LYS D 299 6.49 -8.23 44.94
C LYS D 299 6.92 -6.92 45.56
N MET D 300 7.43 -6.94 46.78
CA MET D 300 7.91 -5.71 47.40
C MET D 300 9.06 -5.13 46.58
N LYS D 301 9.97 -5.98 46.13
CA LYS D 301 11.11 -5.49 45.36
C LYS D 301 10.67 -4.86 44.05
N THR D 302 9.78 -5.52 43.33
CA THR D 302 9.32 -4.99 42.05
C THR D 302 8.54 -3.71 42.25
N GLU D 303 7.71 -3.69 43.30
CA GLU D 303 6.76 -2.63 43.56
C GLU D 303 7.39 -1.47 44.31
N GLU D 304 8.65 -1.64 44.73
CA GLU D 304 9.42 -0.61 45.41
C GLU D 304 8.68 -0.10 46.64
N VAL D 305 8.38 -1.04 47.55
CA VAL D 305 7.77 -0.75 48.83
C VAL D 305 8.36 -1.69 49.88
N SER D 306 7.87 -1.57 51.10
CA SER D 306 8.33 -2.36 52.22
C SER D 306 7.26 -3.21 52.87
N SER D 307 5.99 -2.97 52.56
CA SER D 307 4.88 -3.72 53.14
C SER D 307 3.89 -4.05 52.03
N LEU D 308 2.84 -4.77 52.40
CA LEU D 308 1.83 -5.19 51.44
C LEU D 308 0.53 -5.48 52.17
N MET D 309 -0.54 -5.51 51.38
CA MET D 309 -1.85 -5.89 51.88
C MET D 309 -2.13 -7.33 51.49
N ALA D 310 -2.73 -8.08 52.40
CA ALA D 310 -2.92 -9.51 52.25
C ALA D 310 -4.40 -9.84 52.28
N VAL D 311 -4.82 -10.65 51.31
CA VAL D 311 -6.24 -10.97 51.11
C VAL D 311 -6.42 -12.47 51.17
N ASP D 312 -7.67 -12.93 51.09
CA ASP D 312 -8.03 -14.33 50.98
C ASP D 312 -8.13 -14.68 49.49
N LYS D 313 -8.13 -15.97 49.16
CA LYS D 313 -7.99 -16.32 47.75
C LYS D 313 -9.12 -15.63 47.00
N LYS D 314 -10.28 -15.57 47.65
CA LYS D 314 -11.55 -15.08 47.12
C LYS D 314 -11.64 -13.56 47.22
N ARG D 315 -10.51 -12.88 47.35
CA ARG D 315 -10.41 -11.44 47.32
C ARG D 315 -11.01 -10.78 48.56
N GLN D 316 -11.31 -11.54 49.60
CA GLN D 316 -11.54 -10.95 50.90
C GLN D 316 -10.26 -10.42 51.50
N PHE D 317 -10.31 -9.20 51.99
CA PHE D 317 -9.23 -8.64 52.77
C PHE D 317 -9.01 -9.48 54.03
N ARG D 318 -7.76 -9.59 54.42
CA ARG D 318 -7.36 -10.35 55.59
C ARG D 318 -6.46 -9.58 56.52
N GLY D 319 -5.59 -8.72 55.98
CA GLY D 319 -4.70 -7.95 56.84
C GLY D 319 -3.51 -7.37 56.11
N VAL D 320 -2.38 -7.29 56.80
CA VAL D 320 -1.18 -6.65 56.29
C VAL D 320 0.02 -7.56 56.50
N VAL D 321 1.05 -7.34 55.67
CA VAL D 321 2.29 -8.07 55.74
C VAL D 321 3.43 -7.06 55.63
N THR D 322 4.55 -7.40 56.27
CA THR D 322 5.71 -6.53 56.30
C THR D 322 6.94 -7.32 55.88
N SER D 323 7.97 -6.58 55.46
CA SER D 323 9.18 -7.21 54.95
C SER D 323 9.83 -8.08 56.01
N GLU D 324 9.92 -7.59 57.24
CA GLU D 324 10.51 -8.38 58.31
C GLU D 324 9.68 -9.62 58.61
N GLN D 325 8.36 -9.48 58.58
CA GLN D 325 7.51 -10.65 58.79
C GLN D 325 7.77 -11.71 57.73
N ALA D 326 7.86 -11.30 56.47
CA ALA D 326 8.12 -12.25 55.40
C ALA D 326 9.50 -12.89 55.55
N ILE D 327 10.50 -12.11 55.96
CA ILE D 327 11.83 -12.67 56.16
C ILE D 327 11.82 -13.71 57.26
N ALA D 328 11.15 -13.40 58.37
CA ALA D 328 11.04 -14.37 59.45
C ALA D 328 10.32 -15.63 58.98
N ALA D 329 9.25 -15.45 58.20
CA ALA D 329 8.55 -16.59 57.64
C ALA D 329 9.45 -17.44 56.78
N ARG D 330 10.29 -16.79 55.97
CA ARG D 330 11.19 -17.52 55.07
C ARG D 330 12.23 -18.30 55.86
N LYS D 331 12.90 -17.64 56.80
CA LYS D 331 13.93 -18.32 57.58
C LYS D 331 13.33 -19.43 58.42
N ASN D 332 12.20 -19.15 59.07
CA ASN D 332 11.53 -20.14 59.89
C ASN D 332 10.80 -21.19 59.07
N ASN D 333 10.61 -20.96 57.77
CA ASN D 333 9.79 -21.78 56.88
C ASN D 333 8.31 -21.65 57.21
N GLN D 334 7.95 -20.94 58.27
CA GLN D 334 6.56 -20.76 58.65
C GLN D 334 5.84 -19.89 57.61
N PRO D 335 4.60 -20.21 57.25
CA PRO D 335 3.95 -19.50 56.16
C PRO D 335 3.15 -18.29 56.64
N LEU D 336 2.60 -17.57 55.67
CA LEU D 336 1.77 -16.42 55.96
C LEU D 336 0.47 -16.88 56.61
N LYS D 337 -0.38 -15.92 56.96
CA LYS D 337 -1.65 -16.18 57.63
C LYS D 337 -1.40 -16.58 59.09
N ASP D 338 -0.13 -16.71 59.47
CA ASP D 338 0.28 -16.89 60.85
C ASP D 338 1.15 -15.75 61.34
N VAL D 339 2.23 -15.44 60.63
CA VAL D 339 3.03 -14.25 60.91
C VAL D 339 2.45 -13.15 60.02
N MET D 340 1.42 -12.49 60.53
CA MET D 340 0.66 -11.55 59.73
C MET D 340 -0.08 -10.60 60.68
N THR D 341 -0.55 -9.50 60.13
CA THR D 341 -1.10 -8.39 60.90
C THR D 341 -2.57 -8.22 60.52
N THR D 342 -3.43 -9.01 61.17
CA THR D 342 -4.86 -8.90 60.90
C THR D 342 -5.41 -7.60 61.45
N ASP D 343 -5.03 -7.24 62.66
CA ASP D 343 -5.41 -5.96 63.24
C ASP D 343 -4.94 -4.84 62.33
N VAL D 344 -5.89 -3.98 61.94
CA VAL D 344 -5.63 -2.90 60.99
C VAL D 344 -6.77 -1.91 61.13
N GLY D 345 -6.51 -0.65 60.78
CA GLY D 345 -7.54 0.36 60.84
C GLY D 345 -8.42 0.34 59.61
N THR D 346 -9.12 -0.76 59.39
CA THR D 346 -9.94 -0.92 58.20
C THR D 346 -10.95 0.20 58.07
N VAL D 347 -11.36 0.50 56.84
CA VAL D 347 -12.16 1.68 56.53
C VAL D 347 -13.10 1.35 55.38
N SER D 348 -14.16 2.15 55.27
CA SER D 348 -15.18 1.97 54.25
C SER D 348 -15.01 3.00 53.14
N LYS D 349 -15.81 2.86 52.08
CA LYS D 349 -15.48 3.52 50.81
C LYS D 349 -15.62 5.05 50.89
N GLU D 350 -16.77 5.58 51.30
CA GLU D 350 -16.86 7.05 51.43
C GLU D 350 -17.56 7.34 52.74
N MET D 351 -17.08 6.75 53.84
CA MET D 351 -17.86 6.81 55.06
C MET D 351 -17.05 7.22 56.27
N LEU D 352 -15.73 7.26 56.14
CA LEU D 352 -14.82 7.72 57.18
C LEU D 352 -13.88 8.80 56.67
N VAL D 353 -14.44 9.78 55.95
CA VAL D 353 -13.67 10.83 55.30
C VAL D 353 -12.58 11.43 56.18
N ARG D 354 -12.99 11.91 57.36
CA ARG D 354 -12.02 12.66 58.22
C ARG D 354 -12.03 12.18 59.67
N ASP D 355 -13.10 11.54 60.16
CA ASP D 355 -13.01 11.02 61.51
C ASP D 355 -11.74 10.18 61.71
N ILE D 356 -11.11 9.75 60.60
CA ILE D 356 -9.94 8.90 60.68
C ILE D 356 -8.67 9.65 60.99
N LEU D 357 -8.71 10.97 61.08
CA LEU D 357 -7.49 11.77 61.27
C LEU D 357 -6.61 11.21 62.38
N PRO D 358 -7.17 10.80 63.53
CA PRO D 358 -6.31 10.37 64.64
C PRO D 358 -5.53 9.10 64.34
N ILE D 359 -6.25 8.06 63.91
CA ILE D 359 -5.81 6.69 63.70
C ILE D 359 -4.75 6.63 62.61
N ILE D 360 -4.80 7.55 61.65
CA ILE D 360 -3.89 7.47 60.52
C ILE D 360 -2.49 7.79 61.01
N TYR D 361 -2.40 8.63 62.05
CA TYR D 361 -1.14 9.03 62.68
C TYR D 361 -0.44 7.89 63.41
N ASP D 362 -1.14 7.08 64.21
CA ASP D 362 -0.45 6.05 64.97
C ASP D 362 0.15 5.04 64.02
N ALA D 363 -0.62 4.61 63.03
CA ALA D 363 -0.24 3.48 62.20
C ALA D 363 0.62 3.93 61.03
N PRO D 364 1.89 3.50 60.95
CA PRO D 364 2.69 3.87 59.78
C PRO D 364 2.10 3.36 58.49
N THR D 365 1.51 2.17 58.51
CA THR D 365 0.90 1.61 57.32
C THR D 365 -0.42 2.33 57.02
N PRO D 366 -0.88 2.26 55.78
CA PRO D 366 -2.14 2.90 55.44
C PRO D 366 -3.36 2.17 55.97
N LEU D 367 -4.53 2.64 55.59
CA LEU D 367 -5.80 2.14 56.11
C LEU D 367 -6.63 1.70 54.91
N ALA D 368 -6.66 0.40 54.66
CA ALA D 368 -7.35 -0.13 53.50
C ALA D 368 -8.82 0.26 53.55
N VAL D 369 -9.33 0.73 52.41
CA VAL D 369 -10.77 1.05 52.29
C VAL D 369 -11.44 -0.23 51.88
N VAL D 370 -11.71 -1.09 52.86
CA VAL D 370 -12.31 -2.39 52.61
C VAL D 370 -13.81 -2.20 52.42
N ASP D 371 -14.35 -2.80 51.36
CA ASP D 371 -15.79 -2.81 51.15
C ASP D 371 -16.46 -3.45 52.37
N ASP D 372 -17.69 -3.05 52.67
CA ASP D 372 -18.35 -3.56 53.86
C ASP D 372 -18.50 -5.08 53.83
N ASN D 373 -18.42 -5.67 52.65
CA ASN D 373 -18.56 -7.11 52.47
C ASN D 373 -17.22 -7.84 52.51
N GLY D 374 -16.14 -7.15 52.87
CA GLY D 374 -14.82 -7.73 52.97
C GLY D 374 -13.92 -7.44 51.80
N PHE D 375 -14.47 -6.99 50.68
CA PHE D 375 -13.66 -6.69 49.51
C PHE D 375 -12.84 -5.43 49.74
N LEU D 376 -11.78 -5.29 48.95
CA LEU D 376 -10.83 -4.20 49.06
C LEU D 376 -10.79 -3.43 47.75
N LYS D 377 -10.72 -2.10 47.84
CA LYS D 377 -10.65 -1.23 46.68
C LYS D 377 -9.35 -0.44 46.63
N GLY D 378 -8.86 0.03 47.76
CA GLY D 378 -7.65 0.83 47.76
C GLY D 378 -7.13 1.04 49.17
N VAL D 379 -6.20 1.98 49.29
CA VAL D 379 -5.61 2.32 50.58
C VAL D 379 -5.48 3.83 50.68
N LEU D 380 -4.95 4.31 51.81
CA LEU D 380 -4.82 5.74 52.07
C LEU D 380 -3.50 5.98 52.79
N ILE D 381 -2.62 6.77 52.17
CA ILE D 381 -1.26 6.99 52.67
C ILE D 381 -1.03 8.48 52.75
N ARG D 382 -1.40 9.09 53.89
CA ARG D 382 -1.15 10.50 54.15
C ARG D 382 -1.62 11.40 53.02
N GLY D 383 -2.50 10.90 52.15
CA GLY D 383 -3.29 11.78 51.30
C GLY D 383 -4.45 12.39 52.01
N SER D 384 -4.78 11.85 53.19
CA SER D 384 -5.84 12.41 54.03
C SER D 384 -5.39 13.70 54.69
N VAL D 385 -4.10 13.81 55.00
CA VAL D 385 -3.61 15.03 55.64
C VAL D 385 -3.69 16.20 54.66
N LEU D 386 -3.66 15.90 53.36
CA LEU D 386 -3.73 16.95 52.36
C LEU D 386 -5.05 17.70 52.41
N GLU D 387 -6.17 16.99 52.27
CA GLU D 387 -7.47 17.67 52.25
C GLU D 387 -8.14 17.76 53.61
N ALA D 388 -7.59 17.13 54.64
CA ALA D 388 -8.05 17.44 55.98
C ALA D 388 -7.74 18.88 56.36
N LEU D 389 -6.60 19.38 55.87
CA LEU D 389 -6.19 20.75 56.13
C LEU D 389 -6.56 21.71 55.00
N ALA D 390 -7.15 21.21 53.90
CA ALA D 390 -7.62 22.12 52.87
C ALA D 390 -8.67 23.07 53.42
N ASP D 391 -9.40 22.65 54.44
CA ASP D 391 -10.33 23.53 55.16
C ASP D 391 -9.62 24.78 55.64
N BET E . -4.52 -4.00 -52.28
CA BET E . -3.63 -4.35 -51.11
C BET E . -3.17 -5.78 -51.01
O BET E . -2.50 -6.27 -51.91
OXT BET E . -3.55 -6.37 -50.01
C1 BET E . -3.69 -3.80 -53.49
C2 BET E . -5.26 -2.74 -51.95
C3 BET E . -5.53 -5.08 -52.52
PG ANP F . 4.13 -14.36 22.04
O1G ANP F . 3.60 -14.82 23.36
O2G ANP F . 3.01 -14.36 21.03
O3G ANP F . 4.64 -12.95 22.18
PB ANP F . 6.11 -15.21 20.09
O1B ANP F . 5.22 -15.54 18.92
O2B ANP F . 6.94 -13.95 20.03
N3B ANP F . 5.33 -15.35 21.52
PA ANP F . 7.06 -17.87 20.76
O1A ANP F . 7.48 -17.81 22.19
O2A ANP F . 5.72 -18.44 20.44
O3A ANP F . 7.17 -16.40 20.14
O5' ANP F . 8.19 -18.63 19.90
C5' ANP F . 7.89 -19.10 18.56
C4' ANP F . 8.73 -20.32 18.27
O4' ANP F . 7.89 -21.30 17.60
C3' ANP F . 9.93 -20.11 17.34
O3' ANP F . 11.11 -19.83 18.07
C2' ANP F . 10.05 -21.47 16.65
O2' ANP F . 10.76 -22.42 17.41
C1' ANP F . 8.58 -21.85 16.48
N9 ANP F . 8.01 -21.31 15.23
C8 ANP F . 8.65 -21.29 14.02
N7 ANP F . 7.93 -20.76 13.06
C5 ANP F . 6.74 -20.42 13.69
C6 ANP F . 5.56 -19.81 13.20
N6 ANP F . 5.39 -19.44 11.93
N1 ANP F . 4.55 -19.61 14.09
C2 ANP F . 4.74 -19.98 15.36
N3 ANP F . 5.79 -20.56 15.93
C4 ANP F . 6.77 -20.75 15.02
PG ANP G . 1.10 17.43 19.61
O1G ANP G . 1.90 18.09 20.69
O2G ANP G . 1.99 17.21 18.41
O3G ANP G . 0.66 16.07 20.09
PB ANP G . -1.26 17.97 18.01
O1B ANP G . -0.65 18.09 16.64
O2B ANP G . -2.06 16.75 18.34
N3B ANP G . -0.18 18.33 19.19
PA ANP G . -2.07 20.74 18.42
O1A ANP G . -2.17 20.92 19.89
O2A ANP G . -0.83 21.21 17.72
O3A ANP G . -2.30 19.19 18.10
O5' ANP G . -3.36 21.37 17.71
C5' ANP G . -3.38 21.58 16.28
C4' ANP G . -4.28 22.74 15.95
O4' ANP G . -3.65 23.57 14.95
C3' ANP G . -5.65 22.38 15.37
O3' ANP G . -6.64 22.23 16.39
C2' ANP G . -5.97 23.62 14.52
O2' ANP G . -6.51 24.68 15.27
C1' ANP G . -4.58 23.96 13.96
N9 ANP G . -4.31 23.25 12.70
C8 ANP G . -5.21 23.11 11.68
N7 ANP G . -4.73 22.44 10.65
C5 ANP G . -3.44 22.11 11.04
C6 ANP G . -2.42 21.39 10.39
N6 ANP G . -2.54 20.86 9.18
N1 ANP G . -1.25 21.25 11.04
C2 ANP G . -1.12 21.78 12.27
N3 ANP G . -2.02 22.47 12.97
C4 ANP G . -3.17 22.60 12.29
P 2BA H . 4.69 6.42 53.34
O1P 2BA H . 4.16 7.28 52.24
O2P 2BA H . 4.27 6.37 54.77
O5' 2BA H . 4.60 4.86 52.79
C5' 2BA H . 3.39 4.22 52.76
C4' 2BA H . 3.65 2.76 53.11
O4' 2BA H . 2.49 2.03 52.73
C3' 2BA H . 4.84 2.19 52.33
O3' 2BA H . 5.87 1.97 53.19
C2' 2BA H . 4.34 0.86 51.75
O2' 2BA H . 5.00 -0.16 52.38
C1' 2BA H . 2.84 0.83 52.14
N9 2BA H . 2.02 0.73 50.93
C8 2BA H . 1.03 -0.23 50.61
N7 2BA H . 0.48 -0.01 49.40
C5 2BA H . 1.13 1.13 48.94
C6 2BA H . 0.99 1.87 47.74
N6 2BA H . 0.09 1.47 46.81
N1 2BA H . 1.78 2.98 47.52
C2 2BA H . 2.66 3.31 48.52
N3 2BA H . 2.89 2.70 49.70
C4 2BA H . 2.09 1.60 49.88
P1 2BA H . 7.47 2.10 52.75
O1P1 2BA H . 7.52 1.60 51.33
O2P1 2BA H . 8.32 1.71 53.90
O5'1 2BA H . 7.56 3.75 52.67
C5'1 2BA H . 8.77 4.36 52.64
C4'1 2BA H . 8.52 5.87 52.79
O4'1 2BA H . 9.52 6.54 52.02
C3'1 2BA H . 7.13 6.30 52.25
O3'1 2BA H . 6.35 6.65 53.30
C2'1 2BA H . 7.44 7.52 51.37
O2'1 2BA H . 7.27 8.65 52.13
C1'1 2BA H . 8.94 7.34 51.04
N91 2BA H . 9.12 6.62 49.79
C81 2BA H . 8.54 5.39 49.40
N71 2BA H . 8.94 5.02 48.16
C51 2BA H . 9.79 6.05 47.75
C61 2BA H . 10.52 6.25 46.57
N61 2BA H . 10.46 5.33 45.56
N11 2BA H . 11.30 7.37 46.42
C21 2BA H . 11.30 8.24 47.47
N31 2BA H . 10.67 8.18 48.65
C41 2BA H . 9.91 7.04 48.76
#